data_7P1R
#
_entry.id   7P1R
#
_cell.length_a   48.910
_cell.length_b   179.490
_cell.length_c   98.070
_cell.angle_alpha   90.000
_cell.angle_beta   103.890
_cell.angle_gamma   90.000
#
_symmetry.space_group_name_H-M   'P 1 21 1'
#
loop_
_entity.id
_entity.type
_entity.pdbx_description
1 polymer 'Extracellular sialidase/neuraminidase'
2 non-polymer 'PHOSPHATE ION'
3 non-polymer 'SODIUM ION'
4 non-polymer '3-deoxy-3-fluoro-D-erythro-alpha-L-manno-non-2-ulopyranosonic acid'
5 water water
#
_entity_poly.entity_id   1
_entity_poly.type   'polypeptide(L)'
_entity_poly.pdbx_seq_one_letter_code
;RVDDPAGKAAQYHKEYALFRSANMPSPDKLATGVGFHSFRIPAVVRTNTGRILAFAEGRRHNNRDYGDINLVYKRTKSPT
NNGENPTDWESLREVVGTGPHTWGNPTPVVDGNTIYLFLSMNDGAYSQNGGNTLPDGTKTKKIDSTWVGRRHLYLTTSTD
DGDTWTKPVDMTKTLTPDGQAWDAVGPGNGIKLSTGELVIPAQGRNIIGRGPSGNRTWSMQILKGAGSEGTICQTPDGKL
MRNDRPGPMGHRSVARGTLAGLGPFATDNGLPDPACQGSILSYNSDEPARTIFMNSASTDRRTAMRVRISYDKDAAKFNF
GRELKDAPLGNVGNEGGYSSMTKTSDYKIGALVESDWYEDKGGEKSHRCIIWRRFNLSWIINGPNN
;
_entity_poly.pdbx_strand_id   A,B,C,D
#
loop_
_chem_comp.id
_chem_comp.type
_chem_comp.name
_chem_comp.formula
FKD L-saccharide, alpha linking '3-deoxy-3-fluoro-D-erythro-alpha-L-manno-non-2-ulopyranosonic acid' 'C9 H15 F O9'
NA non-polymer 'SODIUM ION' 'Na 1'
PO4 non-polymer 'PHOSPHATE ION' 'O4 P -3'
#
# COMPACT_ATOMS: atom_id res chain seq x y z
N ASP A 4 -30.85 18.68 2.52
CA ASP A 4 -29.62 18.29 3.27
C ASP A 4 -29.01 17.06 2.63
N PRO A 5 -27.80 17.19 2.09
CA PRO A 5 -27.21 16.04 1.40
C PRO A 5 -26.96 14.82 2.27
N ALA A 6 -26.79 15.02 3.59
CA ALA A 6 -26.59 13.87 4.48
C ALA A 6 -27.82 12.97 4.56
N GLY A 7 -28.99 13.52 4.25
CA GLY A 7 -30.26 12.77 4.25
C GLY A 7 -30.41 11.76 3.12
N LYS A 8 -29.49 11.77 2.16
CA LYS A 8 -29.49 10.78 1.05
C LYS A 8 -28.89 9.45 1.49
N ALA A 9 -28.04 9.48 2.52
CA ALA A 9 -27.37 8.27 2.98
C ALA A 9 -28.36 7.31 3.60
N ALA A 10 -27.94 6.06 3.66
CA ALA A 10 -28.67 5.04 4.37
C ALA A 10 -28.75 5.46 5.84
N GLN A 11 -29.93 5.29 6.43
CA GLN A 11 -30.16 5.54 7.85
C GLN A 11 -29.31 4.59 8.66
N TYR A 12 -28.72 5.08 9.76
CA TYR A 12 -27.96 4.23 10.66
C TYR A 12 -28.39 4.55 12.08
N HIS A 13 -28.70 3.51 12.85
CA HIS A 13 -28.90 3.67 14.28
C HIS A 13 -28.49 2.40 14.97
N LYS A 14 -27.97 2.55 16.19
CA LYS A 14 -27.59 1.42 17.01
C LYS A 14 -27.64 1.86 18.46
N GLU A 15 -28.12 0.98 19.33
CA GLU A 15 -28.38 1.38 20.71
C GLU A 15 -28.28 0.20 21.67
N TYR A 16 -27.70 0.45 22.85
CA TYR A 16 -27.61 -0.55 23.90
C TYR A 16 -27.31 0.16 25.24
N ALA A 17 -27.60 -0.52 26.34
CA ALA A 17 -27.25 0.00 27.66
C ALA A 17 -25.75 0.09 27.86
N LEU A 18 -25.27 1.23 28.37
CA LEU A 18 -23.85 1.39 28.60
C LEU A 18 -23.53 1.44 30.11
N PHE A 19 -24.41 1.99 30.92
CA PHE A 19 -24.30 1.95 32.37
C PHE A 19 -25.45 1.13 32.91
N ARG A 20 -25.09 -0.04 33.42
CA ARG A 20 -26.06 -1.08 33.78
C ARG A 20 -26.25 -1.09 35.29
N SER A 21 -27.47 -0.74 35.72
CA SER A 21 -27.83 -0.71 37.12
C SER A 21 -27.76 -2.07 37.81
N ALA A 22 -27.74 -2.03 39.13
CA ALA A 22 -27.46 -3.20 39.96
C ALA A 22 -28.43 -4.38 39.72
N ASN A 23 -29.64 -4.05 39.28
CA ASN A 23 -30.71 -5.04 39.06
C ASN A 23 -30.57 -5.74 37.71
N MET A 24 -29.68 -5.24 36.86
CA MET A 24 -29.50 -5.78 35.51
C MET A 24 -28.41 -6.86 35.47
N PRO A 25 -28.52 -7.78 34.50
CA PRO A 25 -27.43 -8.72 34.28
C PRO A 25 -26.12 -7.98 33.98
N SER A 26 -25.01 -8.53 34.44
CA SER A 26 -23.69 -7.89 34.23
C SER A 26 -23.75 -6.41 34.66
N PRO A 27 -24.15 -6.17 35.93
CA PRO A 27 -24.23 -4.76 36.36
C PRO A 27 -22.85 -4.14 36.43
N ASP A 28 -22.80 -2.82 36.22
CA ASP A 28 -21.52 -2.14 36.23
C ASP A 28 -21.02 -1.90 37.66
N LYS A 29 -19.80 -2.35 37.92
CA LYS A 29 -19.15 -2.16 39.21
C LYS A 29 -17.73 -1.70 38.99
N LEU A 30 -17.17 -1.06 40.00
CA LEU A 30 -15.76 -0.70 40.01
C LEU A 30 -14.93 -1.94 40.33
N ALA A 31 -13.65 -1.85 40.02
CA ALA A 31 -12.72 -2.97 40.23
C ALA A 31 -12.59 -3.32 41.73
N THR A 32 -12.87 -2.36 42.60
CA THR A 32 -12.93 -2.59 44.05
C THR A 32 -14.12 -3.48 44.51
N GLY A 33 -15.08 -3.72 43.61
CA GLY A 33 -16.29 -4.44 43.98
C GLY A 33 -17.49 -3.57 44.33
N VAL A 34 -17.27 -2.26 44.35
CA VAL A 34 -18.33 -1.29 44.60
C VAL A 34 -19.27 -1.22 43.42
N GLY A 35 -20.53 -1.54 43.66
CA GLY A 35 -21.55 -1.44 42.66
C GLY A 35 -22.48 -0.28 42.93
N PHE A 36 -23.42 -0.07 42.01
CA PHE A 36 -24.28 1.09 42.06
C PHE A 36 -25.73 0.71 41.78
N HIS A 37 -26.60 1.12 42.68
CA HIS A 37 -28.05 1.00 42.49
C HIS A 37 -28.50 1.56 41.14
N SER A 38 -28.09 2.79 40.86
CA SER A 38 -28.53 3.53 39.71
C SER A 38 -27.37 4.33 39.09
N PHE A 39 -27.44 4.55 37.78
CA PHE A 39 -26.58 5.52 37.13
C PHE A 39 -27.48 6.59 36.52
N ARG A 40 -27.10 7.85 36.75
CA ARG A 40 -27.85 8.99 36.26
C ARG A 40 -26.87 10.06 35.82
N ILE A 41 -27.40 11.09 35.13
CA ILE A 41 -26.67 12.33 34.86
C ILE A 41 -25.50 12.10 33.93
N PRO A 42 -25.79 11.71 32.67
CA PRO A 42 -24.76 11.45 31.71
C PRO A 42 -24.03 12.67 31.18
N ALA A 43 -22.83 12.44 30.74
CA ALA A 43 -22.04 13.40 30.01
C ALA A 43 -21.12 12.65 29.06
N VAL A 44 -21.02 13.09 27.82
CA VAL A 44 -20.15 12.41 26.86
C VAL A 44 -19.35 13.39 25.99
N VAL A 45 -18.10 13.04 25.75
CA VAL A 45 -17.23 13.79 24.82
C VAL A 45 -16.34 12.88 24.01
N ARG A 46 -16.11 13.27 22.77
CA ARG A 46 -15.04 12.69 21.96
C ARG A 46 -13.78 13.49 22.13
N THR A 47 -12.69 12.80 22.45
CA THR A 47 -11.39 13.44 22.65
C THR A 47 -10.76 13.62 21.28
N ASN A 48 -9.64 14.34 21.24
CA ASN A 48 -8.99 14.60 19.95
C ASN A 48 -8.26 13.39 19.39
N THR A 49 -8.16 12.31 20.15
CA THR A 49 -7.74 11.02 19.56
C THR A 49 -8.85 10.27 18.85
N GLY A 50 -10.11 10.60 19.16
CA GLY A 50 -11.26 9.83 18.70
C GLY A 50 -11.88 8.95 19.80
N ARG A 51 -11.16 8.81 20.90
CA ARG A 51 -11.66 8.05 22.04
C ARG A 51 -12.91 8.75 22.57
N ILE A 52 -13.87 7.97 23.03
CA ILE A 52 -15.08 8.55 23.63
C ILE A 52 -14.97 8.35 25.15
N LEU A 53 -15.26 9.42 25.89
CA LEU A 53 -15.32 9.39 27.34
C LEU A 53 -16.77 9.58 27.74
N ALA A 54 -17.33 8.59 28.44
CA ALA A 54 -18.69 8.68 28.98
C ALA A 54 -18.67 8.75 30.50
N PHE A 55 -19.31 9.79 31.06
CA PHE A 55 -19.34 10.02 32.50
C PHE A 55 -20.80 9.85 33.01
N ALA A 56 -20.93 9.52 34.28
CA ALA A 56 -22.22 9.45 34.96
C ALA A 56 -22.05 9.56 36.46
N GLU A 57 -23.16 9.83 37.14
CA GLU A 57 -23.21 9.68 38.58
C GLU A 57 -23.53 8.22 38.88
N GLY A 58 -22.63 7.57 39.62
CA GLY A 58 -22.90 6.25 40.20
C GLY A 58 -23.57 6.46 41.53
N ARG A 59 -24.90 6.25 41.56
CA ARG A 59 -25.64 6.49 42.76
C ARG A 59 -25.73 5.20 43.54
N ARG A 60 -25.05 5.13 44.66
CA ARG A 60 -24.70 3.84 45.27
C ARG A 60 -25.89 3.05 45.78
N HIS A 61 -26.75 3.71 46.56
CA HIS A 61 -27.73 2.99 47.38
C HIS A 61 -29.17 3.12 46.93
N ASN A 62 -29.45 4.13 46.13
CA ASN A 62 -30.78 4.40 45.63
C ASN A 62 -30.66 5.42 44.51
N ASN A 63 -31.77 5.88 43.95
CA ASN A 63 -31.70 6.79 42.78
C ASN A 63 -31.64 8.30 43.13
N ARG A 64 -31.54 8.64 44.40
CA ARG A 64 -31.67 10.04 44.86
C ARG A 64 -30.40 10.86 44.48
N ASP A 65 -30.56 12.17 44.43
CA ASP A 65 -29.50 13.07 43.98
C ASP A 65 -28.51 13.45 45.08
N TYR A 66 -28.78 13.00 46.31
CA TYR A 66 -27.95 13.26 47.47
C TYR A 66 -27.44 11.93 48.00
N GLY A 67 -26.63 11.95 49.03
CA GLY A 67 -26.04 10.73 49.49
C GLY A 67 -24.72 10.42 48.82
N ASP A 68 -24.31 9.17 48.97
CA ASP A 68 -23.03 8.67 48.52
C ASP A 68 -23.13 8.41 47.03
N ILE A 69 -22.57 9.34 46.27
CA ILE A 69 -22.65 9.32 44.81
C ILE A 69 -21.22 9.53 44.29
N ASN A 70 -20.78 8.62 43.43
CA ASN A 70 -19.43 8.68 42.89
C ASN A 70 -19.49 9.07 41.42
N LEU A 71 -18.55 9.93 40.99
CA LEU A 71 -18.50 10.30 39.59
C LEU A 71 -17.69 9.22 38.88
N VAL A 72 -18.35 8.49 37.98
CA VAL A 72 -17.75 7.33 37.33
C VAL A 72 -17.71 7.56 35.83
N TYR A 73 -16.94 6.72 35.14
CA TYR A 73 -16.84 6.80 33.69
C TYR A 73 -16.43 5.52 33.02
N LYS A 74 -16.61 5.51 31.71
CA LYS A 74 -16.05 4.50 30.83
C LYS A 74 -15.42 5.18 29.64
N ARG A 75 -14.42 4.53 29.05
CA ARG A 75 -13.83 5.01 27.80
C ARG A 75 -14.01 3.93 26.75
N THR A 76 -14.08 4.32 25.48
CA THR A 76 -13.88 3.31 24.45
C THR A 76 -12.46 2.73 24.58
N LYS A 77 -12.34 1.43 24.30
CA LYS A 77 -11.10 0.68 24.51
C LYS A 77 -9.96 1.21 23.62
N SER A 78 -10.32 1.65 22.41
CA SER A 78 -9.37 2.27 21.53
C SER A 78 -9.91 3.64 21.09
N PRO A 79 -9.02 4.47 20.53
CA PRO A 79 -9.43 5.75 19.96
C PRO A 79 -10.22 5.63 18.68
N THR A 80 -10.22 4.46 18.03
CA THR A 80 -10.78 4.31 16.70
C THR A 80 -12.09 3.54 16.61
N ASN A 81 -12.54 2.89 17.71
CA ASN A 81 -13.72 2.02 17.60
C ASN A 81 -15.06 2.71 17.63
N ASN A 82 -15.07 3.99 17.99
CA ASN A 82 -16.29 4.82 17.94
C ASN A 82 -17.47 4.31 18.78
N GLY A 83 -17.20 3.45 19.74
CA GLY A 83 -18.26 2.93 20.62
C GLY A 83 -19.32 2.18 19.86
N GLU A 84 -18.91 1.47 18.83
CA GLU A 84 -19.88 0.81 17.97
C GLU A 84 -20.65 -0.31 18.67
N ASN A 85 -19.94 -1.15 19.41
CA ASN A 85 -20.53 -2.32 20.06
C ASN A 85 -20.24 -2.31 21.56
N PRO A 86 -21.05 -3.01 22.34
CA PRO A 86 -20.81 -3.07 23.81
C PRO A 86 -19.38 -3.45 24.23
N THR A 87 -18.80 -4.42 23.53
CA THR A 87 -17.43 -4.83 23.78
C THR A 87 -16.36 -3.80 23.36
N ASP A 88 -16.76 -2.71 22.73
CA ASP A 88 -15.82 -1.61 22.42
C ASP A 88 -15.53 -0.69 23.62
N TRP A 89 -16.20 -0.94 24.74
CA TRP A 89 -16.05 -0.08 25.90
C TRP A 89 -15.32 -0.76 27.03
N GLU A 90 -14.46 0.00 27.68
CA GLU A 90 -13.78 -0.41 28.90
C GLU A 90 -14.78 -0.61 30.03
N SER A 91 -14.35 -1.37 31.03
CA SER A 91 -15.16 -1.52 32.23
C SER A 91 -15.14 -0.22 33.06
N LEU A 92 -16.09 -0.15 33.97
CA LEU A 92 -16.34 1.06 34.76
C LEU A 92 -15.12 1.50 35.58
N ARG A 93 -14.86 2.80 35.55
CA ARG A 93 -13.83 3.40 36.34
C ARG A 93 -14.38 4.59 37.12
N GLU A 94 -13.57 5.12 38.03
CA GLU A 94 -14.01 6.24 38.88
C GLU A 94 -13.17 7.49 38.68
N VAL A 95 -13.83 8.64 38.52
CA VAL A 95 -13.12 9.91 38.56
C VAL A 95 -12.85 10.31 40.02
N VAL A 96 -13.93 10.44 40.79
CA VAL A 96 -13.84 10.78 42.21
C VAL A 96 -15.01 10.15 42.95
N GLY A 97 -14.73 9.62 44.14
CA GLY A 97 -15.74 8.95 44.96
C GLY A 97 -15.44 9.08 46.44
N THR A 98 -14.60 10.06 46.78
CA THR A 98 -14.11 10.15 48.17
C THR A 98 -15.25 10.46 49.16
N GLY A 99 -15.26 9.68 50.23
CA GLY A 99 -16.21 9.90 51.30
C GLY A 99 -17.62 9.50 51.00
N PRO A 100 -18.56 9.89 51.88
CA PRO A 100 -19.98 9.60 51.72
C PRO A 100 -20.69 10.71 50.94
N HIS A 101 -19.92 11.55 50.25
CA HIS A 101 -20.39 12.81 49.71
C HIS A 101 -21.01 12.58 48.34
N THR A 102 -21.70 13.61 47.86
CA THR A 102 -22.22 13.62 46.48
C THR A 102 -21.19 14.25 45.56
N TRP A 103 -20.71 13.49 44.55
CA TRP A 103 -19.87 14.03 43.50
C TRP A 103 -20.64 13.80 42.19
N GLY A 104 -20.91 14.86 41.46
CA GLY A 104 -21.73 14.72 40.27
C GLY A 104 -21.76 15.88 39.31
N ASN A 105 -22.87 15.99 38.57
CA ASN A 105 -23.00 17.01 37.54
C ASN A 105 -21.82 17.03 36.58
N PRO A 106 -21.47 15.86 36.01
CA PRO A 106 -20.30 15.91 35.11
C PRO A 106 -20.51 16.86 33.94
N THR A 107 -19.55 17.76 33.74
CA THR A 107 -19.61 18.76 32.69
C THR A 107 -18.23 18.90 32.03
N PRO A 108 -17.93 17.99 31.08
CA PRO A 108 -16.62 18.01 30.46
C PRO A 108 -16.52 18.92 29.27
N VAL A 109 -15.28 19.32 28.96
CA VAL A 109 -14.94 19.97 27.72
C VAL A 109 -13.54 19.56 27.29
N VAL A 110 -13.41 19.27 26.01
CA VAL A 110 -12.15 18.91 25.42
C VAL A 110 -11.39 20.18 24.94
N ASP A 111 -10.11 20.23 25.27
CA ASP A 111 -9.30 21.40 24.96
C ASP A 111 -7.92 20.87 24.49
N GLY A 112 -7.83 20.60 23.20
CA GLY A 112 -6.65 19.97 22.64
C GLY A 112 -6.39 18.62 23.28
N ASN A 113 -5.25 18.51 23.98
CA ASN A 113 -4.85 17.27 24.63
C ASN A 113 -5.19 17.25 26.12
N THR A 114 -5.97 18.23 26.58
CA THR A 114 -6.50 18.21 27.93
C THR A 114 -8.00 18.06 27.89
N ILE A 115 -8.52 17.17 28.74
CA ILE A 115 -9.97 17.14 28.99
C ILE A 115 -10.21 17.75 30.36
N TYR A 116 -10.96 18.85 30.42
CA TYR A 116 -11.39 19.45 31.66
C TYR A 116 -12.75 18.87 32.06
N LEU A 117 -12.91 18.51 33.32
CA LEU A 117 -14.20 17.99 33.81
C LEU A 117 -14.62 18.80 35.02
N PHE A 118 -15.62 19.65 34.84
CA PHE A 118 -16.22 20.36 35.93
C PHE A 118 -17.25 19.44 36.58
N LEU A 119 -17.41 19.61 37.87
CA LEU A 119 -18.39 18.83 38.61
C LEU A 119 -18.90 19.57 39.84
N SER A 120 -20.07 19.16 40.32
CA SER A 120 -20.65 19.71 41.53
C SER A 120 -20.44 18.73 42.66
N MET A 121 -20.45 19.26 43.89
CA MET A 121 -20.23 18.42 45.04
C MET A 121 -21.04 18.95 46.20
N ASN A 122 -21.61 18.06 47.01
CA ASN A 122 -22.04 18.49 48.35
C ASN A 122 -21.66 17.47 49.39
N ASP A 123 -21.51 17.95 50.61
CA ASP A 123 -21.27 17.09 51.76
C ASP A 123 -22.37 16.09 51.87
N GLY A 124 -22.00 14.87 52.26
CA GLY A 124 -22.92 13.74 52.35
C GLY A 124 -24.08 13.90 53.33
N ALA A 125 -23.98 14.87 54.22
CA ALA A 125 -25.01 15.09 55.23
C ALA A 125 -26.07 16.07 54.78
N TYR A 126 -25.98 16.56 53.53
CA TYR A 126 -26.87 17.62 53.06
C TYR A 126 -27.58 17.22 51.78
N SER A 127 -28.79 17.72 51.61
CA SER A 127 -29.53 17.57 50.35
C SER A 127 -30.23 18.87 49.98
N GLN A 128 -30.65 18.95 48.72
CA GLN A 128 -31.26 20.17 48.21
C GLN A 128 -32.44 20.62 49.08
N ASN A 129 -33.30 19.69 49.47
CA ASN A 129 -34.50 20.04 50.24
C ASN A 129 -34.28 19.94 51.73
N GLY A 130 -33.29 19.16 52.15
CA GLY A 130 -33.18 18.77 53.55
C GLY A 130 -34.26 17.80 54.01
N GLY A 131 -34.06 17.21 55.17
CA GLY A 131 -35.05 16.32 55.76
C GLY A 131 -35.15 14.96 55.12
N ASN A 132 -34.18 14.58 54.29
CA ASN A 132 -34.27 13.31 53.56
C ASN A 132 -33.56 12.23 54.37
N THR A 133 -34.06 11.01 54.35
CA THR A 133 -33.48 9.92 55.14
C THR A 133 -32.40 9.21 54.36
N LEU A 134 -31.21 9.15 54.95
CA LEU A 134 -30.09 8.44 54.38
C LEU A 134 -30.14 6.96 54.75
N PRO A 135 -29.31 6.15 54.08
CA PRO A 135 -29.32 4.71 54.39
C PRO A 135 -29.02 4.35 55.84
N ASP A 136 -28.27 5.17 56.54
CA ASP A 136 -28.01 4.88 57.97
C ASP A 136 -29.12 5.38 58.89
N GLY A 137 -30.20 5.91 58.33
CA GLY A 137 -31.33 6.42 59.15
C GLY A 137 -31.23 7.89 59.52
N THR A 138 -30.10 8.53 59.25
CA THR A 138 -29.91 9.94 59.57
C THR A 138 -30.68 10.81 58.59
N LYS A 139 -31.05 12.02 59.02
CA LYS A 139 -31.76 12.96 58.15
C LYS A 139 -30.82 14.02 57.63
N THR A 140 -30.92 14.34 56.34
CA THR A 140 -30.06 15.34 55.79
C THR A 140 -30.42 16.74 56.28
N LYS A 141 -29.40 17.60 56.33
CA LYS A 141 -29.65 19.01 56.46
C LYS A 141 -29.88 19.62 55.10
N LYS A 142 -30.61 20.74 55.06
CA LYS A 142 -30.80 21.47 53.81
C LYS A 142 -29.53 22.19 53.43
N ILE A 143 -29.18 22.09 52.15
CA ILE A 143 -28.03 22.78 51.57
C ILE A 143 -28.22 24.26 51.90
N ASP A 144 -27.16 24.89 52.35
CA ASP A 144 -27.19 26.29 52.81
C ASP A 144 -25.97 27.03 52.32
N SER A 145 -25.71 28.24 52.83
CA SER A 145 -24.61 29.05 52.35
C SER A 145 -23.30 28.87 53.10
N THR A 146 -23.28 28.01 54.11
CA THR A 146 -22.04 27.71 54.82
C THR A 146 -21.07 26.95 53.92
N TRP A 147 -19.78 27.04 54.22
CA TRP A 147 -18.78 26.32 53.48
C TRP A 147 -19.06 24.81 53.51
N VAL A 148 -19.33 24.25 54.67
CA VAL A 148 -19.66 22.79 54.77
C VAL A 148 -20.95 22.43 54.04
N GLY A 149 -21.94 23.32 54.07
CA GLY A 149 -23.30 22.97 53.68
C GLY A 149 -23.72 23.43 52.28
N ARG A 150 -22.86 24.17 51.60
CA ARG A 150 -23.16 24.66 50.25
C ARG A 150 -22.77 23.65 49.16
N ARG A 151 -23.27 23.87 47.95
CA ARG A 151 -22.81 23.10 46.81
C ARG A 151 -21.51 23.68 46.33
N HIS A 152 -20.53 22.82 46.11
CA HIS A 152 -19.23 23.22 45.64
C HIS A 152 -19.07 22.95 44.14
N LEU A 153 -18.07 23.59 43.56
CA LEU A 153 -17.69 23.43 42.17
C LEU A 153 -16.26 22.99 42.09
N TYR A 154 -16.02 21.79 41.55
CA TYR A 154 -14.70 21.24 41.40
C TYR A 154 -14.27 21.09 39.97
N LEU A 155 -12.96 21.06 39.76
CA LEU A 155 -12.39 20.86 38.46
C LEU A 155 -11.32 19.77 38.52
N THR A 156 -11.43 18.77 37.64
CA THR A 156 -10.40 17.75 37.47
C THR A 156 -10.00 17.75 36.02
N THR A 157 -8.77 17.32 35.73
CA THR A 157 -8.28 17.32 34.38
C THR A 157 -7.61 15.98 34.05
N SER A 158 -7.64 15.64 32.78
CA SER A 158 -6.87 14.52 32.24
C SER A 158 -6.02 15.01 31.07
N THR A 159 -4.74 14.62 31.11
CA THR A 159 -3.87 14.83 29.96
C THR A 159 -3.43 13.52 29.28
N ASP A 160 -4.08 12.42 29.65
CA ASP A 160 -3.76 11.12 29.04
C ASP A 160 -5.02 10.44 28.47
N ASP A 161 -5.85 11.24 27.81
CA ASP A 161 -6.97 10.75 27.03
C ASP A 161 -7.98 10.07 27.97
N GLY A 162 -8.06 10.61 29.19
CA GLY A 162 -9.05 10.16 30.16
C GLY A 162 -8.62 8.93 30.93
N ASP A 163 -7.39 8.46 30.72
CA ASP A 163 -6.91 7.30 31.47
C ASP A 163 -6.87 7.57 32.98
N THR A 164 -6.36 8.75 33.36
CA THR A 164 -6.29 9.17 34.75
C THR A 164 -6.72 10.64 34.89
N TRP A 165 -7.05 11.00 36.14
CA TRP A 165 -7.65 12.30 36.46
C TRP A 165 -6.92 12.90 37.64
N THR A 166 -6.67 14.20 37.59
CA THR A 166 -6.07 14.88 38.74
C THR A 166 -7.02 14.91 39.90
N LYS A 167 -6.44 15.02 41.11
CA LYS A 167 -7.22 15.19 42.30
C LYS A 167 -8.06 16.45 42.09
N PRO A 168 -9.39 16.35 42.26
CA PRO A 168 -10.23 17.49 41.95
C PRO A 168 -9.89 18.72 42.78
N VAL A 169 -9.90 19.86 42.12
CA VAL A 169 -9.60 21.11 42.77
C VAL A 169 -10.87 21.86 43.03
N ASP A 170 -11.06 22.29 44.27
CA ASP A 170 -12.25 23.01 44.66
C ASP A 170 -12.12 24.46 44.20
N MET A 171 -12.95 24.84 43.23
CA MET A 171 -12.90 26.18 42.68
C MET A 171 -14.05 27.06 43.14
N THR A 172 -14.82 26.60 44.12
CA THR A 172 -15.99 27.30 44.56
C THR A 172 -15.72 28.78 44.89
N LYS A 173 -14.59 29.07 45.53
CA LYS A 173 -14.36 30.44 46.03
C LYS A 173 -14.16 31.47 44.93
N THR A 174 -13.76 31.02 43.74
CA THR A 174 -13.58 31.92 42.60
C THR A 174 -14.60 31.72 41.47
N LEU A 175 -15.22 30.54 41.38
CA LEU A 175 -16.13 30.27 40.25
C LEU A 175 -17.59 30.06 40.65
N THR A 176 -17.90 30.26 41.92
CA THR A 176 -19.28 30.36 42.34
C THR A 176 -19.50 31.65 43.13
N PRO A 177 -20.62 32.33 42.90
CA PRO A 177 -20.83 33.54 43.69
C PRO A 177 -20.83 33.31 45.20
N ASP A 178 -20.21 34.23 45.93
CA ASP A 178 -20.26 34.24 47.39
C ASP A 178 -21.71 34.27 47.85
N GLY A 179 -21.98 33.53 48.93
CA GLY A 179 -23.32 33.50 49.51
C GLY A 179 -24.27 32.48 48.93
N GLN A 180 -23.92 31.88 47.78
CA GLN A 180 -24.82 30.94 47.15
C GLN A 180 -24.87 29.63 47.92
N ALA A 181 -26.04 29.00 47.90
CA ALA A 181 -26.28 27.73 48.57
C ALA A 181 -26.30 26.62 47.51
N TRP A 182 -27.47 26.32 46.94
CA TRP A 182 -27.54 25.33 45.86
C TRP A 182 -26.75 25.83 44.67
N ASP A 183 -26.25 24.90 43.86
CA ASP A 183 -25.53 25.22 42.64
C ASP A 183 -25.52 23.99 41.74
N ALA A 184 -25.26 24.23 40.46
CA ALA A 184 -25.12 23.15 39.45
C ALA A 184 -24.10 23.64 38.44
N VAL A 185 -23.27 22.75 37.93
CA VAL A 185 -22.58 22.95 36.68
C VAL A 185 -23.20 21.98 35.69
N GLY A 186 -23.37 22.42 34.45
CA GLY A 186 -24.07 21.62 33.45
C GLY A 186 -25.38 21.11 34.02
N PRO A 187 -25.61 19.79 34.00
CA PRO A 187 -24.69 18.77 33.55
C PRO A 187 -24.75 18.50 32.06
N GLY A 188 -23.65 17.99 31.51
CA GLY A 188 -23.65 17.61 30.09
C GLY A 188 -22.31 17.90 29.44
N ASN A 189 -22.08 19.15 29.06
CA ASN A 189 -20.80 19.48 28.43
C ASN A 189 -20.59 20.97 28.36
N GLY A 190 -19.34 21.34 28.27
CA GLY A 190 -18.94 22.67 27.82
C GLY A 190 -18.44 22.63 26.39
N ILE A 191 -17.96 23.79 25.91
CA ILE A 191 -17.54 23.92 24.52
C ILE A 191 -16.24 24.70 24.41
N LYS A 192 -15.59 24.52 23.27
CA LYS A 192 -14.47 25.34 22.85
C LYS A 192 -14.94 26.20 21.68
N LEU A 193 -14.76 27.52 21.78
CA LEU A 193 -15.20 28.43 20.72
C LEU A 193 -14.24 28.44 19.56
N SER A 194 -14.70 28.93 18.44
CA SER A 194 -13.89 29.06 17.24
C SER A 194 -12.65 29.91 17.54
N THR A 195 -12.82 30.88 18.46
CA THR A 195 -11.74 31.77 18.92
C THR A 195 -10.90 31.19 20.08
N GLY A 196 -11.22 29.97 20.54
CA GLY A 196 -10.34 29.22 21.43
C GLY A 196 -10.66 29.26 22.90
N GLU A 197 -11.62 30.11 23.30
CA GLU A 197 -12.02 30.17 24.71
C GLU A 197 -12.86 28.93 25.03
N LEU A 198 -12.90 28.56 26.29
CA LEU A 198 -13.77 27.49 26.74
C LEU A 198 -14.96 28.11 27.45
N VAL A 199 -16.17 27.55 27.24
CA VAL A 199 -17.33 28.02 27.93
C VAL A 199 -18.07 26.82 28.54
N ILE A 200 -18.26 26.89 29.86
CA ILE A 200 -18.94 25.89 30.65
C ILE A 200 -20.23 26.51 31.17
N PRO A 201 -21.40 25.87 30.92
CA PRO A 201 -22.64 26.35 31.49
C PRO A 201 -22.79 25.96 32.94
N ALA A 202 -23.26 26.90 33.75
CA ALA A 202 -23.56 26.66 35.18
C ALA A 202 -24.81 27.42 35.60
N GLN A 203 -25.25 27.20 36.82
CA GLN A 203 -26.42 27.88 37.36
C GLN A 203 -26.16 29.39 37.39
N GLY A 204 -27.00 30.14 36.71
CA GLY A 204 -26.97 31.60 36.76
C GLY A 204 -25.74 32.25 36.12
N ARG A 205 -24.92 31.48 35.41
CA ARG A 205 -23.67 31.97 34.90
C ARG A 205 -22.99 31.06 33.92
N ASN A 206 -22.09 31.61 33.13
CA ASN A 206 -21.12 30.81 32.39
C ASN A 206 -19.78 30.84 33.11
N ILE A 207 -19.00 29.77 32.92
CA ILE A 207 -17.66 29.72 33.40
C ILE A 207 -16.78 29.75 32.17
N ILE A 208 -15.86 30.72 32.10
CA ILE A 208 -15.09 30.97 30.89
C ILE A 208 -13.63 30.68 31.15
N GLY A 209 -13.08 29.84 30.29
CA GLY A 209 -11.69 29.46 30.37
C GLY A 209 -10.90 30.15 29.27
N ARG A 210 -9.83 30.82 29.67
CA ARG A 210 -8.97 31.52 28.73
C ARG A 210 -7.52 31.11 28.92
N GLY A 211 -6.73 31.23 27.87
CA GLY A 211 -5.31 30.87 27.93
C GLY A 211 -4.97 29.91 26.83
N PRO A 212 -3.67 29.57 26.68
CA PRO A 212 -3.28 28.52 25.77
C PRO A 212 -3.96 27.19 26.13
N SER A 213 -4.18 26.37 25.12
CA SER A 213 -4.79 25.05 25.30
C SER A 213 -4.06 24.30 26.42
N GLY A 214 -4.81 23.78 27.39
CA GLY A 214 -4.24 23.03 28.48
C GLY A 214 -3.64 23.83 29.62
N ASN A 215 -3.63 25.16 29.52
CA ASN A 215 -3.18 26.02 30.61
C ASN A 215 -4.12 27.21 30.80
N ARG A 216 -5.30 26.89 31.30
CA ARG A 216 -6.39 27.82 31.35
C ARG A 216 -6.53 28.43 32.70
N THR A 217 -7.06 29.65 32.72
CA THR A 217 -7.55 30.25 33.94
C THR A 217 -8.99 30.66 33.69
N TRP A 218 -9.78 30.56 34.73
CA TRP A 218 -11.21 30.57 34.65
C TRP A 218 -11.82 31.75 35.35
N SER A 219 -12.88 32.30 34.77
CA SER A 219 -13.63 33.38 35.38
C SER A 219 -15.11 33.11 35.23
N MET A 220 -15.94 33.87 35.96
CA MET A 220 -17.41 33.78 35.82
C MET A 220 -17.97 34.87 34.92
N GLN A 221 -18.97 34.49 34.12
CA GLN A 221 -19.83 35.41 33.42
C GLN A 221 -21.21 35.31 34.04
N ILE A 222 -21.56 36.26 34.91
CA ILE A 222 -22.82 36.22 35.63
C ILE A 222 -23.95 36.60 34.68
N LEU A 223 -25.02 35.83 34.71
CA LEU A 223 -26.12 35.99 33.73
C LEU A 223 -27.36 36.36 34.49
N LYS A 224 -28.21 37.13 33.85
CA LYS A 224 -29.50 37.50 34.39
C LYS A 224 -30.56 36.59 33.77
N GLY A 225 -31.31 35.91 34.62
CA GLY A 225 -32.44 35.12 34.18
C GLY A 225 -32.08 33.72 33.63
N ALA A 226 -30.82 33.30 33.79
CA ALA A 226 -30.41 31.97 33.36
C ALA A 226 -30.96 30.91 34.32
N GLY A 227 -31.08 29.69 33.83
CA GLY A 227 -31.51 28.57 34.65
C GLY A 227 -30.39 27.96 35.46
N SER A 228 -30.74 26.91 36.21
CA SER A 228 -29.81 26.16 37.01
C SER A 228 -29.01 25.19 36.16
N GLU A 229 -29.71 24.43 35.30
CA GLU A 229 -29.09 23.48 34.40
C GLU A 229 -29.13 23.96 32.99
N GLY A 230 -28.00 24.47 32.53
CA GLY A 230 -27.92 25.07 31.22
C GLY A 230 -27.14 24.29 30.22
N THR A 231 -27.37 24.60 28.95
CA THR A 231 -26.55 24.15 27.86
C THR A 231 -26.00 25.34 27.13
N ILE A 232 -24.83 25.16 26.56
CA ILE A 232 -24.16 26.18 25.82
C ILE A 232 -23.79 25.65 24.46
N CYS A 233 -23.91 26.51 23.46
CA CYS A 233 -23.25 26.21 22.19
C CYS A 233 -22.96 27.51 21.45
N GLN A 234 -22.04 27.39 20.50
CA GLN A 234 -21.70 28.50 19.62
C GLN A 234 -22.44 28.18 18.32
N THR A 235 -23.38 29.03 17.98
CA THR A 235 -24.20 28.84 16.79
C THR A 235 -23.41 29.25 15.57
N PRO A 236 -23.91 28.92 14.35
CA PRO A 236 -23.08 29.16 13.17
C PRO A 236 -22.69 30.62 12.93
N ASP A 237 -23.52 31.55 13.38
CA ASP A 237 -23.19 32.98 13.31
C ASP A 237 -22.03 33.40 14.23
N GLY A 238 -21.55 32.48 15.07
CA GLY A 238 -20.44 32.73 15.95
C GLY A 238 -20.83 33.19 17.33
N LYS A 239 -22.12 33.41 17.55
CA LYS A 239 -22.65 33.88 18.81
C LYS A 239 -22.79 32.71 19.78
N LEU A 240 -22.86 33.04 21.07
CA LEU A 240 -23.13 32.04 22.11
C LEU A 240 -24.63 31.93 22.28
N MET A 241 -25.07 30.76 22.72
CA MET A 241 -26.47 30.54 23.04
C MET A 241 -26.55 29.69 24.31
N ARG A 242 -27.37 30.13 25.26
CA ARG A 242 -27.75 29.32 26.40
C ARG A 242 -29.13 28.77 26.14
N ASN A 243 -29.27 27.45 26.24
CA ASN A 243 -30.58 26.82 26.13
C ASN A 243 -30.76 26.01 27.40
N ASP A 244 -31.66 26.48 28.25
CA ASP A 244 -31.69 26.06 29.66
C ASP A 244 -32.97 25.37 30.02
N ARG A 245 -32.85 24.48 31.00
CA ARG A 245 -33.98 23.85 31.63
C ARG A 245 -34.79 24.96 32.36
N PRO A 246 -36.10 24.98 32.15
CA PRO A 246 -36.93 25.98 32.81
C PRO A 246 -37.19 25.62 34.27
N GLY A 247 -37.61 26.62 35.05
CA GLY A 247 -38.13 26.36 36.40
C GLY A 247 -39.45 25.65 36.30
N PRO A 248 -40.47 26.36 35.81
CA PRO A 248 -41.75 25.68 35.58
C PRO A 248 -41.68 24.77 34.34
N MET A 249 -42.40 23.65 34.40
CA MET A 249 -42.60 22.82 33.23
C MET A 249 -43.22 23.65 32.11
N GLY A 250 -42.81 23.37 30.88
CA GLY A 250 -43.38 24.06 29.73
C GLY A 250 -42.44 24.04 28.55
N HIS A 251 -41.46 24.94 28.55
CA HIS A 251 -40.57 25.08 27.43
C HIS A 251 -39.14 25.47 27.82
N ARG A 252 -38.22 25.18 26.92
CA ARG A 252 -36.83 25.60 27.12
C ARG A 252 -36.76 27.12 27.19
N SER A 253 -35.77 27.62 27.94
CA SER A 253 -35.55 29.04 28.12
C SER A 253 -34.21 29.37 27.47
N VAL A 254 -34.22 30.31 26.53
CA VAL A 254 -33.10 30.53 25.63
C VAL A 254 -32.65 31.99 25.63
N ALA A 255 -31.33 32.17 25.58
CA ALA A 255 -30.73 33.50 25.42
C ALA A 255 -29.54 33.42 24.50
N ARG A 256 -29.23 34.53 23.82
CA ARG A 256 -28.12 34.56 22.85
C ARG A 256 -27.25 35.78 23.08
N GLY A 257 -25.98 35.70 22.71
CA GLY A 257 -25.07 36.80 22.90
C GLY A 257 -23.64 36.42 22.58
N THR A 258 -22.72 36.98 23.35
CA THR A 258 -21.29 36.81 23.15
C THR A 258 -20.61 36.70 24.53
N LEU A 259 -19.30 36.59 24.52
CA LEU A 259 -18.52 36.64 25.78
C LEU A 259 -18.66 37.98 26.51
N ALA A 260 -19.11 39.02 25.82
CA ALA A 260 -19.37 40.32 26.45
C ALA A 260 -20.72 40.38 27.17
N GLY A 261 -21.58 39.40 26.96
CA GLY A 261 -22.88 39.35 27.63
C GLY A 261 -23.94 38.68 26.80
N LEU A 262 -24.93 38.11 27.48
CA LEU A 262 -26.08 37.53 26.82
C LEU A 262 -27.27 38.45 26.94
N GLY A 263 -28.12 38.41 25.93
CA GLY A 263 -29.41 39.08 25.95
C GLY A 263 -30.36 38.38 26.89
N PRO A 264 -31.61 38.86 26.95
CA PRO A 264 -32.58 38.26 27.85
C PRO A 264 -32.93 36.81 27.53
N PHE A 265 -33.19 36.03 28.57
CA PHE A 265 -33.78 34.72 28.38
C PHE A 265 -35.24 34.88 28.06
N ALA A 266 -35.71 34.08 27.12
CA ALA A 266 -37.15 33.99 26.86
C ALA A 266 -37.51 32.55 26.55
N THR A 267 -38.72 32.18 26.93
CA THR A 267 -39.26 30.86 26.61
C THR A 267 -39.27 30.63 25.10
N ASP A 268 -38.92 29.42 24.68
CA ASP A 268 -38.88 29.06 23.27
C ASP A 268 -40.02 28.09 23.03
N ASN A 269 -41.11 28.61 22.45
CA ASN A 269 -42.33 27.80 22.32
C ASN A 269 -42.18 26.65 21.31
N GLY A 270 -41.12 26.65 20.51
CA GLY A 270 -40.81 25.52 19.66
C GLY A 270 -40.20 24.30 20.36
N LEU A 271 -39.80 24.45 21.61
CA LEU A 271 -39.07 23.39 22.30
C LEU A 271 -39.72 23.09 23.63
N PRO A 272 -40.83 22.33 23.62
CA PRO A 272 -41.44 21.94 24.86
C PRO A 272 -40.45 21.12 25.74
N ASP A 273 -40.63 21.24 27.04
CA ASP A 273 -39.72 20.60 27.99
C ASP A 273 -40.44 20.48 29.30
N PRO A 274 -40.25 19.35 30.01
CA PRO A 274 -40.96 19.08 31.23
C PRO A 274 -40.23 19.50 32.52
N ALA A 275 -39.43 20.56 32.43
CA ALA A 275 -38.44 20.95 33.47
C ALA A 275 -37.49 19.78 33.69
N CYS A 276 -36.69 19.53 32.67
CA CYS A 276 -35.67 18.48 32.70
C CYS A 276 -34.45 18.95 31.94
N GLN A 277 -33.32 18.32 32.24
CA GLN A 277 -32.10 18.67 31.53
C GLN A 277 -32.26 18.30 30.07
N GLY A 278 -31.56 19.03 29.21
CA GLY A 278 -31.45 18.70 27.80
C GLY A 278 -30.01 18.80 27.35
N SER A 279 -29.77 18.53 26.08
CA SER A 279 -28.42 18.64 25.53
C SER A 279 -28.42 19.24 24.12
N ILE A 280 -27.28 19.79 23.72
CA ILE A 280 -27.20 20.51 22.47
C ILE A 280 -25.79 20.35 21.97
N LEU A 281 -25.64 20.35 20.65
CA LEU A 281 -24.37 20.11 20.03
C LEU A 281 -24.24 20.85 18.70
N SER A 282 -23.16 21.62 18.57
CA SER A 282 -22.78 22.15 17.28
C SER A 282 -22.15 21.02 16.48
N TYR A 283 -22.89 20.53 15.50
CA TYR A 283 -22.46 19.35 14.76
C TYR A 283 -21.38 19.71 13.71
N ASN A 284 -21.61 20.79 12.98
CA ASN A 284 -20.65 21.25 11.99
C ASN A 284 -20.91 22.73 11.69
N SER A 285 -19.83 23.43 11.35
CA SER A 285 -19.90 24.85 11.03
C SER A 285 -19.86 25.14 9.51
N ASP A 286 -19.39 24.19 8.72
CA ASP A 286 -19.45 24.28 7.26
C ASP A 286 -20.87 24.08 6.70
N GLU A 287 -21.02 24.32 5.40
CA GLU A 287 -22.36 24.37 4.79
C GLU A 287 -22.92 22.97 4.55
N PRO A 288 -24.18 22.68 4.91
CA PRO A 288 -25.02 23.53 5.73
C PRO A 288 -24.74 23.31 7.24
N ALA A 289 -24.62 24.41 7.98
CA ALA A 289 -24.28 24.36 9.40
C ALA A 289 -25.46 23.78 10.18
N ARG A 290 -25.15 22.91 11.14
CA ARG A 290 -26.20 22.22 11.87
C ARG A 290 -25.95 22.27 13.37
N THR A 291 -27.00 22.59 14.09
CA THR A 291 -27.05 22.47 15.54
C THR A 291 -28.02 21.33 15.86
N ILE A 292 -27.64 20.43 16.77
CA ILE A 292 -28.48 19.31 17.19
C ILE A 292 -28.95 19.55 18.60
N PHE A 293 -30.23 19.26 18.90
CA PHE A 293 -30.79 19.43 20.21
C PHE A 293 -31.51 18.16 20.60
N MET A 294 -31.41 17.78 21.87
CA MET A 294 -32.09 16.62 22.41
C MET A 294 -32.70 16.93 23.77
N ASN A 295 -33.95 16.53 23.96
CA ASN A 295 -34.61 16.67 25.25
C ASN A 295 -35.86 15.81 25.21
N SER A 296 -36.65 15.86 26.27
CA SER A 296 -37.99 15.24 26.22
C SER A 296 -38.96 16.30 25.70
N ALA A 297 -39.45 16.08 24.50
CA ALA A 297 -40.28 17.06 23.80
C ALA A 297 -41.72 16.93 24.28
N SER A 298 -41.96 17.41 25.50
CA SER A 298 -43.23 17.26 26.20
C SER A 298 -43.23 18.30 27.30
N THR A 299 -44.40 18.85 27.60
CA THR A 299 -44.51 19.78 28.70
C THR A 299 -44.66 19.06 30.04
N ASP A 300 -44.84 17.74 30.04
CA ASP A 300 -45.13 17.09 31.32
C ASP A 300 -44.48 15.73 31.58
N ARG A 301 -43.89 15.08 30.59
CA ARG A 301 -43.17 13.83 30.88
C ARG A 301 -41.76 13.78 30.24
N ARG A 302 -40.93 12.91 30.80
CA ARG A 302 -39.56 12.69 30.33
C ARG A 302 -39.39 11.58 29.29
N THR A 303 -40.48 10.91 28.95
CA THR A 303 -40.46 9.75 28.06
C THR A 303 -40.78 10.09 26.59
N ALA A 304 -40.63 11.36 26.22
CA ALA A 304 -40.83 11.80 24.84
C ALA A 304 -39.54 12.31 24.20
N MET A 305 -38.46 11.55 24.34
CA MET A 305 -37.15 12.00 23.86
C MET A 305 -37.17 12.26 22.35
N ARG A 306 -36.64 13.42 21.95
CA ARG A 306 -36.64 13.83 20.57
C ARG A 306 -35.29 14.45 20.27
N VAL A 307 -34.68 14.03 19.15
CA VAL A 307 -33.50 14.71 18.65
C VAL A 307 -33.87 15.52 17.42
N ARG A 308 -33.33 16.73 17.32
CA ARG A 308 -33.73 17.69 16.29
C ARG A 308 -32.53 18.38 15.69
N ILE A 309 -32.68 18.90 14.46
CA ILE A 309 -31.66 19.68 13.80
C ILE A 309 -32.18 21.11 13.55
N SER A 310 -31.29 22.09 13.74
CA SER A 310 -31.54 23.44 13.25
C SER A 310 -30.48 23.79 12.23
N TYR A 311 -30.96 24.39 11.12
CA TYR A 311 -30.09 24.92 10.08
C TYR A 311 -29.90 26.44 10.19
N ASP A 312 -30.53 27.05 11.19
CA ASP A 312 -30.49 28.51 11.35
C ASP A 312 -29.13 28.96 11.89
N LYS A 313 -28.68 30.12 11.42
CA LYS A 313 -27.41 30.69 11.85
C LYS A 313 -27.40 31.00 13.36
N ASP A 314 -28.58 31.19 13.94
CA ASP A 314 -28.76 31.48 15.36
C ASP A 314 -29.56 30.38 16.05
N ALA A 315 -29.72 29.25 15.36
CA ALA A 315 -30.50 28.11 15.82
C ALA A 315 -31.92 28.50 16.32
N ALA A 316 -32.56 29.49 15.64
CA ALA A 316 -33.85 29.97 16.09
C ALA A 316 -34.90 28.87 16.06
N LYS A 317 -34.87 28.06 15.01
CA LYS A 317 -35.90 27.06 14.78
C LYS A 317 -35.31 25.68 14.53
N PHE A 318 -35.84 24.69 15.22
CA PHE A 318 -35.47 23.30 15.01
C PHE A 318 -36.60 22.58 14.30
N ASN A 319 -36.25 21.52 13.60
CA ASN A 319 -37.25 20.69 12.95
C ASN A 319 -37.94 19.78 13.98
N PHE A 320 -38.96 19.07 13.53
CA PHE A 320 -39.59 18.08 14.37
C PHE A 320 -38.55 17.05 14.84
N GLY A 321 -37.71 16.64 13.90
CA GLY A 321 -36.64 15.71 14.14
C GLY A 321 -37.13 14.28 14.21
N ARG A 322 -36.68 13.55 15.24
CA ARG A 322 -37.05 12.17 15.38
C ARG A 322 -37.19 11.75 16.82
N GLU A 323 -38.26 11.01 17.09
CA GLU A 323 -38.53 10.44 18.39
C GLU A 323 -37.63 9.24 18.61
N LEU A 324 -36.93 9.20 19.75
CA LEU A 324 -36.03 8.08 19.98
C LEU A 324 -36.81 6.76 20.11
N LYS A 325 -38.08 6.81 20.45
CA LYS A 325 -38.90 5.60 20.50
C LYS A 325 -39.04 4.90 19.13
N ASP A 326 -38.71 5.61 18.04
CA ASP A 326 -38.64 4.98 16.72
C ASP A 326 -37.56 3.90 16.65
N ALA A 327 -36.58 3.92 17.55
CA ALA A 327 -35.59 2.86 17.65
C ALA A 327 -35.52 2.43 19.11
N PRO A 328 -36.60 1.81 19.60
CA PRO A 328 -36.74 1.51 21.01
C PRO A 328 -35.83 0.39 21.45
N LEU A 329 -35.54 0.36 22.72
CA LEU A 329 -34.66 -0.64 23.24
C LEU A 329 -35.42 -1.36 24.33
N GLY A 330 -35.45 -2.68 24.24
CA GLY A 330 -36.12 -3.48 25.23
C GLY A 330 -35.13 -3.77 26.35
N ASN A 331 -35.67 -4.17 27.49
CA ASN A 331 -34.82 -4.62 28.60
C ASN A 331 -33.94 -3.56 29.25
N VAL A 332 -34.40 -2.31 29.22
CA VAL A 332 -33.70 -1.22 29.92
C VAL A 332 -34.63 -0.30 30.71
N GLY A 333 -35.89 -0.71 30.91
CA GLY A 333 -36.88 0.16 31.54
C GLY A 333 -37.45 1.18 30.55
N ASN A 334 -38.03 2.24 31.11
CA ASN A 334 -38.71 3.28 30.33
C ASN A 334 -37.67 4.38 30.02
N GLU A 335 -37.29 4.46 28.76
CA GLU A 335 -36.25 5.42 28.32
C GLU A 335 -36.75 6.86 28.40
N GLY A 336 -35.91 7.73 28.94
CA GLY A 336 -36.11 9.15 28.90
C GLY A 336 -35.62 9.86 30.14
N GLY A 337 -35.08 11.07 29.92
CA GLY A 337 -34.57 11.88 31.02
C GLY A 337 -33.40 12.72 30.54
N TYR A 338 -32.40 12.87 31.41
CA TYR A 338 -31.22 13.68 31.05
C TYR A 338 -30.48 13.02 29.89
N SER A 339 -29.72 13.79 29.12
CA SER A 339 -29.06 13.30 27.95
C SER A 339 -27.76 14.07 27.70
N SER A 340 -26.92 13.49 26.87
CA SER A 340 -25.68 14.16 26.44
C SER A 340 -25.29 13.66 25.07
N MET A 341 -24.80 14.58 24.21
CA MET A 341 -24.41 14.21 22.86
C MET A 341 -23.00 14.63 22.51
N THR A 342 -22.36 13.80 21.68
CA THR A 342 -21.08 14.13 21.05
C THR A 342 -21.13 13.71 19.57
N LYS A 343 -20.19 14.21 18.78
CA LYS A 343 -20.02 13.74 17.42
C LYS A 343 -18.88 12.76 17.43
N THR A 344 -19.04 11.60 16.79
CA THR A 344 -18.00 10.60 16.74
C THR A 344 -17.13 10.78 15.49
N SER A 345 -15.97 10.11 15.47
CA SER A 345 -15.03 10.21 14.34
C SER A 345 -15.66 9.75 13.03
N ASP A 346 -16.59 8.78 13.11
CA ASP A 346 -17.28 8.25 11.93
C ASP A 346 -18.60 8.95 11.60
N TYR A 347 -18.68 10.26 11.89
CA TYR A 347 -19.84 11.08 11.52
C TYR A 347 -21.15 10.52 11.99
N LYS A 348 -21.19 10.16 13.28
CA LYS A 348 -22.44 9.84 13.94
C LYS A 348 -22.61 10.82 15.10
N ILE A 349 -23.85 10.94 15.55
CA ILE A 349 -24.17 11.52 16.82
C ILE A 349 -24.15 10.36 17.80
N GLY A 350 -23.40 10.51 18.90
CA GLY A 350 -23.43 9.57 20.00
C GLY A 350 -24.13 10.21 21.17
N ALA A 351 -25.17 9.56 21.71
CA ALA A 351 -25.99 10.17 22.74
C ALA A 351 -26.11 9.23 23.91
N LEU A 352 -25.93 9.76 25.12
CA LEU A 352 -26.31 9.02 26.30
C LEU A 352 -27.67 9.50 26.73
N VAL A 353 -28.54 8.57 27.09
CA VAL A 353 -29.92 8.88 27.51
C VAL A 353 -30.31 8.03 28.73
N GLU A 354 -30.79 8.70 29.76
CA GLU A 354 -31.28 8.03 30.98
C GLU A 354 -32.49 7.16 30.65
N SER A 355 -32.61 6.11 31.46
CA SER A 355 -33.77 5.20 31.44
C SER A 355 -34.10 4.76 32.86
N ASP A 356 -35.39 4.48 33.14
CA ASP A 356 -35.88 4.29 34.47
C ASP A 356 -36.70 2.99 34.52
N TRP A 357 -36.28 2.03 35.33
CA TRP A 357 -37.00 0.76 35.47
C TRP A 357 -38.33 0.97 36.18
N TYR A 358 -38.43 2.03 36.97
CA TYR A 358 -39.69 2.51 37.52
C TYR A 358 -40.37 1.47 38.46
N GLU A 359 -39.59 0.60 39.10
CA GLU A 359 -40.15 -0.50 39.89
C GLU A 359 -40.92 -0.06 41.14
N ASP A 360 -40.49 1.08 41.70
CA ASP A 360 -40.97 1.69 42.94
C ASP A 360 -41.65 2.97 42.47
N LYS A 361 -42.03 3.01 41.20
CA LYS A 361 -42.63 4.18 40.56
C LYS A 361 -41.65 5.35 40.69
N GLY A 362 -42.13 6.50 41.19
CA GLY A 362 -41.32 7.67 41.46
C GLY A 362 -40.40 7.55 42.66
N GLY A 363 -40.55 6.46 43.44
CA GLY A 363 -39.78 6.28 44.66
C GLY A 363 -38.28 6.06 44.47
N GLU A 364 -37.55 6.18 45.57
CA GLU A 364 -36.06 6.14 45.54
C GLU A 364 -35.46 4.78 45.17
N LYS A 365 -36.26 3.71 45.25
CA LYS A 365 -35.77 2.37 44.95
C LYS A 365 -35.80 1.99 43.45
N SER A 366 -36.41 2.82 42.61
CA SER A 366 -36.47 2.50 41.19
C SER A 366 -35.08 2.61 40.57
N HIS A 367 -34.66 1.56 39.87
CA HIS A 367 -33.31 1.50 39.29
C HIS A 367 -33.23 2.29 38.01
N ARG A 368 -32.12 3.01 37.85
CA ARG A 368 -31.90 3.85 36.70
C ARG A 368 -30.66 3.41 35.96
N CYS A 369 -30.75 3.35 34.64
CA CYS A 369 -29.62 2.97 33.82
C CYS A 369 -29.43 3.99 32.69
N ILE A 370 -28.37 3.86 31.93
CA ILE A 370 -28.08 4.81 30.86
C ILE A 370 -27.79 4.12 29.56
N ILE A 371 -28.49 4.57 28.51
CA ILE A 371 -28.40 3.99 27.17
C ILE A 371 -27.41 4.78 26.33
N TRP A 372 -26.63 4.08 25.52
CA TRP A 372 -25.81 4.72 24.52
C TRP A 372 -26.44 4.47 23.14
N ARG A 373 -26.74 5.55 22.45
CA ARG A 373 -27.26 5.54 21.09
C ARG A 373 -26.27 6.14 20.13
N ARG A 374 -26.18 5.58 18.92
CA ARG A 374 -25.51 6.29 17.83
C ARG A 374 -26.45 6.31 16.65
N PHE A 375 -26.44 7.44 15.93
CA PHE A 375 -27.29 7.59 14.77
C PHE A 375 -26.66 8.63 13.85
N ASN A 376 -26.99 8.54 12.57
CA ASN A 376 -26.46 9.51 11.63
C ASN A 376 -27.53 10.54 11.36
N LEU A 377 -27.12 11.60 10.68
CA LEU A 377 -28.02 12.68 10.33
C LEU A 377 -29.23 12.15 9.56
N SER A 378 -28.97 11.21 8.64
CA SER A 378 -30.03 10.59 7.84
C SER A 378 -31.15 10.00 8.71
N TRP A 379 -30.76 9.28 9.76
CA TRP A 379 -31.75 8.75 10.69
C TRP A 379 -32.66 9.85 11.23
N ILE A 380 -32.09 11.01 11.54
CA ILE A 380 -32.91 12.10 12.05
C ILE A 380 -33.74 12.68 10.91
N ILE A 381 -33.06 13.06 9.83
CA ILE A 381 -33.67 13.78 8.69
C ILE A 381 -34.87 13.01 8.13
N ASN A 382 -34.72 11.70 7.98
CA ASN A 382 -35.77 10.88 7.35
C ASN A 382 -36.77 10.29 8.33
N GLY A 383 -36.84 10.84 9.54
CA GLY A 383 -37.87 10.42 10.49
C GLY A 383 -39.24 10.65 9.88
N PRO A 384 -40.21 9.77 10.23
CA PRO A 384 -41.53 9.80 9.62
C PRO A 384 -42.21 11.16 9.68
N ASN A 385 -41.99 11.91 10.75
CA ASN A 385 -42.61 13.22 10.92
C ASN A 385 -41.59 14.30 10.68
N ASP B 4 8.95 -5.63 -7.20
CA ASP B 4 10.14 -6.10 -6.43
C ASP B 4 10.66 -7.39 -7.04
N PRO B 5 11.88 -7.36 -7.58
CA PRO B 5 12.39 -8.57 -8.24
C PRO B 5 12.56 -9.77 -7.32
N ALA B 6 12.75 -9.53 -6.01
CA ALA B 6 12.90 -10.62 -5.07
C ALA B 6 11.64 -11.47 -4.94
N GLY B 7 10.48 -10.89 -5.29
CA GLY B 7 9.20 -11.59 -5.28
C GLY B 7 9.02 -12.67 -6.33
N LYS B 8 9.93 -12.73 -7.31
CA LYS B 8 9.90 -13.75 -8.38
C LYS B 8 10.52 -15.05 -7.90
N ALA B 9 11.38 -15.00 -6.88
CA ALA B 9 12.05 -16.19 -6.40
C ALA B 9 11.06 -17.13 -5.75
N ALA B 10 11.47 -18.39 -5.66
CA ALA B 10 10.71 -19.37 -4.92
C ALA B 10 10.71 -18.91 -3.45
N GLN B 11 9.54 -19.06 -2.82
CA GLN B 11 9.35 -18.78 -1.41
C GLN B 11 10.22 -19.71 -0.59
N TYR B 12 10.82 -19.20 0.48
CA TYR B 12 11.59 -20.01 1.41
C TYR B 12 11.17 -19.64 2.82
N HIS B 13 10.86 -20.66 3.62
CA HIS B 13 10.67 -20.47 5.04
C HIS B 13 11.08 -21.73 5.76
N LYS B 14 11.61 -21.55 6.96
CA LYS B 14 12.00 -22.66 7.79
C LYS B 14 11.95 -22.17 9.22
N GLU B 15 11.49 -23.05 10.11
CA GLU B 15 11.25 -22.63 11.49
C GLU B 15 11.41 -23.78 12.45
N TYR B 16 11.99 -23.49 13.62
CA TYR B 16 12.08 -24.47 14.70
C TYR B 16 12.38 -23.72 16.00
N ALA B 17 12.07 -24.36 17.13
CA ALA B 17 12.43 -23.81 18.42
C ALA B 17 13.94 -23.70 18.61
N LEU B 18 14.40 -22.54 19.08
CA LEU B 18 15.83 -22.35 19.32
C LEU B 18 16.16 -22.28 20.83
N PHE B 19 15.26 -21.72 21.63
CA PHE B 19 15.40 -21.72 23.08
C PHE B 19 14.24 -22.54 23.64
N ARG B 20 14.60 -23.70 24.17
CA ARG B 20 13.62 -24.73 24.55
C ARG B 20 13.43 -24.70 26.06
N SER B 21 12.21 -24.35 26.47
CA SER B 21 11.84 -24.32 27.89
C SER B 21 11.90 -25.67 28.57
N ALA B 22 11.90 -25.63 29.91
CA ALA B 22 12.17 -26.78 30.75
C ALA B 22 11.21 -27.96 30.51
N ASN B 23 10.03 -27.67 30.00
CA ASN B 23 8.96 -28.68 29.82
C ASN B 23 9.13 -29.39 28.47
N MET B 24 10.02 -28.88 27.63
CA MET B 24 10.25 -29.44 26.30
C MET B 24 11.35 -30.50 26.28
N PRO B 25 11.27 -31.43 25.31
CA PRO B 25 12.37 -32.40 25.17
C PRO B 25 13.66 -31.63 24.85
N SER B 26 14.78 -32.14 25.32
CA SER B 26 16.09 -31.49 25.12
C SER B 26 15.98 -30.01 25.52
N PRO B 27 15.56 -29.75 26.78
CA PRO B 27 15.46 -28.34 27.19
C PRO B 27 16.83 -27.69 27.24
N ASP B 28 16.88 -26.39 27.00
CA ASP B 28 18.14 -25.68 27.03
C ASP B 28 18.64 -25.43 28.45
N LYS B 29 19.87 -25.88 28.67
CA LYS B 29 20.54 -25.75 29.95
C LYS B 29 21.95 -25.31 29.68
N LEU B 30 22.53 -24.64 30.67
CA LEU B 30 23.93 -24.27 30.65
C LEU B 30 24.78 -25.51 30.95
N ALA B 31 26.06 -25.42 30.62
CA ALA B 31 26.99 -26.54 30.81
C ALA B 31 27.18 -26.82 32.33
N THR B 32 26.93 -25.84 33.16
CA THR B 32 26.93 -25.99 34.62
C THR B 32 25.75 -26.83 35.16
N GLY B 33 24.78 -27.14 34.31
CA GLY B 33 23.58 -27.85 34.74
C GLY B 33 22.38 -26.98 35.07
N VAL B 34 22.57 -25.68 35.01
CA VAL B 34 21.50 -24.72 35.27
C VAL B 34 20.47 -24.74 34.13
N GLY B 35 19.24 -25.05 34.47
CA GLY B 35 18.16 -24.96 33.47
C GLY B 35 17.23 -23.78 33.71
N PHE B 36 16.28 -23.60 32.81
CA PHE B 36 15.40 -22.45 32.83
C PHE B 36 13.96 -22.84 32.56
N HIS B 37 13.08 -22.36 33.43
CA HIS B 37 11.64 -22.51 33.23
C HIS B 37 11.22 -22.00 31.84
N SER B 38 11.63 -20.79 31.53
CA SER B 38 11.15 -20.07 30.35
C SER B 38 12.32 -19.27 29.72
N PHE B 39 12.23 -19.07 28.41
CA PHE B 39 13.07 -18.10 27.73
C PHE B 39 12.18 -17.04 27.12
N ARG B 40 12.53 -15.77 27.32
CA ARG B 40 11.76 -14.66 26.79
C ARG B 40 12.77 -13.58 26.34
N ILE B 41 12.24 -12.58 25.61
CA ILE B 41 12.96 -11.35 25.33
C ILE B 41 14.15 -11.59 24.39
N PRO B 42 13.85 -11.95 23.14
CA PRO B 42 14.88 -12.25 22.18
C PRO B 42 15.61 -11.08 21.65
N ALA B 43 16.82 -11.31 21.21
CA ALA B 43 17.60 -10.36 20.46
C ALA B 43 18.53 -11.13 19.54
N VAL B 44 18.62 -10.73 18.28
CA VAL B 44 19.52 -11.43 17.37
C VAL B 44 20.31 -10.47 16.47
N VAL B 45 21.56 -10.82 16.24
CA VAL B 45 22.42 -10.07 15.27
C VAL B 45 23.31 -11.00 14.49
N ARG B 46 23.54 -10.63 13.24
CA ARG B 46 24.63 -11.20 12.45
C ARG B 46 25.89 -10.39 12.63
N THR B 47 26.98 -11.06 12.96
CA THR B 47 28.26 -10.40 13.11
C THR B 47 28.89 -10.22 11.74
N ASN B 48 29.99 -9.48 11.71
CA ASN B 48 30.68 -9.26 10.44
C ASN B 48 31.38 -10.49 9.87
N THR B 49 31.47 -11.58 10.64
CA THR B 49 31.93 -12.86 10.09
C THR B 49 30.83 -13.64 9.39
N GLY B 50 29.56 -13.32 9.70
CA GLY B 50 28.42 -14.09 9.25
C GLY B 50 27.82 -14.95 10.37
N ARG B 51 28.53 -15.08 11.48
CA ARG B 51 28.02 -15.81 12.63
C ARG B 51 26.75 -15.11 13.13
N ILE B 52 25.79 -15.90 13.61
CA ILE B 52 24.58 -15.33 14.19
C ILE B 52 24.68 -15.51 15.73
N LEU B 53 24.40 -14.43 16.45
CA LEU B 53 24.35 -14.42 17.90
C LEU B 53 22.90 -14.20 18.30
N ALA B 54 22.36 -15.15 19.06
CA ALA B 54 20.99 -15.09 19.57
C ALA B 54 21.00 -14.99 21.09
N PHE B 55 20.37 -13.94 21.61
CA PHE B 55 20.33 -13.68 23.04
C PHE B 55 18.87 -13.81 23.56
N ALA B 56 18.75 -14.11 24.85
CA ALA B 56 17.46 -14.17 25.50
C ALA B 56 17.61 -14.02 26.99
N GLU B 57 16.49 -13.74 27.65
CA GLU B 57 16.41 -13.89 29.11
C GLU B 57 16.10 -15.33 29.42
N GLY B 58 16.99 -15.96 30.19
CA GLY B 58 16.72 -17.28 30.80
C GLY B 58 16.05 -17.04 32.12
N ARG B 59 14.71 -17.22 32.15
CA ARG B 59 13.96 -16.95 33.33
C ARG B 59 13.88 -18.23 34.16
N ARG B 60 14.56 -18.26 35.29
CA ARG B 60 14.93 -19.53 35.94
C ARG B 60 13.75 -20.32 36.46
N HIS B 61 12.87 -19.65 37.21
CA HIS B 61 11.90 -20.36 38.03
C HIS B 61 10.45 -20.24 37.55
N ASN B 62 10.17 -19.25 36.72
CA ASN B 62 8.83 -19.03 36.21
C ASN B 62 8.94 -18.02 35.05
N ASN B 63 7.84 -17.58 34.49
CA ASN B 63 7.90 -16.72 33.29
C ASN B 63 7.93 -15.19 33.59
N ARG B 64 8.00 -14.80 34.85
CA ARG B 64 7.86 -13.38 35.25
C ARG B 64 9.14 -12.57 34.91
N ASP B 65 8.97 -11.25 34.81
CA ASP B 65 10.04 -10.38 34.35
CA ASP B 65 10.07 -10.39 34.35
C ASP B 65 11.01 -9.94 35.46
N TYR B 66 10.70 -10.37 36.69
CA TYR B 66 11.52 -10.06 37.86
C TYR B 66 12.03 -11.38 38.41
N GLY B 67 12.85 -11.32 39.42
CA GLY B 67 13.40 -12.51 40.00
C GLY B 67 14.71 -12.88 39.30
N ASP B 68 15.10 -14.13 39.50
CA ASP B 68 16.38 -14.63 39.06
C ASP B 68 16.32 -14.93 37.57
N ILE B 69 16.91 -14.02 36.80
CA ILE B 69 16.89 -14.09 35.35
C ILE B 69 18.32 -13.90 34.86
N ASN B 70 18.79 -14.84 34.02
CA ASN B 70 20.16 -14.79 33.51
C ASN B 70 20.11 -14.46 32.03
N LEU B 71 21.04 -13.63 31.55
CA LEU B 71 21.08 -13.27 30.16
C LEU B 71 21.92 -14.34 29.47
N VAL B 72 21.26 -15.09 28.56
CA VAL B 72 21.88 -16.25 27.94
C VAL B 72 21.94 -16.05 26.43
N TYR B 73 22.72 -16.89 25.78
CA TYR B 73 22.83 -16.83 24.33
C TYR B 73 23.23 -18.13 23.68
N LYS B 74 23.07 -18.16 22.37
CA LYS B 74 23.68 -19.19 21.54
C LYS B 74 24.29 -18.55 20.31
N ARG B 75 25.28 -19.19 19.73
CA ARG B 75 25.85 -18.76 18.47
C ARG B 75 25.68 -19.86 17.45
N THR B 76 25.63 -19.50 16.16
CA THR B 76 25.82 -20.53 15.15
C THR B 76 27.25 -21.10 15.30
N LYS B 77 27.38 -22.40 15.06
CA LYS B 77 28.63 -23.12 15.28
C LYS B 77 29.76 -22.61 14.37
N SER B 78 29.39 -22.19 13.16
CA SER B 78 30.34 -21.57 12.26
C SER B 78 29.83 -20.23 11.80
N PRO B 79 30.71 -19.40 11.23
CA PRO B 79 30.30 -18.14 10.62
C PRO B 79 29.49 -18.29 9.33
N THR B 80 29.50 -19.47 8.71
CA THR B 80 28.94 -19.65 7.38
C THR B 80 27.64 -20.47 7.32
N ASN B 81 27.19 -21.08 8.43
CA ASN B 81 26.03 -21.99 8.33
C ASN B 81 24.66 -21.31 8.36
N ASN B 82 24.64 -20.03 8.70
CA ASN B 82 23.43 -19.20 8.62
C ASN B 82 22.25 -19.69 9.46
N GLY B 83 22.52 -20.53 10.45
CA GLY B 83 21.46 -21.04 11.34
C GLY B 83 20.41 -21.81 10.62
N GLU B 84 20.81 -22.54 9.58
CA GLU B 84 19.83 -23.21 8.73
C GLU B 84 19.06 -24.32 9.47
N ASN B 85 19.77 -25.15 10.22
CA ASN B 85 19.20 -26.28 10.89
C ASN B 85 19.47 -26.24 12.39
N PRO B 86 18.67 -26.92 13.20
CA PRO B 86 18.92 -26.94 14.66
C PRO B 86 20.36 -27.31 15.07
N THR B 87 20.95 -28.30 14.39
CA THR B 87 22.33 -28.70 14.66
C THR B 87 23.40 -27.69 14.21
N ASP B 88 22.98 -26.59 13.58
CA ASP B 88 23.90 -25.52 13.23
C ASP B 88 24.21 -24.57 14.40
N TRP B 89 23.54 -24.79 15.53
CA TRP B 89 23.66 -23.91 16.68
C TRP B 89 24.40 -24.57 17.82
N GLU B 90 25.25 -23.77 18.45
CA GLU B 90 25.93 -24.16 19.69
C GLU B 90 24.95 -24.37 20.81
N SER B 91 25.40 -25.07 21.84
CA SER B 91 24.55 -25.22 23.04
C SER B 91 24.55 -23.90 23.82
N LEU B 92 23.56 -23.77 24.70
CA LEU B 92 23.33 -22.57 25.47
C LEU B 92 24.55 -22.10 26.29
N ARG B 93 24.80 -20.80 26.24
CA ARG B 93 25.83 -20.18 27.06
C ARG B 93 25.26 -18.99 27.81
N GLU B 94 26.05 -18.44 28.73
CA GLU B 94 25.59 -17.31 29.55
C GLU B 94 26.43 -16.07 29.34
N VAL B 95 25.80 -14.91 29.15
CA VAL B 95 26.50 -13.66 29.20
C VAL B 95 26.73 -13.25 30.68
N VAL B 96 25.63 -13.11 31.42
CA VAL B 96 25.70 -12.75 32.83
C VAL B 96 24.52 -13.34 33.58
N GLY B 97 24.78 -13.87 34.78
CA GLY B 97 23.75 -14.54 35.57
C GLY B 97 23.95 -14.39 37.08
N THR B 98 24.79 -13.42 37.44
N THR B 98 24.77 -13.41 37.45
CA THR B 98 25.24 -13.35 38.83
CA THR B 98 25.18 -13.18 38.83
C THR B 98 24.09 -13.02 39.81
C THR B 98 24.05 -13.02 39.81
N GLY B 99 24.04 -13.81 40.86
CA GLY B 99 23.09 -13.61 41.95
C GLY B 99 21.65 -13.94 41.62
N PRO B 100 20.72 -13.51 42.48
CA PRO B 100 19.30 -13.73 42.29
C PRO B 100 18.65 -12.60 41.49
N HIS B 101 19.46 -11.79 40.82
CA HIS B 101 19.03 -10.52 40.26
C HIS B 101 18.45 -10.76 38.87
N THR B 102 17.81 -9.74 38.34
CA THR B 102 17.30 -9.76 36.98
C THR B 102 18.35 -9.17 36.05
N TRP B 103 18.84 -9.96 35.07
CA TRP B 103 19.72 -9.45 34.00
C TRP B 103 18.97 -9.69 32.71
N GLY B 104 18.70 -8.65 31.94
CA GLY B 104 17.91 -8.82 30.74
C GLY B 104 17.89 -7.69 29.76
N ASN B 105 16.79 -7.58 29.01
CA ASN B 105 16.66 -6.60 27.95
C ASN B 105 17.85 -6.62 26.99
N PRO B 106 18.22 -7.81 26.45
CA PRO B 106 19.38 -7.77 25.55
C PRO B 106 19.15 -6.84 24.35
N THR B 107 20.11 -5.94 24.15
CA THR B 107 20.06 -4.98 23.08
C THR B 107 21.45 -4.84 22.44
N PRO B 108 21.76 -5.77 21.51
CA PRO B 108 23.08 -5.76 20.89
C PRO B 108 23.19 -4.87 19.67
N VAL B 109 24.42 -4.47 19.37
CA VAL B 109 24.76 -3.82 18.11
C VAL B 109 26.17 -4.23 17.68
N VAL B 110 26.32 -4.54 16.41
CA VAL B 110 27.60 -4.94 15.85
C VAL B 110 28.35 -3.68 15.36
N ASP B 111 29.63 -3.61 15.69
CA ASP B 111 30.44 -2.45 15.38
C ASP B 111 31.81 -2.98 14.91
N GLY B 112 31.90 -3.25 13.62
CA GLY B 112 33.08 -3.86 13.05
C GLY B 112 33.37 -5.20 13.71
N ASN B 113 34.50 -5.31 14.40
CA ASN B 113 34.90 -6.56 15.05
C ASN B 113 34.56 -6.59 16.55
N THR B 114 33.79 -5.60 17.01
CA THR B 114 33.27 -5.61 18.37
C THR B 114 31.75 -5.75 18.32
N ILE B 115 31.20 -6.62 19.16
CA ILE B 115 29.73 -6.63 19.41
C ILE B 115 29.49 -6.00 20.77
N TYR B 116 28.73 -4.92 20.81
CA TYR B 116 28.28 -4.30 22.05
C TYR B 116 26.93 -4.87 22.46
N LEU B 117 26.78 -5.18 23.73
CA LEU B 117 25.49 -5.68 24.23
C LEU B 117 25.07 -4.86 25.42
N PHE B 118 24.05 -4.01 25.23
CA PHE B 118 23.44 -3.31 26.32
C PHE B 118 22.41 -4.22 26.95
N LEU B 119 22.26 -4.05 28.25
CA LEU B 119 21.26 -4.82 29.00
C LEU B 119 20.76 -4.04 30.21
N SER B 120 19.59 -4.44 30.72
CA SER B 120 19.03 -3.85 31.91
C SER B 120 19.24 -4.79 33.08
N MET B 121 19.14 -4.25 34.28
CA MET B 121 19.39 -5.04 35.47
C MET B 121 18.55 -4.47 36.60
N ASN B 122 17.96 -5.34 37.43
CA ASN B 122 17.50 -4.87 38.74
C ASN B 122 17.88 -5.86 39.82
N ASP B 123 17.99 -5.34 41.03
CA ASP B 123 18.20 -6.16 42.21
C ASP B 123 17.09 -7.17 42.34
N GLY B 124 17.44 -8.38 42.75
CA GLY B 124 16.50 -9.48 42.81
C GLY B 124 15.35 -9.30 43.80
N ALA B 125 15.43 -8.31 44.69
CA ALA B 125 14.36 -8.07 45.65
C ALA B 125 13.31 -7.11 45.14
N TYR B 126 13.43 -6.65 43.90
CA TYR B 126 12.58 -5.58 43.39
C TYR B 126 11.89 -5.98 42.10
N SER B 127 10.70 -5.46 41.88
CA SER B 127 9.97 -5.64 40.62
C SER B 127 9.29 -4.35 40.23
N GLN B 128 8.89 -4.27 38.97
CA GLN B 128 8.30 -3.06 38.43
C GLN B 128 7.15 -2.55 39.29
N ASN B 129 6.25 -3.44 39.68
CA ASN B 129 5.06 -3.03 40.43
C ASN B 129 5.26 -3.16 41.91
N GLY B 130 6.22 -3.98 42.35
CA GLY B 130 6.30 -4.35 43.75
C GLY B 130 5.18 -5.31 44.16
N GLY B 131 5.34 -5.88 45.35
CA GLY B 131 4.34 -6.74 45.93
C GLY B 131 4.20 -8.10 45.29
N ASN B 132 5.20 -8.53 44.51
CA ASN B 132 5.09 -9.78 43.79
C ASN B 132 5.75 -10.85 44.64
N THR B 133 5.22 -12.07 44.60
CA THR B 133 5.76 -13.14 45.46
C THR B 133 6.87 -13.86 44.73
N LEU B 134 8.03 -13.94 45.37
CA LEU B 134 9.17 -14.64 44.81
C LEU B 134 9.08 -16.12 45.19
N PRO B 135 9.89 -16.96 44.54
CA PRO B 135 9.84 -18.40 44.88
C PRO B 135 10.12 -18.71 46.36
N ASP B 136 10.89 -17.87 47.05
CA ASP B 136 11.13 -18.09 48.45
C ASP B 136 10.02 -17.60 49.38
N GLY B 137 8.92 -17.09 48.80
CA GLY B 137 7.77 -16.62 49.59
C GLY B 137 7.82 -15.14 49.97
N THR B 138 8.94 -14.49 49.75
CA THR B 138 9.09 -13.09 50.08
C THR B 138 8.39 -12.25 49.02
N LYS B 139 8.02 -11.01 49.39
CA LYS B 139 7.43 -10.06 48.44
C LYS B 139 8.44 -9.05 47.92
N THR B 140 8.40 -8.77 46.64
CA THR B 140 9.28 -7.75 46.08
C THR B 140 8.96 -6.34 46.55
N LYS B 141 9.97 -5.51 46.61
CA LYS B 141 9.77 -4.07 46.72
C LYS B 141 9.57 -3.49 45.34
N LYS B 142 8.86 -2.37 45.26
CA LYS B 142 8.69 -1.65 44.01
C LYS B 142 9.99 -0.95 43.63
N ILE B 143 10.36 -1.09 42.36
CA ILE B 143 11.52 -0.44 41.77
C ILE B 143 11.35 1.05 42.05
N ASP B 144 12.41 1.67 42.49
CA ASP B 144 12.38 3.07 42.90
C ASP B 144 13.61 3.81 42.41
N SER B 145 13.85 5.03 42.88
CA SER B 145 14.97 5.83 42.39
C SER B 145 16.28 5.65 43.13
N THR B 146 16.28 4.82 44.18
CA THR B 146 17.51 4.57 44.92
C THR B 146 18.49 3.76 44.07
N TRP B 147 19.76 3.86 44.39
CA TRP B 147 20.78 3.10 43.69
C TRP B 147 20.48 1.59 43.77
N VAL B 148 20.18 1.09 44.97
CA VAL B 148 19.85 -0.36 45.10
C VAL B 148 18.58 -0.75 44.37
N GLY B 149 17.59 0.14 44.36
CA GLY B 149 16.23 -0.22 43.95
C GLY B 149 15.83 0.18 42.52
N ARG B 150 16.72 0.91 41.84
CA ARG B 150 16.43 1.36 40.46
C ARG B 150 16.82 0.31 39.41
N ARG B 151 16.31 0.51 38.21
CA ARG B 151 16.80 -0.30 37.08
C ARG B 151 18.11 0.26 36.60
N HIS B 152 19.07 -0.62 36.41
CA HIS B 152 20.39 -0.26 35.95
C HIS B 152 20.55 -0.57 34.47
N LEU B 153 21.59 0.04 33.87
CA LEU B 153 21.93 -0.14 32.48
C LEU B 153 23.39 -0.58 32.41
N TYR B 154 23.62 -1.78 31.92
CA TYR B 154 24.94 -2.34 31.80
C TYR B 154 25.37 -2.50 30.35
N LEU B 155 26.69 -2.55 30.15
CA LEU B 155 27.25 -2.78 28.85
C LEU B 155 28.31 -3.85 28.94
N THR B 156 28.22 -4.86 28.05
CA THR B 156 29.27 -5.85 27.91
C THR B 156 29.69 -5.87 26.44
N THR B 157 30.90 -6.35 26.16
CA THR B 157 31.38 -6.37 24.80
C THR B 157 32.03 -7.72 24.49
N SER B 158 32.00 -8.11 23.23
CA SER B 158 32.77 -9.21 22.73
C SER B 158 33.65 -8.78 21.54
N THR B 159 34.90 -9.16 21.60
CA THR B 159 35.81 -8.98 20.47
C THR B 159 36.24 -10.30 19.81
N ASP B 160 35.59 -11.40 20.20
CA ASP B 160 35.90 -12.72 19.64
C ASP B 160 34.64 -13.39 19.05
N ASP B 161 33.85 -12.59 18.36
CA ASP B 161 32.71 -13.06 17.59
C ASP B 161 31.69 -13.70 18.53
N GLY B 162 31.59 -13.14 19.72
CA GLY B 162 30.58 -13.55 20.71
C GLY B 162 30.99 -14.77 21.53
N ASP B 163 32.22 -15.27 21.34
CA ASP B 163 32.69 -16.43 22.10
C ASP B 163 32.73 -16.13 23.61
N THR B 164 33.23 -14.95 23.98
CA THR B 164 33.28 -14.51 25.35
C THR B 164 32.87 -13.04 25.45
N TRP B 165 32.52 -12.64 26.68
CA TRP B 165 31.97 -11.34 26.99
C TRP B 165 32.70 -10.73 28.15
N THR B 166 32.98 -9.44 28.05
CA THR B 166 33.61 -8.76 29.19
C THR B 166 32.66 -8.68 30.37
N LYS B 167 33.24 -8.55 31.56
CA LYS B 167 32.46 -8.35 32.75
C LYS B 167 31.57 -7.11 32.51
N PRO B 168 30.26 -7.23 32.68
CA PRO B 168 29.41 -6.10 32.39
C PRO B 168 29.71 -4.89 33.22
N VAL B 169 29.73 -3.75 32.55
CA VAL B 169 30.03 -2.49 33.21
C VAL B 169 28.75 -1.74 33.42
N ASP B 170 28.54 -1.28 34.64
CA ASP B 170 27.36 -0.53 35.01
C ASP B 170 27.52 0.90 34.53
N MET B 171 26.68 1.29 33.57
CA MET B 171 26.76 2.61 32.96
C MET B 171 25.61 3.49 33.39
N THR B 172 24.83 3.05 34.38
CA THR B 172 23.63 3.78 34.79
C THR B 172 23.92 5.25 35.08
N LYS B 173 25.05 5.54 35.74
CA LYS B 173 25.31 6.91 36.21
C LYS B 173 25.57 7.91 35.09
N THR B 174 25.96 7.43 33.91
N THR B 174 25.96 7.43 33.91
CA THR B 174 26.17 8.30 32.75
CA THR B 174 26.14 8.32 32.74
C THR B 174 25.15 8.14 31.62
C THR B 174 25.15 8.13 31.62
N LEU B 175 24.50 6.97 31.53
CA LEU B 175 23.61 6.70 30.40
C LEU B 175 22.15 6.48 30.76
N THR B 176 21.82 6.70 32.03
CA THR B 176 20.44 6.82 32.43
C THR B 176 20.22 8.13 33.17
N PRO B 177 19.08 8.80 32.91
CA PRO B 177 18.88 10.04 33.64
C PRO B 177 18.87 9.84 35.16
N ASP B 178 19.51 10.79 35.85
CA ASP B 178 19.51 10.81 37.30
C ASP B 178 18.05 10.86 37.80
N GLY B 179 17.77 10.14 38.87
CA GLY B 179 16.46 10.13 39.45
C GLY B 179 15.47 9.12 38.92
N GLN B 180 15.76 8.51 37.77
CA GLN B 180 14.82 7.57 37.17
C GLN B 180 14.76 6.27 37.98
N ALA B 181 13.59 5.67 37.97
CA ALA B 181 13.33 4.42 38.68
C ALA B 181 13.32 3.26 37.65
N TRP B 182 12.16 2.95 37.09
CA TRP B 182 12.09 1.93 36.04
C TRP B 182 12.91 2.42 34.83
N ASP B 183 13.40 1.46 34.05
CA ASP B 183 14.14 1.75 32.84
C ASP B 183 14.14 0.49 31.98
N ALA B 184 14.39 0.68 30.68
CA ALA B 184 14.54 -0.42 29.73
C ALA B 184 15.54 0.04 28.69
N VAL B 185 16.37 -0.89 28.21
CA VAL B 185 17.07 -0.68 26.96
C VAL B 185 16.48 -1.67 25.98
N GLY B 186 16.31 -1.26 24.74
CA GLY B 186 15.61 -2.07 23.76
C GLY B 186 14.28 -2.57 24.35
N PRO B 187 14.05 -3.88 24.35
CA PRO B 187 14.98 -4.92 23.90
C PRO B 187 14.93 -5.18 22.40
N GLY B 188 16.03 -5.71 21.86
CA GLY B 188 16.02 -6.15 20.46
C GLY B 188 17.37 -5.87 19.81
N ASN B 189 17.60 -4.64 19.39
CA ASN B 189 18.90 -4.33 18.77
C ASN B 189 19.11 -2.84 18.66
N GLY B 190 20.38 -2.46 18.57
CA GLY B 190 20.74 -1.15 18.09
C GLY B 190 21.30 -1.21 16.68
N ILE B 191 21.76 -0.07 16.18
CA ILE B 191 22.19 0.07 14.81
C ILE B 191 23.50 0.83 14.69
N LYS B 192 24.14 0.66 13.55
CA LYS B 192 25.30 1.47 13.15
C LYS B 192 24.86 2.31 11.95
N LEU B 193 25.04 3.63 12.05
CA LEU B 193 24.61 4.54 10.98
C LEU B 193 25.61 4.55 9.85
N SER B 194 25.15 5.01 8.70
CA SER B 194 25.98 5.14 7.53
C SER B 194 27.20 6.01 7.82
N THR B 195 27.02 6.98 8.72
CA THR B 195 28.09 7.88 9.19
C THR B 195 28.93 7.33 10.35
N GLY B 196 28.63 6.10 10.82
CA GLY B 196 29.53 5.40 11.73
C GLY B 196 29.15 5.41 13.21
N GLU B 197 28.19 6.26 13.59
CA GLU B 197 27.77 6.32 15.01
C GLU B 197 26.90 5.07 15.31
N LEU B 198 26.87 4.69 16.57
CA LEU B 198 25.99 3.64 17.02
C LEU B 198 24.81 4.26 17.72
N VAL B 199 23.60 3.69 17.52
CA VAL B 199 22.40 4.19 18.17
C VAL B 199 21.68 3.00 18.79
N ILE B 200 21.49 3.12 20.11
CA ILE B 200 20.78 2.15 20.91
C ILE B 200 19.49 2.77 21.41
N PRO B 201 18.34 2.11 21.13
CA PRO B 201 17.08 2.61 21.66
C PRO B 201 16.90 2.24 23.14
N ALA B 202 16.41 3.20 23.91
CA ALA B 202 16.12 2.99 25.33
C ALA B 202 14.89 3.78 25.74
N GLN B 203 14.45 3.59 26.98
CA GLN B 203 13.29 4.28 27.49
C GLN B 203 13.57 5.81 27.48
N GLY B 204 12.72 6.55 26.77
CA GLY B 204 12.76 8.00 26.80
C GLY B 204 14.01 8.63 26.18
N ARG B 205 14.83 7.84 25.48
CA ARG B 205 16.08 8.34 24.96
C ARG B 205 16.74 7.40 23.99
N ASN B 206 17.66 7.94 23.19
CA ASN B 206 18.61 7.12 22.47
C ASN B 206 19.94 7.18 23.21
N ILE B 207 20.71 6.11 23.06
CA ILE B 207 22.04 6.04 23.59
C ILE B 207 22.96 6.02 22.36
N ILE B 208 23.88 6.98 22.29
CA ILE B 208 24.65 7.24 21.08
C ILE B 208 26.10 6.96 21.33
N GLY B 209 26.65 6.09 20.50
CA GLY B 209 28.05 5.68 20.63
C GLY B 209 28.86 6.34 19.53
N ARG B 210 29.94 7.02 19.94
CA ARG B 210 30.79 7.70 19.00
C ARG B 210 32.25 7.32 19.24
N GLY B 211 33.06 7.45 18.20
CA GLY B 211 34.46 7.03 18.32
C GLY B 211 34.81 6.07 17.23
N PRO B 212 36.11 5.71 17.13
CA PRO B 212 36.53 4.64 16.25
C PRO B 212 35.80 3.35 16.57
N SER B 213 35.60 2.52 15.55
CA SER B 213 34.96 1.21 15.73
C SER B 213 35.68 0.45 16.86
N GLY B 214 34.90 -0.05 17.82
CA GLY B 214 35.47 -0.82 18.91
C GLY B 214 36.06 -0.03 20.06
N ASN B 215 36.08 1.30 19.96
CA ASN B 215 36.50 2.16 21.06
C ASN B 215 35.57 3.35 21.22
N ARG B 216 34.37 3.03 21.66
CA ARG B 216 33.30 3.98 21.69
C ARG B 216 33.14 4.61 23.05
N THR B 217 32.61 5.82 23.02
CA THR B 217 32.19 6.51 24.22
C THR B 217 30.75 6.93 23.95
N TRP B 218 29.93 6.83 24.98
CA TRP B 218 28.48 6.88 24.82
C TRP B 218 27.90 8.08 25.50
N SER B 219 26.83 8.62 24.92
CA SER B 219 26.09 9.71 25.52
C SER B 219 24.60 9.45 25.37
N MET B 220 23.78 10.22 26.05
CA MET B 220 22.31 10.17 25.90
C MET B 220 21.79 11.24 24.97
N GLN B 221 20.81 10.84 24.15
CA GLN B 221 19.97 11.76 23.43
C GLN B 221 18.57 11.65 24.04
N ILE B 222 18.21 12.61 24.89
CA ILE B 222 16.94 12.58 25.59
C ILE B 222 15.83 12.95 24.60
N LEU B 223 14.75 12.17 24.62
CA LEU B 223 13.69 12.34 23.67
C LEU B 223 12.43 12.76 24.40
N LYS B 224 11.59 13.51 23.68
CA LYS B 224 10.28 13.85 24.19
C LYS B 224 9.25 12.94 23.62
N GLY B 225 8.48 12.29 24.48
CA GLY B 225 7.36 11.47 24.07
C GLY B 225 7.71 10.07 23.58
N ALA B 226 8.96 9.65 23.74
CA ALA B 226 9.35 8.30 23.37
C ALA B 226 8.77 7.25 24.35
N GLY B 227 8.65 6.03 23.88
CA GLY B 227 8.22 4.93 24.71
C GLY B 227 9.34 4.33 25.54
N SER B 228 8.97 3.31 26.31
CA SER B 228 9.90 2.59 27.15
C SER B 228 10.68 1.57 26.33
N GLU B 229 9.98 0.81 25.48
CA GLU B 229 10.60 -0.18 24.61
C GLU B 229 10.57 0.29 23.18
N GLY B 230 11.70 0.78 22.74
CA GLY B 230 11.82 1.34 21.42
C GLY B 230 12.58 0.49 20.44
N THR B 231 12.36 0.77 19.15
CA THR B 231 13.18 0.31 18.08
C THR B 231 13.75 1.51 17.35
N ILE B 232 14.92 1.33 16.78
CA ILE B 232 15.58 2.35 16.02
C ILE B 232 15.96 1.77 14.67
N CYS B 233 15.86 2.60 13.65
CA CYS B 233 16.52 2.26 12.37
C CYS B 233 16.81 3.51 11.60
N GLN B 234 17.74 3.36 10.65
CA GLN B 234 18.11 4.46 9.77
C GLN B 234 17.39 4.12 8.46
N THR B 235 16.46 4.97 8.09
CA THR B 235 15.62 4.74 6.91
C THR B 235 16.41 5.11 5.67
N PRO B 236 15.91 4.73 4.48
CA PRO B 236 16.76 4.92 3.28
C PRO B 236 17.15 6.38 3.01
N ASP B 237 16.32 7.33 3.43
CA ASP B 237 16.64 8.74 3.32
C ASP B 237 17.79 9.20 4.22
N GLY B 238 18.26 8.31 5.09
CA GLY B 238 19.37 8.60 5.98
C GLY B 238 18.96 9.10 7.36
N LYS B 239 17.66 9.34 7.55
CA LYS B 239 17.13 9.83 8.80
C LYS B 239 16.98 8.69 9.80
N LEU B 240 16.89 9.06 11.09
CA LEU B 240 16.62 8.08 12.13
C LEU B 240 15.11 7.96 12.29
N MET B 241 14.68 6.78 12.73
CA MET B 241 13.29 6.56 13.09
C MET B 241 13.21 5.76 14.38
N ARG B 242 12.38 6.24 15.33
CA ARG B 242 11.99 5.47 16.49
C ARG B 242 10.61 4.90 16.24
N ASN B 243 10.47 3.59 16.36
CA ASN B 243 9.17 2.96 16.25
C ASN B 243 8.97 2.18 17.55
N ASP B 244 8.09 2.69 18.39
CA ASP B 244 8.06 2.30 19.81
C ASP B 244 6.77 1.62 20.18
N ARG B 245 6.89 0.77 21.19
CA ARG B 245 5.73 0.17 21.83
C ARG B 245 4.96 1.28 22.54
N PRO B 246 3.64 1.36 22.29
CA PRO B 246 2.83 2.39 22.93
C PRO B 246 2.53 2.04 24.38
N GLY B 247 2.15 3.05 25.16
CA GLY B 247 1.60 2.82 26.50
C GLY B 247 0.24 2.20 26.37
N PRO B 248 -0.72 2.96 25.81
CA PRO B 248 -2.03 2.33 25.54
C PRO B 248 -1.98 1.38 24.38
N MET B 249 -2.72 0.26 24.48
CA MET B 249 -2.86 -0.66 23.38
C MET B 249 -3.49 0.09 22.23
N GLY B 250 -3.09 -0.25 21.02
CA GLY B 250 -3.69 0.35 19.83
C GLY B 250 -2.75 0.28 18.66
N HIS B 251 -1.77 1.19 18.63
CA HIS B 251 -0.86 1.28 17.52
C HIS B 251 0.56 1.69 17.94
N ARG B 252 1.51 1.40 17.07
CA ARG B 252 2.89 1.80 17.27
C ARG B 252 2.98 3.32 17.32
N SER B 253 3.96 3.82 18.07
CA SER B 253 4.20 5.25 18.22
C SER B 253 5.54 5.56 17.56
N VAL B 254 5.52 6.49 16.58
CA VAL B 254 6.65 6.68 15.68
C VAL B 254 7.10 8.14 15.63
N ALA B 255 8.42 8.33 15.59
CA ALA B 255 9.03 9.63 15.40
C ALA B 255 10.22 9.51 14.46
N ARG B 256 10.52 10.59 13.74
CA ARG B 256 11.65 10.61 12.79
C ARG B 256 12.51 11.83 13.01
N GLY B 257 13.78 11.73 12.65
CA GLY B 257 14.69 12.85 12.82
C GLY B 257 16.13 12.48 12.52
N THR B 258 17.05 13.06 13.27
CA THR B 258 18.48 12.89 13.08
C THR B 258 19.15 12.83 14.47
N LEU B 259 20.48 12.71 14.48
CA LEU B 259 21.24 12.81 15.74
C LEU B 259 21.09 14.16 16.42
N ALA B 260 20.66 15.18 15.69
CA ALA B 260 20.41 16.49 16.27
C ALA B 260 19.05 16.59 16.97
N GLY B 261 18.17 15.61 16.78
CA GLY B 261 16.87 15.60 17.43
C GLY B 261 15.81 14.91 16.61
N LEU B 262 14.81 14.39 17.31
CA LEU B 262 13.66 13.76 16.68
C LEU B 262 12.48 14.69 16.74
N GLY B 263 11.61 14.57 15.74
CA GLY B 263 10.31 15.24 15.75
C GLY B 263 9.38 14.60 16.75
N PRO B 264 8.13 15.06 16.80
CA PRO B 264 7.17 14.47 17.73
C PRO B 264 6.83 13.00 17.42
N PHE B 265 6.59 12.24 18.46
CA PHE B 265 5.99 10.93 18.31
C PHE B 265 4.53 11.08 18.00
N ALA B 266 4.04 10.28 17.08
CA ALA B 266 2.59 10.16 16.87
C ALA B 266 2.24 8.73 16.57
N THR B 267 1.00 8.37 16.91
CA THR B 267 0.46 7.06 16.60
C THR B 267 0.51 6.80 15.09
N ASP B 268 0.86 5.58 14.72
CA ASP B 268 0.90 5.17 13.31
C ASP B 268 -0.25 4.22 13.09
N ASN B 269 -1.33 4.74 12.49
CA ASN B 269 -2.55 3.92 12.36
C ASN B 269 -2.40 2.76 11.37
N GLY B 270 -1.33 2.73 10.60
CA GLY B 270 -1.00 1.57 9.78
C GLY B 270 -0.43 0.37 10.51
N LEU B 271 -0.03 0.55 11.77
CA LEU B 271 0.70 -0.50 12.49
C LEU B 271 0.06 -0.79 13.81
N PRO B 272 -1.06 -1.55 13.80
CA PRO B 272 -1.68 -1.93 15.06
C PRO B 272 -0.73 -2.70 15.96
N ASP B 273 -0.92 -2.56 17.26
CA ASP B 273 -0.02 -3.15 18.24
C ASP B 273 -0.74 -3.23 19.56
N PRO B 274 -0.57 -4.34 20.31
CA PRO B 274 -1.28 -4.56 21.54
C PRO B 274 -0.56 -4.09 22.81
N ALA B 275 0.26 -3.04 22.68
CA ALA B 275 1.25 -2.65 23.70
C ALA B 275 2.18 -3.82 23.97
N CYS B 276 2.98 -4.11 22.95
CA CYS B 276 3.98 -5.18 23.00
C CYS B 276 5.21 -4.74 22.23
N GLN B 277 6.34 -5.36 22.54
CA GLN B 277 7.57 -5.03 21.86
C GLN B 277 7.41 -5.45 20.38
N GLY B 278 8.12 -4.74 19.52
CA GLY B 278 8.23 -5.10 18.12
C GLY B 278 9.69 -5.00 17.69
N SER B 279 9.94 -5.34 16.43
CA SER B 279 11.28 -5.25 15.88
C SER B 279 11.27 -4.66 14.47
N ILE B 280 12.41 -4.10 14.08
CA ILE B 280 12.50 -3.44 12.78
C ILE B 280 13.91 -3.62 12.26
N LEU B 281 14.05 -3.65 10.95
CA LEU B 281 15.32 -3.92 10.32
C LEU B 281 15.46 -3.20 8.97
N SER B 282 16.53 -2.45 8.83
CA SER B 282 16.94 -1.96 7.52
C SER B 282 17.56 -3.09 6.75
N TYR B 283 16.83 -3.61 5.79
CA TYR B 283 17.25 -4.81 5.08
C TYR B 283 18.33 -4.48 4.03
N ASN B 284 18.10 -3.42 3.26
CA ASN B 284 19.06 -2.96 2.26
C ASN B 284 18.78 -1.51 1.95
N SER B 285 19.82 -0.77 1.61
CA SER B 285 19.74 0.64 1.27
C SER B 285 19.80 0.91 -0.24
N ASP B 286 20.32 -0.05 -1.01
CA ASP B 286 20.31 0.02 -2.47
C ASP B 286 18.90 -0.22 -3.06
N GLU B 287 18.77 -0.01 -4.37
CA GLU B 287 17.45 0.01 -4.99
C GLU B 287 16.94 -1.42 -5.23
N PRO B 288 15.69 -1.75 -4.88
CA PRO B 288 14.79 -0.90 -4.11
C PRO B 288 15.03 -1.08 -2.58
N ALA B 289 15.13 0.04 -1.85
CA ALA B 289 15.43 0.02 -0.43
C ALA B 289 14.25 -0.55 0.34
N ARG B 290 14.53 -1.38 1.35
CA ARG B 290 13.49 -2.07 2.09
C ARG B 290 13.74 -1.97 3.60
N THR B 291 12.67 -1.65 4.31
CA THR B 291 12.62 -1.70 5.76
C THR B 291 11.66 -2.81 6.15
N ILE B 292 12.06 -3.68 7.09
CA ILE B 292 11.22 -4.80 7.54
C ILE B 292 10.74 -4.51 8.94
N PHE B 293 9.48 -4.80 9.23
CA PHE B 293 8.90 -4.57 10.54
C PHE B 293 8.17 -5.86 10.97
N MET B 294 8.28 -6.18 12.26
CA MET B 294 7.63 -7.34 12.84
C MET B 294 7.01 -6.98 14.18
N ASN B 295 5.73 -7.38 14.39
CA ASN B 295 5.07 -7.20 15.64
C ASN B 295 3.81 -8.06 15.62
N SER B 296 3.02 -7.98 16.67
CA SER B 296 1.69 -8.58 16.65
C SER B 296 0.71 -7.53 16.10
N ALA B 297 0.21 -7.78 14.90
CA ALA B 297 -0.62 -6.82 14.19
C ALA B 297 -2.07 -6.92 14.69
N SER B 298 -2.27 -6.41 15.89
CA SER B 298 -3.56 -6.50 16.59
C SER B 298 -3.56 -5.43 17.67
N THR B 299 -4.71 -4.87 17.97
CA THR B 299 -4.82 -3.91 19.06
C THR B 299 -4.96 -4.59 20.40
N ASP B 300 -5.13 -5.91 20.46
CA ASP B 300 -5.41 -6.54 21.75
C ASP B 300 -4.79 -7.89 22.03
N ARG B 301 -4.21 -8.58 21.06
CA ARG B 301 -3.51 -9.82 21.36
C ARG B 301 -2.11 -9.89 20.71
N ARG B 302 -1.29 -10.76 21.29
CA ARG B 302 0.10 -11.01 20.82
C ARG B 302 0.26 -12.14 19.81
N THR B 303 -0.85 -12.81 19.48
CA THR B 303 -0.83 -14.00 18.63
C THR B 303 -1.14 -13.70 17.14
N ALA B 304 -0.99 -12.45 16.74
CA ALA B 304 -1.19 -12.04 15.37
C ALA B 304 0.09 -11.55 14.71
N MET B 305 1.18 -12.31 14.88
CA MET B 305 2.50 -11.89 14.38
C MET B 305 2.46 -11.67 12.86
N ARG B 306 3.00 -10.55 12.42
CA ARG B 306 2.99 -10.13 11.05
C ARG B 306 4.36 -9.54 10.73
N VAL B 307 4.96 -9.93 9.63
CA VAL B 307 6.15 -9.32 9.12
C VAL B 307 5.79 -8.54 7.86
N ARG B 308 6.33 -7.33 7.74
CA ARG B 308 5.94 -6.41 6.68
C ARG B 308 7.15 -5.75 6.06
N ILE B 309 7.00 -5.29 4.81
CA ILE B 309 8.03 -4.52 4.12
C ILE B 309 7.53 -3.11 3.83
N SER B 310 8.41 -2.13 3.99
CA SER B 310 8.17 -0.79 3.47
C SER B 310 9.24 -0.49 2.42
N TYR B 311 8.80 0.08 1.30
CA TYR B 311 9.69 0.57 0.25
C TYR B 311 9.89 2.11 0.34
N ASP B 312 9.27 2.75 1.30
CA ASP B 312 9.32 4.21 1.42
C ASP B 312 10.68 4.69 1.95
N LYS B 313 11.15 5.83 1.45
CA LYS B 313 12.42 6.38 1.86
C LYS B 313 12.42 6.78 3.35
N ASP B 314 11.24 6.98 3.92
CA ASP B 314 11.07 7.31 5.34
C ASP B 314 10.27 6.22 6.07
N ALA B 315 10.11 5.07 5.42
CA ALA B 315 9.31 3.95 5.91
C ALA B 315 7.89 4.36 6.38
N ALA B 316 7.26 5.31 5.68
CA ALA B 316 5.96 5.82 6.13
C ALA B 316 4.90 4.73 6.15
N LYS B 317 4.91 3.90 5.11
CA LYS B 317 3.87 2.90 4.90
C LYS B 317 4.43 1.52 4.66
N PHE B 318 3.86 0.54 5.35
CA PHE B 318 4.22 -0.85 5.20
C PHE B 318 3.10 -1.60 4.51
N ASN B 319 3.45 -2.71 3.87
CA ASN B 319 2.43 -3.54 3.23
C ASN B 319 1.73 -4.40 4.29
N PHE B 320 0.70 -5.13 3.86
CA PHE B 320 0.05 -6.09 4.73
C PHE B 320 1.09 -7.09 5.25
N GLY B 321 1.92 -7.53 4.33
CA GLY B 321 3.01 -8.45 4.60
C GLY B 321 2.50 -9.86 4.70
N ARG B 322 2.95 -10.56 5.74
CA ARG B 322 2.56 -11.93 5.93
C ARG B 322 2.42 -12.30 7.38
N GLU B 323 1.32 -13.01 7.67
CA GLU B 323 1.06 -13.56 8.97
C GLU B 323 1.95 -14.77 9.20
N LEU B 324 2.66 -14.81 10.34
CA LEU B 324 3.57 -15.91 10.57
C LEU B 324 2.81 -17.24 10.74
N LYS B 325 1.52 -17.19 11.08
CA LYS B 325 0.75 -18.42 11.18
C LYS B 325 0.57 -19.12 9.82
N ASP B 326 0.89 -18.44 8.72
CA ASP B 326 0.95 -19.11 7.42
C ASP B 326 2.04 -20.17 7.35
N ALA B 327 3.02 -20.13 8.25
CA ALA B 327 4.01 -21.18 8.36
C ALA B 327 4.10 -21.56 9.84
N PRO B 328 3.02 -22.19 10.34
CA PRO B 328 2.91 -22.47 11.74
C PRO B 328 3.83 -23.58 12.19
N LEU B 329 4.16 -23.56 13.47
CA LEU B 329 5.05 -24.54 13.99
C LEU B 329 4.30 -25.26 15.10
N GLY B 330 4.28 -26.58 15.00
CA GLY B 330 3.67 -27.38 16.02
C GLY B 330 4.69 -27.63 17.13
N ASN B 331 4.19 -28.03 18.27
CA ASN B 331 5.04 -28.45 19.37
C ASN B 331 5.88 -27.32 20.00
N VAL B 332 5.38 -26.08 19.94
CA VAL B 332 6.04 -24.96 20.63
C VAL B 332 5.09 -24.04 21.38
N GLY B 333 3.84 -24.46 21.59
CA GLY B 333 2.83 -23.60 22.19
C GLY B 333 2.26 -22.59 21.20
N ASN B 334 1.66 -21.53 21.74
CA ASN B 334 0.99 -20.50 20.96
C ASN B 334 1.99 -19.40 20.63
N GLU B 335 2.38 -19.33 19.36
CA GLU B 335 3.40 -18.35 18.92
C GLU B 335 2.88 -16.93 18.98
N GLY B 336 3.74 -16.05 19.50
CA GLY B 336 3.51 -14.61 19.44
C GLY B 336 4.05 -13.89 20.64
N GLY B 337 4.58 -12.70 20.39
CA GLY B 337 5.04 -11.84 21.49
C GLY B 337 6.23 -11.02 20.99
N TYR B 338 7.23 -10.85 21.84
CA TYR B 338 8.43 -10.07 21.47
C TYR B 338 9.17 -10.76 20.34
N SER B 339 9.93 -10.00 19.55
CA SER B 339 10.61 -10.51 18.41
C SER B 339 11.89 -9.76 18.14
N SER B 340 12.74 -10.35 17.32
CA SER B 340 13.97 -9.69 16.88
C SER B 340 14.38 -10.21 15.51
N MET B 341 14.87 -9.32 14.65
CA MET B 341 15.26 -9.73 13.30
C MET B 341 16.68 -9.32 12.94
N THR B 342 17.31 -10.17 12.13
CA THR B 342 18.59 -9.87 11.50
C THR B 342 18.53 -10.32 10.01
N LYS B 343 19.47 -9.83 9.22
CA LYS B 343 19.63 -10.33 7.86
C LYS B 343 20.77 -11.34 7.90
N THR B 344 20.60 -12.49 7.28
CA THR B 344 21.63 -13.51 7.24
C THR B 344 22.49 -13.35 5.98
N SER B 345 23.65 -14.00 5.99
CA SER B 345 24.59 -13.93 4.86
C SER B 345 23.98 -14.47 3.57
N ASP B 346 23.06 -15.43 3.69
CA ASP B 346 22.37 -16.01 2.52
C ASP B 346 21.04 -15.32 2.16
N TYR B 347 20.95 -14.01 2.39
CA TYR B 347 19.79 -13.21 1.98
C TYR B 347 18.48 -13.75 2.48
N LYS B 348 18.43 -14.05 3.78
CA LYS B 348 17.20 -14.35 4.46
C LYS B 348 17.03 -13.34 5.60
N ILE B 349 15.80 -13.22 6.05
CA ILE B 349 15.51 -12.59 7.32
C ILE B 349 15.53 -13.72 8.33
N GLY B 350 16.25 -13.53 9.43
CA GLY B 350 16.23 -14.46 10.55
C GLY B 350 15.54 -13.78 11.70
N ALA B 351 14.51 -14.40 12.27
CA ALA B 351 13.68 -13.76 13.28
C ALA B 351 13.54 -14.67 14.48
N LEU B 352 13.72 -14.11 15.67
CA LEU B 352 13.34 -14.82 16.87
C LEU B 352 11.98 -14.33 17.26
N VAL B 353 11.12 -15.27 17.67
CA VAL B 353 9.75 -14.97 18.09
C VAL B 353 9.37 -15.77 19.32
N GLU B 354 8.88 -15.09 20.33
CA GLU B 354 8.36 -15.71 21.55
C GLU B 354 7.17 -16.61 21.24
N SER B 355 7.04 -17.64 22.06
CA SER B 355 5.87 -18.55 22.04
C SER B 355 5.54 -18.97 23.47
N ASP B 356 4.26 -19.24 23.75
CA ASP B 356 3.75 -19.43 25.08
C ASP B 356 2.95 -20.74 25.14
N TRP B 357 3.39 -21.69 25.96
CA TRP B 357 2.69 -22.96 26.12
C TRP B 357 1.36 -22.79 26.83
N TYR B 358 1.25 -21.73 27.62
CA TYR B 358 -0.04 -21.28 28.15
C TYR B 358 -0.69 -22.33 29.10
N GLU B 359 0.11 -23.17 29.75
CA GLU B 359 -0.45 -24.28 30.56
C GLU B 359 -1.19 -23.83 31.82
N ASP B 360 -0.78 -22.68 32.36
CA ASP B 360 -1.28 -22.06 33.60
C ASP B 360 -2.00 -20.79 33.11
N LYS B 361 -2.40 -20.80 31.83
CA LYS B 361 -3.02 -19.64 31.17
C LYS B 361 -2.04 -18.45 31.27
N GLY B 362 -2.52 -17.29 31.73
CA GLY B 362 -1.68 -16.11 31.91
C GLY B 362 -0.81 -16.16 33.17
N GLY B 363 -0.94 -17.24 33.95
CA GLY B 363 -0.17 -17.37 35.19
C GLY B 363 1.34 -17.54 35.01
N GLU B 364 2.08 -17.41 36.10
CA GLU B 364 3.55 -17.38 36.05
C GLU B 364 4.19 -18.73 35.72
N LYS B 365 3.43 -19.83 35.84
CA LYS B 365 3.93 -21.16 35.58
C LYS B 365 3.87 -21.60 34.11
N SER B 366 3.25 -20.81 33.23
CA SER B 366 3.18 -21.16 31.83
C SER B 366 4.57 -21.04 31.21
N HIS B 367 5.03 -22.10 30.55
CA HIS B 367 6.36 -22.15 29.96
C HIS B 367 6.43 -21.36 28.67
N ARG B 368 7.54 -20.64 28.50
CA ARG B 368 7.73 -19.80 27.34
C ARG B 368 8.99 -20.23 26.62
N CYS B 369 8.91 -20.32 25.31
CA CYS B 369 10.04 -20.71 24.51
C CYS B 369 10.22 -19.70 23.36
N ILE B 370 11.32 -19.83 22.62
CA ILE B 370 11.57 -18.92 21.51
C ILE B 370 11.86 -19.66 20.21
N ILE B 371 11.16 -19.25 19.17
CA ILE B 371 11.27 -19.83 17.84
C ILE B 371 12.26 -19.07 16.99
N TRP B 372 13.07 -19.78 16.22
CA TRP B 372 13.88 -19.17 15.18
C TRP B 372 13.25 -19.45 13.81
N ARG B 373 12.94 -18.40 13.09
CA ARG B 373 12.42 -18.43 11.75
C ARG B 373 13.43 -17.86 10.78
N ARG B 374 13.53 -18.47 9.60
CA ARG B 374 14.16 -17.78 8.49
C ARG B 374 13.18 -17.79 7.30
N PHE B 375 13.18 -16.69 6.57
CA PHE B 375 12.33 -16.55 5.39
C PHE B 375 12.97 -15.56 4.45
N ASN B 376 12.62 -15.67 3.17
CA ASN B 376 13.14 -14.74 2.20
C ASN B 376 12.09 -13.71 1.91
N LEU B 377 12.50 -12.68 1.17
CA LEU B 377 11.59 -11.59 0.82
C LEU B 377 10.36 -12.13 0.09
N SER B 378 10.59 -13.10 -0.79
CA SER B 378 9.51 -13.75 -1.56
C SER B 378 8.41 -14.30 -0.67
N TRP B 379 8.81 -14.98 0.41
CA TRP B 379 7.83 -15.49 1.35
C TRP B 379 6.93 -14.36 1.88
N ILE B 380 7.51 -13.19 2.14
CA ILE B 380 6.72 -12.07 2.61
C ILE B 380 5.87 -11.53 1.45
N ILE B 381 6.54 -11.19 0.36
CA ILE B 381 5.92 -10.52 -0.81
C ILE B 381 4.69 -11.31 -1.31
N ASN B 382 4.81 -12.62 -1.41
CA ASN B 382 3.77 -13.46 -1.97
C ASN B 382 2.77 -13.99 -0.96
N GLY B 383 2.70 -13.38 0.22
CA GLY B 383 1.68 -13.74 1.18
C GLY B 383 0.29 -13.54 0.58
N PRO B 384 -0.69 -14.37 0.97
CA PRO B 384 -2.00 -14.40 0.32
C PRO B 384 -2.70 -13.06 0.35
N ASN B 385 -2.50 -12.28 1.42
CA ASN B 385 -3.02 -10.92 1.47
C ASN B 385 -1.84 -9.99 1.20
N ASP C 4 -10.17 10.21 7.20
CA ASP C 4 -11.26 9.55 6.42
C ASP C 4 -11.51 8.17 6.99
N PRO C 5 -12.72 7.93 7.54
CA PRO C 5 -12.98 6.62 8.14
C PRO C 5 -12.88 5.44 7.18
N ALA C 6 -13.08 5.68 5.89
CA ALA C 6 -12.97 4.59 4.91
C ALA C 6 -11.53 4.04 4.82
N GLY C 7 -10.55 4.85 5.22
CA GLY C 7 -9.14 4.49 5.21
C GLY C 7 -8.72 3.45 6.24
N LYS C 8 -9.64 3.12 7.16
CA LYS C 8 -9.41 2.10 8.19
C LYS C 8 -9.57 0.69 7.63
N ALA C 9 -10.37 0.55 6.55
CA ALA C 9 -10.70 -0.75 6.03
C ALA C 9 -9.47 -1.40 5.40
N ALA C 10 -9.56 -2.71 5.24
CA ALA C 10 -8.57 -3.45 4.52
C ALA C 10 -8.61 -2.96 3.06
N GLN C 11 -7.43 -2.78 2.47
CA GLN C 11 -7.33 -2.39 1.05
C GLN C 11 -7.89 -3.49 0.18
N TYR C 12 -8.62 -3.13 -0.87
CA TYR C 12 -9.15 -4.11 -1.81
C TYR C 12 -8.88 -3.60 -3.21
N HIS C 13 -8.35 -4.47 -4.06
CA HIS C 13 -8.25 -4.17 -5.50
C HIS C 13 -8.32 -5.48 -6.26
N LYS C 14 -8.91 -5.42 -7.45
CA LYS C 14 -8.99 -6.56 -8.30
C LYS C 14 -9.12 -6.06 -9.74
N GLU C 15 -8.45 -6.72 -10.67
CA GLU C 15 -8.38 -6.19 -12.04
C GLU C 15 -8.23 -7.31 -13.07
N TYR C 16 -8.91 -7.15 -14.20
CA TYR C 16 -8.78 -8.09 -15.32
C TYR C 16 -9.28 -7.43 -16.59
N ALA C 17 -8.85 -7.93 -17.75
CA ALA C 17 -9.37 -7.45 -19.01
C ALA C 17 -10.86 -7.77 -19.17
N LEU C 18 -11.65 -6.79 -19.58
CA LEU C 18 -13.06 -6.98 -19.79
C LEU C 18 -13.45 -6.94 -21.28
N PHE C 19 -12.74 -6.14 -22.08
CA PHE C 19 -12.92 -6.12 -23.53
C PHE C 19 -11.62 -6.58 -24.15
N ARG C 20 -11.63 -7.79 -24.69
CA ARG C 20 -10.42 -8.47 -25.15
C ARG C 20 -10.27 -8.34 -26.67
N SER C 21 -9.23 -7.66 -27.09
CA SER C 21 -8.93 -7.44 -28.51
C SER C 21 -8.65 -8.74 -29.28
N ALA C 22 -8.74 -8.63 -30.59
CA ALA C 22 -8.71 -9.79 -31.49
C ALA C 22 -7.45 -10.64 -31.39
N ASN C 23 -6.36 -10.03 -30.94
CA ASN C 23 -5.06 -10.70 -30.83
C ASN C 23 -4.94 -11.52 -29.54
N MET C 24 -5.89 -11.31 -28.61
CA MET C 24 -5.84 -11.96 -27.32
C MET C 24 -6.60 -13.31 -27.36
N PRO C 25 -6.21 -14.24 -26.49
CA PRO C 25 -7.01 -15.45 -26.30
C PRO C 25 -8.42 -15.07 -25.88
N SER C 26 -9.40 -15.86 -26.31
CA SER C 26 -10.80 -15.61 -25.99
C SER C 26 -11.17 -14.16 -26.32
N PRO C 27 -10.94 -13.73 -27.57
CA PRO C 27 -11.27 -12.34 -27.90
C PRO C 27 -12.79 -12.11 -27.84
N ASP C 28 -13.18 -10.88 -27.55
CA ASP C 28 -14.59 -10.56 -27.54
C ASP C 28 -15.17 -10.38 -28.95
N LYS C 29 -16.22 -11.13 -29.21
CA LYS C 29 -16.98 -11.08 -30.43
C LYS C 29 -18.46 -11.01 -30.13
N LEU C 30 -19.22 -10.52 -31.10
CA LEU C 30 -20.67 -10.54 -31.05
C LEU C 30 -21.15 -11.95 -31.42
N ALA C 31 -22.39 -12.24 -31.08
CA ALA C 31 -23.01 -13.56 -31.33
C ALA C 31 -23.10 -13.84 -32.85
N THR C 32 -23.13 -12.78 -33.64
CA THR C 32 -23.11 -12.87 -35.11
C THR C 32 -21.73 -13.35 -35.66
N GLY C 33 -20.72 -13.42 -34.82
CA GLY C 33 -19.37 -13.76 -35.26
C GLY C 33 -18.46 -12.58 -35.56
N VAL C 34 -19.00 -11.38 -35.52
CA VAL C 34 -18.25 -10.16 -35.71
C VAL C 34 -17.29 -9.91 -34.56
N GLY C 35 -15.99 -9.86 -34.87
CA GLY C 35 -14.99 -9.55 -33.86
C GLY C 35 -14.41 -8.17 -34.11
N PHE C 36 -13.52 -7.76 -33.21
CA PHE C 36 -12.98 -6.40 -33.22
C PHE C 36 -11.50 -6.40 -33.01
N HIS C 37 -10.80 -5.73 -33.92
CA HIS C 37 -9.36 -5.48 -33.76
C HIS C 37 -9.04 -4.89 -32.38
N SER C 38 -9.77 -3.84 -32.03
CA SER C 38 -9.50 -3.08 -30.83
C SER C 38 -10.82 -2.67 -30.16
N PHE C 39 -10.75 -2.51 -28.86
CA PHE C 39 -11.81 -1.83 -28.09
C PHE C 39 -11.22 -0.61 -27.46
N ARG C 40 -11.88 0.53 -27.62
CA ARG C 40 -11.43 1.77 -27.05
C ARG C 40 -12.65 2.55 -26.53
N ILE C 41 -12.39 3.60 -25.78
CA ILE C 41 -13.40 4.61 -25.42
C ILE C 41 -14.45 4.02 -24.48
N PRO C 42 -14.03 3.68 -23.26
CA PRO C 42 -14.92 3.11 -22.27
C PRO C 42 -15.91 4.05 -21.68
N ALA C 43 -17.01 3.48 -21.25
CA ALA C 43 -18.01 4.17 -20.43
C ALA C 43 -18.67 3.18 -19.52
N VAL C 44 -18.81 3.54 -18.25
CA VAL C 44 -19.44 2.57 -17.31
C VAL C 44 -20.42 3.29 -16.37
N VAL C 45 -21.54 2.64 -16.15
CA VAL C 45 -22.54 3.10 -15.15
C VAL C 45 -23.15 1.92 -14.40
N ARG C 46 -23.40 2.16 -13.12
CA ARG C 46 -24.27 1.30 -12.31
C ARG C 46 -25.68 1.79 -12.41
N THR C 47 -26.59 0.87 -12.74
CA THR C 47 -28.01 1.22 -12.86
C THR C 47 -28.62 1.18 -11.46
N ASN C 48 -29.85 1.60 -11.36
CA ASN C 48 -30.53 1.61 -10.07
C ASN C 48 -30.90 0.22 -9.55
N THR C 49 -30.74 -0.84 -10.37
CA THR C 49 -30.83 -2.21 -9.85
C THR C 49 -29.55 -2.70 -9.22
N GLY C 50 -28.43 -2.06 -9.53
CA GLY C 50 -27.11 -2.55 -9.15
C GLY C 50 -26.35 -3.18 -10.30
N ARG C 51 -27.03 -3.44 -11.41
CA ARG C 51 -26.40 -3.98 -12.59
C ARG C 51 -25.36 -2.98 -13.10
N ILE C 52 -24.26 -3.47 -13.63
CA ILE C 52 -23.26 -2.59 -14.23
C ILE C 52 -23.33 -2.72 -15.74
N LEU C 53 -23.37 -1.59 -16.44
CA LEU C 53 -23.36 -1.51 -17.89
C LEU C 53 -22.02 -0.94 -18.32
N ALA C 54 -21.28 -1.70 -19.12
CA ALA C 54 -19.98 -1.28 -19.65
C ALA C 54 -20.06 -1.14 -21.18
N PHE C 55 -19.75 0.05 -21.68
CA PHE C 55 -19.82 0.37 -23.10
C PHE C 55 -18.41 0.63 -23.65
N ALA C 56 -18.25 0.41 -24.95
CA ALA C 56 -16.99 0.72 -25.63
C ALA C 56 -17.23 0.88 -27.12
N GLU C 57 -16.25 1.48 -27.78
CA GLU C 57 -16.18 1.37 -29.25
C GLU C 57 -15.51 0.07 -29.62
N GLY C 58 -16.21 -0.74 -30.40
CA GLY C 58 -15.62 -1.90 -31.05
C GLY C 58 -15.09 -1.44 -32.38
N ARG C 59 -13.77 -1.29 -32.46
CA ARG C 59 -13.17 -0.78 -33.66
C ARG C 59 -12.76 -1.98 -34.52
N ARG C 60 -13.47 -2.16 -35.64
CA ARG C 60 -13.44 -3.45 -36.33
C ARG C 60 -12.10 -3.86 -36.89
N HIS C 61 -11.46 -2.96 -37.62
CA HIS C 61 -10.35 -3.33 -38.50
C HIS C 61 -8.99 -2.87 -38.08
N ASN C 62 -8.94 -1.86 -37.20
CA ASN C 62 -7.72 -1.29 -36.72
C ASN C 62 -8.06 -0.40 -35.53
N ASN C 63 -7.08 0.31 -34.98
CA ASN C 63 -7.34 1.07 -33.75
C ASN C 63 -7.80 2.52 -33.97
N ARG C 64 -8.04 2.91 -35.22
CA ARG C 64 -8.30 4.30 -35.55
C ARG C 64 -9.73 4.70 -35.16
N ASP C 65 -9.89 5.98 -34.90
N ASP C 65 -9.93 5.98 -34.97
CA ASP C 65 -11.18 6.54 -34.50
CA ASP C 65 -11.23 6.48 -34.52
C ASP C 65 -12.32 6.91 -35.65
C ASP C 65 -12.27 6.71 -35.59
N TYR C 66 -11.91 6.43 -36.82
CA TYR C 66 -12.81 6.55 -37.97
C TYR C 66 -12.98 5.18 -38.56
N GLY C 67 -13.82 5.06 -39.57
CA GLY C 67 -14.12 3.77 -40.14
C GLY C 67 -15.23 3.06 -39.44
N ASP C 68 -15.31 1.76 -39.69
CA ASP C 68 -16.43 0.93 -39.23
C ASP C 68 -16.23 0.60 -37.75
N ILE C 69 -16.97 1.32 -36.91
CA ILE C 69 -16.84 1.24 -35.46
C ILE C 69 -18.25 1.03 -34.91
N ASN C 70 -18.42 -0.02 -34.12
CA ASN C 70 -19.73 -0.36 -33.55
C ASN C 70 -19.73 -0.08 -32.08
N LEU C 71 -20.84 0.46 -31.56
CA LEU C 71 -20.91 0.76 -30.14
C LEU C 71 -21.40 -0.52 -29.48
N VAL C 72 -20.52 -1.10 -28.64
CA VAL C 72 -20.77 -2.41 -28.04
C VAL C 72 -20.85 -2.27 -26.53
N TYR C 73 -21.35 -3.32 -25.89
CA TYR C 73 -21.46 -3.32 -24.44
C TYR C 73 -21.52 -4.68 -23.83
N LYS C 74 -21.31 -4.71 -22.52
CA LYS C 74 -21.58 -5.88 -21.70
C LYS C 74 -22.31 -5.42 -20.45
N ARG C 75 -23.10 -6.32 -19.88
CA ARG C 75 -23.72 -6.07 -18.58
C ARG C 75 -23.24 -7.12 -17.59
N THR C 76 -23.24 -6.79 -16.31
CA THR C 76 -23.14 -7.89 -15.33
C THR C 76 -24.37 -8.80 -15.47
N LYS C 77 -24.17 -10.10 -15.27
CA LYS C 77 -25.21 -11.09 -15.51
C LYS C 77 -26.41 -10.92 -14.58
N SER C 78 -26.14 -10.47 -13.36
CA SER C 78 -27.20 -10.16 -12.42
C SER C 78 -27.00 -8.74 -11.91
N PRO C 79 -28.04 -8.18 -11.28
CA PRO C 79 -27.93 -6.88 -10.62
C PRO C 79 -27.07 -6.86 -9.36
N THR C 80 -26.76 -8.04 -8.81
CA THR C 80 -26.11 -8.12 -7.49
C THR C 80 -24.65 -8.56 -7.50
N ASN C 81 -24.10 -9.00 -8.63
CA ASN C 81 -22.75 -9.60 -8.60
C ASN C 81 -21.59 -8.60 -8.63
N ASN C 82 -21.91 -7.33 -8.90
CA ASN C 82 -20.96 -6.23 -8.83
C ASN C 82 -19.72 -6.36 -9.73
N GLY C 83 -19.80 -7.22 -10.74
CA GLY C 83 -18.67 -7.42 -11.66
C GLY C 83 -17.42 -7.89 -10.99
N GLU C 84 -17.60 -8.73 -9.96
CA GLU C 84 -16.45 -9.15 -9.17
C GLU C 84 -15.46 -10.00 -9.95
N ASN C 85 -15.96 -10.96 -10.70
CA ASN C 85 -15.10 -11.88 -11.44
C ASN C 85 -15.43 -11.85 -12.92
N PRO C 86 -14.49 -12.29 -13.77
CA PRO C 86 -14.76 -12.33 -15.21
C PRO C 86 -16.07 -13.02 -15.61
N THR C 87 -16.37 -14.15 -14.97
CA THR C 87 -17.60 -14.88 -15.23
C THR C 87 -18.89 -14.19 -14.75
N ASP C 88 -18.77 -13.06 -14.06
CA ASP C 88 -19.94 -12.28 -13.66
C ASP C 88 -20.51 -11.39 -14.79
N TRP C 89 -19.83 -11.39 -15.93
CA TRP C 89 -20.21 -10.55 -17.04
C TRP C 89 -20.79 -11.32 -18.20
N GLU C 90 -21.82 -10.74 -18.79
CA GLU C 90 -22.44 -11.26 -20.02
C GLU C 90 -21.47 -11.18 -21.17
N SER C 91 -21.74 -11.96 -22.20
CA SER C 91 -20.91 -11.87 -23.39
C SER C 91 -21.23 -10.57 -24.15
N LEU C 92 -20.34 -10.21 -25.08
CA LEU C 92 -20.44 -8.92 -25.79
C LEU C 92 -21.76 -8.78 -26.58
N ARG C 93 -22.36 -7.61 -26.47
CA ARG C 93 -23.54 -7.25 -27.23
C ARG C 93 -23.32 -5.92 -27.95
N GLU C 94 -24.26 -5.58 -28.83
CA GLU C 94 -24.16 -4.36 -29.61
C GLU C 94 -25.30 -3.39 -29.32
N VAL C 95 -24.97 -2.11 -29.09
CA VAL C 95 -26.00 -1.10 -29.04
C VAL C 95 -26.39 -0.72 -30.48
N VAL C 96 -25.42 -0.26 -31.26
CA VAL C 96 -25.65 0.15 -32.64
C VAL C 96 -24.38 -0.11 -33.45
N GLY C 97 -24.55 -0.65 -34.66
CA GLY C 97 -23.39 -0.98 -35.54
C GLY C 97 -23.78 -0.80 -37.02
N THR C 98 -24.83 -0.02 -37.28
CA THR C 98 -25.40 0.01 -38.62
C THR C 98 -24.47 0.65 -39.62
N GLY C 99 -24.29 -0.03 -40.75
CA GLY C 99 -23.44 0.47 -41.83
C GLY C 99 -21.95 0.46 -41.53
N PRO C 100 -21.17 1.11 -42.41
CA PRO C 100 -19.71 1.21 -42.29
C PRO C 100 -19.28 2.42 -41.47
N HIS C 101 -20.23 2.97 -40.71
CA HIS C 101 -20.07 4.29 -40.10
C HIS C 101 -19.37 4.16 -38.76
N THR C 102 -18.99 5.29 -38.21
CA THR C 102 -18.42 5.38 -36.86
C THR C 102 -19.54 5.67 -35.87
N TRP C 103 -19.77 4.74 -34.91
CA TRP C 103 -20.70 4.96 -33.81
C TRP C 103 -19.88 4.87 -32.55
N GLY C 104 -19.86 5.94 -31.75
CA GLY C 104 -18.93 5.98 -30.63
C GLY C 104 -19.19 7.02 -29.59
N ASN C 105 -18.12 7.38 -28.85
CA ASN C 105 -18.20 8.34 -27.77
C ASN C 105 -19.35 7.98 -26.79
N PRO C 106 -19.41 6.73 -26.30
CA PRO C 106 -20.46 6.44 -25.34
C PRO C 106 -20.43 7.36 -24.12
N THR C 107 -21.58 7.98 -23.83
CA THR C 107 -21.74 8.89 -22.75
C THR C 107 -23.09 8.65 -22.06
N PRO C 108 -23.15 7.63 -21.20
CA PRO C 108 -24.40 7.29 -20.54
C PRO C 108 -24.68 8.09 -19.28
N VAL C 109 -25.97 8.15 -18.93
CA VAL C 109 -26.41 8.65 -17.65
C VAL C 109 -27.66 7.90 -17.20
N VAL C 110 -27.69 7.54 -15.93
CA VAL C 110 -28.82 6.81 -15.36
C VAL C 110 -29.82 7.84 -14.80
N ASP C 111 -31.09 7.60 -15.11
CA ASP C 111 -32.17 8.50 -14.72
C ASP C 111 -33.35 7.65 -14.25
N GLY C 112 -33.32 7.31 -12.96
CA GLY C 112 -34.30 6.37 -12.40
C GLY C 112 -34.24 5.03 -13.09
N ASN C 113 -35.34 4.67 -13.76
CA ASN C 113 -35.41 3.40 -14.48
C ASN C 113 -35.14 3.51 -15.96
N THR C 114 -34.67 4.68 -16.40
CA THR C 114 -34.18 4.84 -17.76
C THR C 114 -32.66 5.08 -17.76
N ILE C 115 -31.97 4.41 -18.67
CA ILE C 115 -30.57 4.76 -18.97
C ILE C 115 -30.55 5.44 -20.31
N TYR C 116 -30.06 6.69 -20.32
CA TYR C 116 -29.83 7.42 -21.55
C TYR C 116 -28.39 7.21 -22.00
N LEU C 117 -28.19 6.94 -23.29
CA LEU C 117 -26.81 6.79 -23.80
C LEU C 117 -26.66 7.73 -24.97
N PHE C 118 -25.91 8.81 -24.76
CA PHE C 118 -25.57 9.71 -25.82
C PHE C 118 -24.36 9.15 -26.53
N LEU C 119 -24.30 9.41 -27.83
CA LEU C 119 -23.16 8.94 -28.62
C LEU C 119 -22.91 9.88 -29.81
N SER C 120 -21.71 9.79 -30.35
CA SER C 120 -21.34 10.58 -31.53
C SER C 120 -21.36 9.62 -32.72
N MET C 121 -21.52 10.19 -33.90
CA MET C 121 -21.54 9.38 -35.09
C MET C 121 -20.95 10.18 -36.24
N ASN C 122 -20.20 9.51 -37.12
CA ASN C 122 -19.93 10.10 -38.43
C ASN C 122 -20.10 9.08 -39.53
N ASP C 123 -20.42 9.59 -40.71
CA ASP C 123 -20.46 8.76 -41.91
C ASP C 123 -19.12 8.08 -42.10
N GLY C 124 -19.17 6.83 -42.55
CA GLY C 124 -17.99 6.00 -42.73
C GLY C 124 -16.96 6.49 -43.72
N ALA C 125 -17.32 7.46 -44.55
CA ALA C 125 -16.38 7.96 -45.56
C ALA C 125 -15.59 9.16 -45.04
N TYR C 126 -15.75 9.55 -43.77
CA TYR C 126 -15.16 10.76 -43.27
C TYR C 126 -14.33 10.52 -42.01
N SER C 127 -13.29 11.32 -41.81
CA SER C 127 -12.50 11.31 -40.59
C SER C 127 -12.14 12.70 -40.18
N GLN C 128 -11.72 12.86 -38.93
CA GLN C 128 -11.47 14.17 -38.38
C GLN C 128 -10.47 14.98 -39.26
N ASN C 129 -9.41 14.34 -39.71
CA ASN C 129 -8.38 15.01 -40.48
C ASN C 129 -8.61 14.92 -41.97
N GLY C 130 -9.36 13.90 -42.41
CA GLY C 130 -9.40 13.54 -43.83
C GLY C 130 -8.10 12.89 -44.30
N GLY C 131 -8.16 12.27 -45.48
CA GLY C 131 -7.00 11.67 -46.10
C GLY C 131 -6.52 10.39 -45.49
N ASN C 132 -7.35 9.75 -44.67
CA ASN C 132 -6.94 8.50 -43.99
C ASN C 132 -7.38 7.30 -44.83
N THR C 133 -6.62 6.23 -44.82
CA THR C 133 -6.89 5.08 -45.69
C THR C 133 -7.83 4.08 -45.01
N LEU C 134 -8.92 3.77 -45.69
CA LEU C 134 -9.89 2.81 -45.21
C LEU C 134 -9.51 1.41 -45.69
N PRO C 135 -10.13 0.39 -45.08
CA PRO C 135 -9.75 -1.00 -45.44
C PRO C 135 -9.93 -1.34 -46.91
N ASP C 136 -10.87 -0.72 -47.58
CA ASP C 136 -11.09 -0.97 -49.00
C ASP C 136 -10.16 -0.19 -49.91
N GLY C 137 -9.20 0.54 -49.35
CA GLY C 137 -8.24 1.32 -50.15
C GLY C 137 -8.64 2.77 -50.41
N THR C 138 -9.86 3.12 -50.06
CA THR C 138 -10.35 4.48 -50.28
C THR C 138 -9.75 5.44 -49.23
N LYS C 139 -9.70 6.72 -49.56
CA LYS C 139 -9.27 7.75 -48.60
C LYS C 139 -10.49 8.49 -48.03
N THR C 140 -10.45 8.76 -46.73
CA THR C 140 -11.55 9.51 -46.13
C THR C 140 -11.60 10.97 -46.58
N LYS C 141 -12.77 11.54 -46.58
CA LYS C 141 -12.92 13.00 -46.64
C LYS C 141 -12.85 13.58 -45.24
N LYS C 142 -12.47 14.85 -45.17
CA LYS C 142 -12.40 15.54 -43.90
C LYS C 142 -13.82 15.89 -43.43
N ILE C 143 -14.05 15.65 -42.14
CA ILE C 143 -15.30 15.99 -41.49
C ILE C 143 -15.52 17.48 -41.73
N ASP C 144 -16.74 17.83 -42.12
CA ASP C 144 -17.07 19.21 -42.51
C ASP C 144 -18.43 19.59 -41.95
N SER C 145 -18.98 20.73 -42.38
CA SER C 145 -20.24 21.19 -41.82
C SER C 145 -21.49 20.71 -42.51
N THR C 146 -21.32 19.95 -43.60
CA THR C 146 -22.46 19.40 -44.30
C THR C 146 -23.17 18.34 -43.46
N TRP C 147 -24.44 18.11 -43.73
CA TRP C 147 -25.20 17.12 -43.00
C TRP C 147 -24.56 15.74 -43.14
N VAL C 148 -24.21 15.34 -44.36
CA VAL C 148 -23.53 14.04 -44.55
C VAL C 148 -22.16 13.97 -43.87
N GLY C 149 -21.41 15.07 -43.87
CA GLY C 149 -20.00 15.05 -43.51
C GLY C 149 -19.66 15.51 -42.09
N ARG C 150 -20.66 15.99 -41.35
CA ARG C 150 -20.46 16.43 -39.98
C ARG C 150 -20.56 15.34 -38.95
N ARG C 151 -20.07 15.62 -37.74
CA ARG C 151 -20.30 14.69 -36.64
C ARG C 151 -21.68 14.88 -36.08
N HIS C 152 -22.39 13.77 -35.91
CA HIS C 152 -23.74 13.80 -35.38
C HIS C 152 -23.77 13.40 -33.93
N LEU C 153 -24.90 13.72 -33.29
CA LEU C 153 -25.15 13.42 -31.90
C LEU C 153 -26.43 12.63 -31.80
N TYR C 154 -26.31 11.38 -31.34
CA TYR C 154 -27.43 10.49 -31.19
C TYR C 154 -27.75 10.15 -29.77
N LEU C 155 -29.01 9.79 -29.53
CA LEU C 155 -29.45 9.35 -28.22
C LEU C 155 -30.19 8.01 -28.36
N THR C 156 -29.76 7.03 -27.58
CA THR C 156 -30.50 5.78 -27.45
C THR C 156 -30.85 5.58 -25.99
N THR C 157 -31.93 4.86 -25.73
CA THR C 157 -32.42 4.71 -24.37
C THR C 157 -32.72 3.25 -24.07
N SER C 158 -32.57 2.89 -22.81
CA SER C 158 -33.01 1.60 -22.31
C SER C 158 -33.90 1.79 -21.09
N THR C 159 -35.02 1.09 -21.09
CA THR C 159 -35.90 1.03 -19.92
C THR C 159 -35.97 -0.39 -19.33
N ASP C 160 -35.09 -1.27 -19.77
CA ASP C 160 -35.04 -2.64 -19.23
C ASP C 160 -33.63 -3.00 -18.73
N ASP C 161 -33.02 -2.05 -18.02
CA ASP C 161 -31.78 -2.28 -17.30
C ASP C 161 -30.66 -2.62 -18.29
N GLY C 162 -30.76 -2.02 -19.48
CA GLY C 162 -29.72 -2.15 -20.49
C GLY C 162 -29.83 -3.40 -21.33
N ASP C 163 -30.89 -4.18 -21.13
CA ASP C 163 -31.09 -5.39 -21.95
C ASP C 163 -31.25 -5.06 -23.43
N THR C 164 -32.06 -4.04 -23.72
CA THR C 164 -32.31 -3.58 -25.08
C THR C 164 -32.28 -2.05 -25.16
N TRP C 165 -32.07 -1.57 -26.37
CA TRP C 165 -31.81 -0.16 -26.67
C TRP C 165 -32.70 0.27 -27.80
N THR C 166 -33.28 1.47 -27.68
CA THR C 166 -34.04 2.02 -28.79
C THR C 166 -33.15 2.33 -29.97
N LYS C 167 -33.77 2.35 -31.16
CA LYS C 167 -33.08 2.77 -32.35
C LYS C 167 -32.56 4.18 -32.07
N PRO C 168 -31.26 4.42 -32.29
CA PRO C 168 -30.73 5.74 -31.92
C PRO C 168 -31.41 6.87 -32.64
N VAL C 169 -31.72 7.93 -31.91
CA VAL C 169 -32.36 9.08 -32.48
C VAL C 169 -31.36 10.17 -32.70
N ASP C 170 -31.35 10.72 -33.93
CA ASP C 170 -30.38 11.75 -34.28
C ASP C 170 -30.88 13.06 -33.75
N MET C 171 -30.15 13.63 -32.78
CA MET C 171 -30.55 14.87 -32.17
C MET C 171 -29.65 16.02 -32.55
N THR C 172 -28.83 15.83 -33.59
CA THR C 172 -27.86 16.85 -33.99
C THR C 172 -28.50 18.23 -34.20
N LYS C 173 -29.68 18.25 -34.81
CA LYS C 173 -30.31 19.51 -35.22
C LYS C 173 -30.76 20.38 -34.04
N THR C 174 -30.96 19.77 -32.88
CA THR C 174 -31.30 20.51 -31.66
C THR C 174 -30.23 20.53 -30.59
N LEU C 175 -29.32 19.55 -30.59
CA LEU C 175 -28.32 19.47 -29.48
C LEU C 175 -26.88 19.65 -29.92
N THR C 176 -26.67 20.00 -31.19
CA THR C 176 -25.36 20.47 -31.63
C THR C 176 -25.48 21.83 -32.32
N PRO C 177 -24.52 22.74 -32.06
CA PRO C 177 -24.63 24.02 -32.76
C PRO C 177 -24.66 23.90 -34.29
N ASP C 178 -25.55 24.70 -34.90
CA ASP C 178 -25.60 24.77 -36.36
C ASP C 178 -24.26 25.20 -36.91
N GLY C 179 -23.86 24.59 -38.01
CA GLY C 179 -22.60 24.90 -38.66
C GLY C 179 -21.38 24.17 -38.20
N GLN C 180 -21.50 23.45 -37.06
CA GLN C 180 -20.35 22.75 -36.52
C GLN C 180 -19.99 21.54 -37.40
N ALA C 181 -18.69 21.27 -37.46
CA ALA C 181 -18.14 20.15 -38.20
C ALA C 181 -17.80 19.00 -37.22
N TRP C 182 -16.59 18.99 -36.69
CA TRP C 182 -16.23 17.97 -35.68
C TRP C 182 -17.08 18.22 -34.43
N ASP C 183 -17.30 17.17 -33.66
CA ASP C 183 -18.03 17.23 -32.41
C ASP C 183 -17.69 15.98 -31.59
N ALA C 184 -17.97 16.05 -30.30
CA ALA C 184 -17.79 14.93 -29.37
C ALA C 184 -18.86 15.10 -28.30
N VAL C 185 -19.42 13.98 -27.82
CA VAL C 185 -20.11 13.95 -26.55
C VAL C 185 -19.22 13.10 -25.62
N GLY C 186 -19.13 13.51 -24.37
CA GLY C 186 -18.21 12.87 -23.43
C GLY C 186 -16.81 12.77 -24.06
N PRO C 187 -16.25 11.56 -24.12
CA PRO C 187 -16.88 10.29 -23.72
C PRO C 187 -16.71 9.97 -22.23
N GLY C 188 -17.61 9.15 -21.69
CA GLY C 188 -17.46 8.69 -20.29
C GLY C 188 -18.82 8.56 -19.63
N ASN C 189 -19.36 9.68 -19.17
CA ASN C 189 -20.66 9.66 -18.49
C ASN C 189 -21.21 11.04 -18.33
N GLY C 190 -22.53 11.10 -18.18
CA GLY C 190 -23.23 12.28 -17.71
C GLY C 190 -23.67 12.06 -16.26
N ILE C 191 -24.39 13.05 -15.70
CA ILE C 191 -24.78 13.00 -14.31
C ILE C 191 -26.23 13.42 -14.12
N LYS C 192 -26.77 13.07 -12.96
CA LYS C 192 -28.05 13.56 -12.51
C LYS C 192 -27.81 14.44 -11.28
N LEU C 193 -28.31 15.67 -11.31
CA LEU C 193 -28.10 16.61 -10.22
C LEU C 193 -29.03 16.32 -9.06
N SER C 194 -28.65 16.86 -7.90
CA SER C 194 -29.45 16.68 -6.72
C SER C 194 -30.85 17.27 -6.92
N THR C 195 -30.94 18.29 -7.77
CA THR C 195 -32.22 18.90 -8.19
C THR C 195 -32.93 18.19 -9.36
N GLY C 196 -32.35 17.12 -9.88
CA GLY C 196 -33.05 16.21 -10.80
C GLY C 196 -32.75 16.40 -12.28
N GLU C 197 -32.05 17.48 -12.64
CA GLU C 197 -31.69 17.69 -14.06
C GLU C 197 -30.56 16.72 -14.45
N LEU C 198 -30.49 16.43 -15.73
CA LEU C 198 -29.41 15.61 -16.28
C LEU C 198 -28.44 16.53 -16.97
N VAL C 199 -27.14 16.28 -16.81
CA VAL C 199 -26.12 17.10 -17.45
C VAL C 199 -25.11 16.18 -18.12
N ILE C 200 -24.98 16.37 -19.43
CA ILE C 200 -24.10 15.58 -20.28
C ILE C 200 -23.02 16.51 -20.82
N PRO C 201 -21.73 16.16 -20.60
CA PRO C 201 -20.66 16.97 -21.15
C PRO C 201 -20.48 16.72 -22.64
N ALA C 202 -20.29 17.79 -23.40
CA ALA C 202 -19.99 17.69 -24.84
C ALA C 202 -18.99 18.78 -25.23
N GLN C 203 -18.56 18.73 -26.50
CA GLN C 203 -17.63 19.71 -27.00
C GLN C 203 -18.27 21.10 -26.94
N GLY C 204 -17.60 22.01 -26.23
CA GLY C 204 -18.00 23.42 -26.20
C GLY C 204 -19.33 23.71 -25.52
N ARG C 205 -19.93 22.72 -24.86
CA ARG C 205 -21.27 22.88 -24.29
C ARG C 205 -21.63 21.76 -23.34
N ASN C 206 -22.62 22.02 -22.50
CA ASN C 206 -23.32 20.94 -21.83
C ASN C 206 -24.63 20.67 -22.53
N ILE C 207 -25.09 19.42 -22.44
CA ILE C 207 -26.43 19.06 -22.86
C ILE C 207 -27.23 18.82 -21.57
N ILE C 208 -28.35 19.51 -21.46
CA ILE C 208 -29.14 19.51 -20.23
C ILE C 208 -30.48 18.85 -20.48
N GLY C 209 -30.79 17.88 -19.64
CA GLY C 209 -32.08 17.20 -19.66
C GLY C 209 -32.94 17.67 -18.51
N ARG C 210 -34.16 18.07 -18.82
CA ARG C 210 -35.10 18.50 -17.81
C ARG C 210 -36.44 17.77 -17.96
N GLY C 211 -37.15 17.66 -16.85
CA GLY C 211 -38.44 17.01 -16.81
C GLY C 211 -38.51 15.81 -15.91
N PRO C 212 -39.68 15.13 -15.89
CA PRO C 212 -39.83 13.90 -15.13
C PRO C 212 -38.81 12.85 -15.53
N SER C 213 -38.38 12.05 -14.56
CA SER C 213 -37.41 10.96 -14.81
C SER C 213 -37.94 10.10 -15.97
N GLY C 214 -37.08 9.85 -16.95
CA GLY C 214 -37.43 9.01 -18.08
C GLY C 214 -38.26 9.64 -19.17
N ASN C 215 -38.60 10.92 -18.99
CA ASN C 215 -39.39 11.64 -19.99
C ASN C 215 -38.94 13.06 -20.13
N ARG C 216 -37.71 13.20 -20.64
CA ARG C 216 -37.00 14.43 -20.59
C ARG C 216 -37.06 15.18 -21.87
N THR C 217 -36.81 16.49 -21.79
CA THR C 217 -36.56 17.29 -22.95
C THR C 217 -35.18 17.93 -22.78
N TRP C 218 -34.50 18.08 -23.88
CA TRP C 218 -33.08 18.39 -23.87
C TRP C 218 -32.77 19.70 -24.52
N SER C 219 -31.76 20.39 -24.00
CA SER C 219 -31.31 21.66 -24.58
C SER C 219 -29.83 21.76 -24.46
N MET C 220 -29.23 22.77 -25.11
CA MET C 220 -27.81 23.08 -24.97
C MET C 220 -27.52 24.21 -24.01
N GLN C 221 -26.43 24.05 -23.24
CA GLN C 221 -25.81 25.13 -22.52
C GLN C 221 -24.46 25.41 -23.16
N ILE C 222 -24.38 26.48 -23.96
CA ILE C 222 -23.17 26.79 -24.68
C ILE C 222 -22.13 27.39 -23.74
N LEU C 223 -20.90 26.91 -23.84
CA LEU C 223 -19.86 27.30 -22.91
C LEU C 223 -18.77 28.04 -23.65
N LYS C 224 -18.10 28.92 -22.94
CA LYS C 224 -16.95 29.62 -23.49
C LYS C 224 -15.70 28.97 -22.98
N GLY C 225 -14.82 28.55 -23.88
CA GLY C 225 -13.51 28.04 -23.54
C GLY C 225 -13.47 26.58 -23.07
N ALA C 226 -14.58 25.87 -23.22
CA ALA C 226 -14.63 24.45 -22.86
C ALA C 226 -13.87 23.62 -23.88
N GLY C 227 -13.45 22.45 -23.45
CA GLY C 227 -12.80 21.49 -24.31
C GLY C 227 -13.77 20.69 -25.17
N SER C 228 -13.19 19.83 -26.00
CA SER C 228 -13.92 18.92 -26.83
C SER C 228 -14.40 17.73 -26.02
N GLU C 229 -13.50 17.15 -25.21
CA GLU C 229 -13.82 16.00 -24.37
C GLU C 229 -13.87 16.44 -22.93
N GLY C 230 -15.08 16.62 -22.45
CA GLY C 230 -15.31 17.08 -21.10
C GLY C 230 -15.76 16.02 -20.12
N THR C 231 -15.57 16.33 -18.82
CA THR C 231 -16.23 15.62 -17.76
C THR C 231 -17.07 16.61 -16.97
N ILE C 232 -18.13 16.10 -16.38
CA ILE C 232 -19.02 16.92 -15.59
C ILE C 232 -19.21 16.24 -14.23
N CYS C 233 -19.27 17.07 -13.20
CA CYS C 233 -19.77 16.56 -11.92
C CYS C 233 -20.37 17.69 -11.11
N GLN C 234 -21.19 17.30 -10.15
CA GLN C 234 -21.77 18.23 -9.20
C GLN C 234 -20.93 18.04 -7.92
N THR C 235 -20.23 19.08 -7.55
CA THR C 235 -19.36 19.05 -6.39
C THR C 235 -20.17 19.17 -5.12
N PRO C 236 -19.54 18.92 -3.95
CA PRO C 236 -20.37 18.89 -2.72
C PRO C 236 -21.11 20.19 -2.39
N ASP C 237 -20.58 21.33 -2.83
CA ASP C 237 -21.27 22.61 -2.68
C ASP C 237 -22.53 22.75 -3.54
N GLY C 238 -22.77 21.77 -4.41
CA GLY C 238 -23.93 21.79 -5.28
C GLY C 238 -23.70 22.41 -6.64
N LYS C 239 -22.51 22.97 -6.87
CA LYS C 239 -22.17 23.64 -8.12
C LYS C 239 -21.73 22.60 -9.16
N LEU C 240 -21.79 23.01 -10.43
CA LEU C 240 -21.31 22.16 -11.51
C LEU C 240 -19.81 22.44 -11.69
N MET C 241 -19.14 21.41 -12.20
CA MET C 241 -17.74 21.54 -12.57
C MET C 241 -17.51 20.82 -13.89
N ARG C 242 -16.87 21.51 -14.82
CA ARG C 242 -16.35 20.89 -16.03
C ARG C 242 -14.86 20.69 -15.82
N ASN C 243 -14.39 19.46 -16.01
CA ASN C 243 -12.98 19.18 -15.94
C ASN C 243 -12.63 18.51 -17.25
N ASP C 244 -11.90 19.26 -18.09
CA ASP C 244 -11.82 18.93 -19.53
C ASP C 244 -10.41 18.60 -19.95
N ARG C 245 -10.34 17.77 -20.98
CA ARG C 245 -9.10 17.48 -21.66
C ARG C 245 -8.62 18.79 -22.35
N PRO C 246 -7.35 19.16 -22.14
CA PRO C 246 -6.83 20.37 -22.76
C PRO C 246 -6.53 20.12 -24.27
N GLY C 247 -6.41 21.19 -25.03
CA GLY C 247 -5.87 21.10 -26.40
C GLY C 247 -4.38 20.76 -26.32
N PRO C 248 -3.59 21.72 -25.82
CA PRO C 248 -2.15 21.40 -25.63
C PRO C 248 -1.93 20.46 -24.45
N MET C 249 -0.94 19.58 -24.57
CA MET C 249 -0.54 18.75 -23.46
C MET C 249 -0.13 19.65 -22.28
N GLY C 250 -0.43 19.21 -21.08
CA GLY C 250 0.01 19.93 -19.89
C GLY C 250 -0.85 19.62 -18.69
N HIS C 251 -2.02 20.25 -18.63
CA HIS C 251 -2.90 20.09 -17.49
C HIS C 251 -4.37 20.12 -17.86
N ARG C 252 -5.18 19.56 -16.97
CA ARG C 252 -6.63 19.66 -17.10
C ARG C 252 -7.08 21.10 -17.09
N SER C 253 -8.17 21.37 -17.80
CA SER C 253 -8.74 22.70 -17.91
C SER C 253 -10.12 22.64 -17.22
N VAL C 254 -10.32 23.50 -16.22
CA VAL C 254 -11.44 23.38 -15.30
C VAL C 254 -12.22 24.67 -15.19
N ALA C 255 -13.55 24.52 -15.09
CA ALA C 255 -14.45 25.65 -14.88
C ALA C 255 -15.54 25.21 -13.92
N ARG C 256 -16.10 26.18 -13.19
CA ARG C 256 -17.12 25.90 -12.21
C ARG C 256 -18.27 26.88 -12.35
N GLY C 257 -19.45 26.44 -11.99
CA GLY C 257 -20.62 27.31 -12.06
C GLY C 257 -21.91 26.60 -11.73
N THR C 258 -22.96 26.99 -12.44
CA THR C 258 -24.30 26.44 -12.25
C THR C 258 -24.97 26.25 -13.61
N LEU C 259 -26.22 25.79 -13.59
CA LEU C 259 -27.03 25.72 -14.82
C LEU C 259 -27.24 27.07 -15.49
N ALA C 260 -27.05 28.15 -14.74
CA ALA C 260 -27.15 29.51 -15.28
C ALA C 260 -25.88 29.95 -16.02
N GLY C 261 -24.79 29.21 -15.88
CA GLY C 261 -23.55 29.52 -16.58
C GLY C 261 -22.33 29.09 -15.79
N LEU C 262 -21.25 28.83 -16.52
CA LEU C 262 -19.98 28.51 -15.93
C LEU C 262 -19.06 29.73 -16.01
N GLY C 263 -18.18 29.84 -15.02
CA GLY C 263 -17.10 30.80 -15.03
C GLY C 263 -16.03 30.40 -16.03
N PRO C 264 -14.93 31.14 -16.08
CA PRO C 264 -13.89 30.84 -17.04
C PRO C 264 -13.18 29.50 -16.81
N PHE C 265 -12.78 28.86 -17.89
CA PHE C 265 -11.90 27.73 -17.80
C PHE C 265 -10.51 28.21 -17.53
N ALA C 266 -9.82 27.52 -16.65
CA ALA C 266 -8.39 27.78 -16.43
C ALA C 266 -7.69 26.48 -16.19
N THR C 267 -6.41 26.45 -16.58
CA THR C 267 -5.55 25.31 -16.31
C THR C 267 -5.51 25.03 -14.81
N ASP C 268 -5.54 23.74 -14.46
CA ASP C 268 -5.42 23.29 -13.10
C ASP C 268 -4.06 22.65 -12.94
N ASN C 269 -3.11 23.39 -12.34
CA ASN C 269 -1.73 22.93 -12.26
C ASN C 269 -1.55 21.74 -11.32
N GLY C 270 -2.56 21.43 -10.50
CA GLY C 270 -2.56 20.21 -9.72
C GLY C 270 -2.86 18.93 -10.48
N LEU C 271 -3.34 19.04 -11.73
CA LEU C 271 -3.80 17.86 -12.45
C LEU C 271 -3.15 17.76 -13.80
N PRO C 272 -1.88 17.30 -13.83
CA PRO C 272 -1.22 17.14 -15.12
C PRO C 272 -1.98 16.17 -16.01
N ASP C 273 -1.87 16.38 -17.33
CA ASP C 273 -2.62 15.60 -18.29
C ASP C 273 -1.93 15.72 -19.62
N PRO C 274 -1.86 14.62 -20.37
CA PRO C 274 -1.12 14.63 -21.64
C PRO C 274 -1.98 14.92 -22.88
N ALA C 275 -3.03 15.74 -22.72
CA ALA C 275 -4.11 15.88 -23.72
C ALA C 275 -4.75 14.51 -23.99
N CYS C 276 -5.43 14.03 -22.97
CA CYS C 276 -6.14 12.76 -23.03
C CYS C 276 -7.43 12.87 -22.22
N GLN C 277 -8.38 12.01 -22.55
CA GLN C 277 -9.64 12.00 -21.83
C GLN C 277 -9.36 11.61 -20.36
N GLY C 278 -10.22 12.10 -19.48
CA GLY C 278 -10.19 11.69 -18.08
C GLY C 278 -11.59 11.37 -17.61
N SER C 279 -11.72 10.99 -16.36
CA SER C 279 -13.03 10.68 -15.79
C SER C 279 -13.15 11.17 -14.36
N ILE C 280 -14.39 11.39 -13.92
CA ILE C 280 -14.61 11.98 -12.62
C ILE C 280 -15.92 11.42 -12.10
N LEU C 281 -16.00 11.33 -10.78
CA LEU C 281 -17.13 10.73 -10.14
C LEU C 281 -17.43 11.36 -8.79
N SER C 282 -18.67 11.81 -8.61
CA SER C 282 -19.15 12.14 -7.29
CA SER C 282 -19.14 12.14 -7.29
C SER C 282 -19.43 10.83 -6.57
N TYR C 283 -18.54 10.47 -5.64
CA TYR C 283 -18.61 9.16 -5.02
C TYR C 283 -19.71 9.10 -3.95
N ASN C 284 -19.77 10.14 -3.13
CA ASN C 284 -20.79 10.24 -2.10
C ASN C 284 -20.98 11.68 -1.70
N SER C 285 -22.21 12.01 -1.30
CA SER C 285 -22.55 13.35 -0.86
C SER C 285 -22.68 13.46 0.66
N ASP C 286 -22.82 12.32 1.35
CA ASP C 286 -22.75 12.32 2.82
C ASP C 286 -21.33 12.51 3.36
N GLU C 287 -21.20 12.66 4.67
CA GLU C 287 -19.95 13.01 5.30
C GLU C 287 -18.98 11.82 5.39
N PRO C 288 -17.71 12.00 5.00
CA PRO C 288 -17.19 13.16 4.28
C PRO C 288 -17.42 13.03 2.77
N ALA C 289 -17.91 14.07 2.12
CA ALA C 289 -18.23 14.05 0.69
C ALA C 289 -16.91 13.93 -0.13
N ARG C 290 -16.94 13.11 -1.16
CA ARG C 290 -15.72 12.83 -1.91
C ARG C 290 -16.01 12.91 -3.41
N THR C 291 -15.10 13.57 -4.11
CA THR C 291 -15.03 13.52 -5.57
C THR C 291 -13.81 12.69 -5.98
N ILE C 292 -13.99 11.77 -6.94
CA ILE C 292 -12.89 10.93 -7.42
C ILE C 292 -12.52 11.37 -8.83
N PHE C 293 -11.24 11.42 -9.12
CA PHE C 293 -10.77 11.80 -10.46
C PHE C 293 -9.75 10.80 -10.93
N MET C 294 -9.81 10.46 -12.22
CA MET C 294 -8.87 9.52 -12.84
C MET C 294 -8.42 10.08 -14.19
N ASN C 295 -7.11 10.05 -14.42
CA ASN C 295 -6.57 10.40 -15.73
C ASN C 295 -5.12 9.88 -15.74
N SER C 296 -4.40 10.19 -16.81
CA SER C 296 -2.94 9.93 -16.81
C SER C 296 -2.26 11.15 -16.25
N ALA C 297 -1.68 11.02 -15.07
CA ALA C 297 -1.10 12.12 -14.33
C ALA C 297 0.32 12.39 -14.84
N SER C 298 0.38 12.96 -16.04
CA SER C 298 1.64 13.17 -16.76
C SER C 298 1.37 14.22 -17.81
N THR C 299 2.35 15.07 -18.07
CA THR C 299 2.21 16.06 -19.11
C THR C 299 2.49 15.49 -20.49
N ASP C 300 2.99 14.25 -20.59
CA ASP C 300 3.41 13.75 -21.88
C ASP C 300 3.12 12.29 -22.21
N ARG C 301 2.71 11.46 -21.26
CA ARG C 301 2.32 10.10 -21.60
C ARG C 301 0.99 9.66 -20.98
N ARG C 302 0.41 8.61 -21.57
CA ARG C 302 -0.88 8.03 -21.08
C ARG C 302 -0.73 6.88 -20.10
N THR C 303 0.53 6.49 -19.80
CA THR C 303 0.82 5.32 -18.98
C THR C 303 1.05 5.65 -17.48
N ALA C 304 0.58 6.81 -17.06
CA ALA C 304 0.70 7.25 -15.69
C ALA C 304 -0.66 7.40 -15.00
N MET C 305 -1.49 6.39 -15.15
CA MET C 305 -2.87 6.46 -14.63
C MET C 305 -2.86 6.65 -13.11
N ARG C 306 -3.65 7.62 -12.64
CA ARG C 306 -3.69 7.98 -11.25
C ARG C 306 -5.15 8.19 -10.88
N VAL C 307 -5.59 7.59 -9.79
CA VAL C 307 -6.91 7.90 -9.21
C VAL C 307 -6.73 8.70 -7.95
N ARG C 308 -7.54 9.74 -7.77
CA ARG C 308 -7.36 10.69 -6.68
C ARG C 308 -8.69 11.03 -6.01
N ILE C 309 -8.61 11.48 -4.76
CA ILE C 309 -9.79 11.96 -4.03
C ILE C 309 -9.66 13.43 -3.71
N SER C 310 -10.77 14.16 -3.84
CA SER C 310 -10.88 15.50 -3.29
C SER C 310 -11.97 15.49 -2.24
N TYR C 311 -11.66 16.13 -1.09
CA TYR C 311 -12.64 16.34 -0.03
C TYR C 311 -13.19 17.78 -0.07
N ASP C 312 -12.71 18.61 -0.99
CA ASP C 312 -13.08 20.01 -1.04
C ASP C 312 -14.52 20.20 -1.54
N LYS C 313 -15.20 21.22 -1.01
CA LYS C 313 -16.59 21.47 -1.40
C LYS C 313 -16.71 21.84 -2.89
N ASP C 314 -15.63 22.35 -3.46
CA ASP C 314 -15.57 22.73 -4.88
C ASP C 314 -14.56 21.88 -5.64
N ALA C 315 -14.11 20.81 -5.01
CA ALA C 315 -13.08 19.91 -5.55
C ALA C 315 -11.83 20.66 -6.03
N ALA C 316 -11.43 21.71 -5.32
CA ALA C 316 -10.29 22.55 -5.76
C ALA C 316 -9.00 21.73 -5.82
N LYS C 317 -8.81 20.90 -4.81
CA LYS C 317 -7.57 20.16 -4.66
C LYS C 317 -7.81 18.68 -4.49
N PHE C 318 -7.08 17.89 -5.27
CA PHE C 318 -7.07 16.46 -5.12
C PHE C 318 -5.77 16.03 -4.47
N ASN C 319 -5.81 14.88 -3.83
CA ASN C 319 -4.61 14.32 -3.21
C ASN C 319 -3.72 13.67 -4.30
N PHE C 320 -2.55 13.20 -3.90
CA PHE C 320 -1.71 12.45 -4.82
C PHE C 320 -2.47 11.24 -5.33
N GLY C 321 -3.15 10.58 -4.40
CA GLY C 321 -4.00 9.43 -4.68
C GLY C 321 -3.17 8.18 -4.85
N ARG C 322 -3.44 7.42 -5.92
CA ARG C 322 -2.70 6.22 -6.15
C ARG C 322 -2.50 5.94 -7.61
N GLU C 323 -1.27 5.52 -7.92
CA GLU C 323 -0.92 5.10 -9.27
C GLU C 323 -1.50 3.72 -9.53
N LEU C 324 -2.20 3.54 -10.64
CA LEU C 324 -2.78 2.25 -10.95
C LEU C 324 -1.67 1.20 -11.20
N LYS C 325 -0.46 1.63 -11.54
CA LYS C 325 0.64 0.66 -11.70
C LYS C 325 1.00 -0.03 -10.37
N ASP C 326 0.53 0.50 -9.24
CA ASP C 326 0.68 -0.22 -7.96
C ASP C 326 -0.09 -1.52 -7.95
N ALA C 327 -1.06 -1.71 -8.85
CA ALA C 327 -1.73 -2.97 -9.00
C ALA C 327 -1.73 -3.33 -10.48
N PRO C 328 -0.55 -3.62 -11.02
CA PRO C 328 -0.39 -3.80 -12.46
C PRO C 328 -0.98 -5.08 -12.95
N LEU C 329 -1.36 -5.11 -14.21
CA LEU C 329 -1.95 -6.29 -14.78
C LEU C 329 -1.04 -6.68 -15.94
N GLY C 330 -0.63 -7.95 -15.94
CA GLY C 330 0.20 -8.42 -17.03
C GLY C 330 -0.67 -8.95 -18.14
N ASN C 331 -0.07 -9.19 -19.29
CA ASN C 331 -0.77 -9.83 -20.39
C ASN C 331 -1.92 -9.01 -21.00
N VAL C 332 -1.82 -7.68 -20.92
CA VAL C 332 -2.82 -6.79 -21.52
C VAL C 332 -2.19 -5.60 -22.26
N GLY C 333 -0.89 -5.63 -22.53
CA GLY C 333 -0.19 -4.49 -23.09
C GLY C 333 0.13 -3.38 -22.11
N ASN C 334 0.37 -2.17 -22.59
CA ASN C 334 0.73 -1.01 -21.78
C ASN C 334 -0.54 -0.32 -21.31
N GLU C 335 -0.86 -0.45 -20.04
CA GLU C 335 -2.11 0.13 -19.50
C GLU C 335 -2.04 1.63 -19.45
N GLY C 336 -3.14 2.27 -19.88
CA GLY C 336 -3.27 3.70 -19.77
C GLY C 336 -3.97 4.31 -20.95
N GLY C 337 -4.78 5.32 -20.67
CA GLY C 337 -5.51 6.03 -21.71
C GLY C 337 -6.84 6.52 -21.19
N TYR C 338 -7.85 6.48 -22.04
CA TYR C 338 -9.20 6.94 -21.63
C TYR C 338 -9.72 6.03 -20.51
N SER C 339 -10.64 6.54 -19.68
CA SER C 339 -11.11 5.83 -18.53
C SER C 339 -12.54 6.22 -18.20
N SER C 340 -13.20 5.41 -17.42
CA SER C 340 -14.54 5.70 -16.91
C SER C 340 -14.75 5.05 -15.56
N MET C 341 -15.41 5.76 -14.64
CA MET C 341 -15.63 5.21 -13.30
C MET C 341 -17.10 5.24 -12.90
N THR C 342 -17.49 4.21 -12.14
CA THR C 342 -18.78 4.16 -11.45
C THR C 342 -18.56 3.67 -10.00
N LYS C 343 -19.55 3.87 -9.15
CA LYS C 343 -19.54 3.29 -7.81
C LYS C 343 -20.39 2.02 -7.90
N THR C 344 -19.91 0.90 -7.34
CA THR C 344 -20.67 -0.32 -7.33
C THR C 344 -21.51 -0.43 -6.04
N SER C 345 -22.46 -1.35 -6.03
CA SER C 345 -23.34 -1.55 -4.87
C SER C 345 -22.58 -1.92 -3.60
N ASP C 346 -21.45 -2.62 -3.76
CA ASP C 346 -20.59 -3.03 -2.65
C ASP C 346 -19.48 -2.03 -2.30
N TYR C 347 -19.74 -0.75 -2.49
CA TYR C 347 -18.83 0.32 -2.10
C TYR C 347 -17.43 0.15 -2.64
N LYS C 348 -17.36 -0.10 -3.94
CA LYS C 348 -16.10 -0.07 -4.67
C LYS C 348 -16.23 0.97 -5.77
N ILE C 349 -15.08 1.46 -6.21
CA ILE C 349 -14.97 2.18 -7.46
C ILE C 349 -14.72 1.13 -8.52
N GLY C 350 -15.52 1.15 -9.58
CA GLY C 350 -15.30 0.30 -10.74
C GLY C 350 -14.84 1.19 -11.86
N ALA C 351 -13.70 0.86 -12.49
CA ALA C 351 -13.09 1.75 -13.48
C ALA C 351 -12.77 0.93 -14.70
N LEU C 352 -13.15 1.45 -15.87
CA LEU C 352 -12.63 0.92 -17.11
C LEU C 352 -11.44 1.77 -17.50
N VAL C 353 -10.37 1.12 -17.93
CA VAL C 353 -9.13 1.80 -18.36
C VAL C 353 -8.59 1.14 -19.64
N GLU C 354 -8.29 1.96 -20.62
CA GLU C 354 -7.70 1.49 -21.87
C GLU C 354 -6.31 0.92 -21.62
N SER C 355 -5.94 0.03 -22.52
CA SER C 355 -4.58 -0.54 -22.58
C SER C 355 -4.21 -0.79 -24.04
N ASP C 356 -2.91 -0.65 -24.33
CA ASP C 356 -2.41 -0.62 -25.69
C ASP C 356 -1.28 -1.64 -25.82
N TRP C 357 -1.50 -2.67 -26.64
CA TRP C 357 -0.47 -3.67 -26.89
C TRP C 357 0.75 -3.10 -27.60
N TYR C 358 0.52 -2.01 -28.35
CA TYR C 358 1.60 -1.20 -28.86
C TYR C 358 2.54 -1.95 -29.83
N GLU C 359 2.03 -2.99 -30.49
CA GLU C 359 2.87 -3.86 -31.33
C GLU C 359 3.41 -3.17 -32.58
N ASP C 360 2.67 -2.16 -33.08
CA ASP C 360 2.95 -1.39 -34.28
C ASP C 360 3.26 0.03 -33.76
N LYS C 361 3.66 0.11 -32.49
CA LYS C 361 3.90 1.38 -31.81
C LYS C 361 2.62 2.25 -31.86
N GLY C 362 2.75 3.50 -32.29
CA GLY C 362 1.63 4.41 -32.49
C GLY C 362 0.79 4.12 -33.71
N GLY C 363 1.21 3.16 -34.52
CA GLY C 363 0.51 2.81 -35.76
C GLY C 363 -0.87 2.21 -35.56
N GLU C 364 -1.64 2.16 -36.64
CA GLU C 364 -3.06 1.76 -36.58
C GLU C 364 -3.27 0.27 -36.31
N LYS C 365 -2.24 -0.55 -36.48
CA LYS C 365 -2.35 -1.99 -36.23
C LYS C 365 -2.15 -2.42 -34.78
N SER C 366 -1.76 -1.52 -33.89
CA SER C 366 -1.56 -1.88 -32.50
C SER C 366 -2.92 -2.18 -31.84
N HIS C 367 -3.02 -3.33 -31.21
CA HIS C 367 -4.29 -3.78 -30.63
C HIS C 367 -4.57 -3.11 -29.30
N ARG C 368 -5.83 -2.72 -29.10
CA ARG C 368 -6.22 -2.02 -27.88
C ARG C 368 -7.28 -2.82 -27.15
N CYS C 369 -7.16 -2.92 -25.83
CA CYS C 369 -8.09 -3.64 -25.02
C CYS C 369 -8.51 -2.77 -23.82
N ILE C 370 -9.50 -3.22 -23.07
CA ILE C 370 -9.97 -2.44 -21.91
C ILE C 370 -10.03 -3.27 -20.65
N ILE C 371 -9.42 -2.71 -19.61
CA ILE C 371 -9.30 -3.33 -18.29
C ILE C 371 -10.45 -2.86 -17.40
N TRP C 372 -11.00 -3.79 -16.62
CA TRP C 372 -11.93 -3.46 -15.54
C TRP C 372 -11.22 -3.61 -14.21
N ARG C 373 -11.17 -2.54 -13.46
CA ARG C 373 -10.58 -2.48 -12.13
C ARG C 373 -11.65 -2.20 -11.11
N ARG C 374 -11.58 -2.88 -9.96
CA ARG C 374 -12.38 -2.44 -8.81
C ARG C 374 -11.44 -2.24 -7.64
N PHE C 375 -11.72 -1.22 -6.84
CA PHE C 375 -10.89 -0.90 -5.69
C PHE C 375 -11.74 -0.13 -4.71
N ASN C 376 -11.36 -0.18 -3.44
CA ASN C 376 -12.09 0.57 -2.44
C ASN C 376 -11.34 1.84 -2.14
N LEU C 377 -12.00 2.71 -1.38
CA LEU C 377 -11.43 3.97 -0.99
C LEU C 377 -10.11 3.76 -0.27
N SER C 378 -10.08 2.75 0.60
CA SER C 378 -8.87 2.42 1.37
C SER C 378 -7.64 2.20 0.45
N TRP C 379 -7.85 1.48 -0.65
CA TRP C 379 -6.77 1.29 -1.63
C TRP C 379 -6.22 2.62 -2.11
N ILE C 380 -7.09 3.60 -2.35
CA ILE C 380 -6.63 4.91 -2.77
C ILE C 380 -5.94 5.62 -1.59
N ILE C 381 -6.69 5.73 -0.49
CA ILE C 381 -6.28 6.51 0.69
C ILE C 381 -4.88 6.09 1.19
N ASN C 382 -4.65 4.78 1.25
CA ASN C 382 -3.41 4.27 1.86
C ASN C 382 -2.28 4.06 0.84
N GLY C 383 -2.43 4.59 -0.36
CA GLY C 383 -1.36 4.53 -1.34
C GLY C 383 -0.11 5.18 -0.81
N PRO C 384 1.06 4.65 -1.25
CA PRO C 384 2.35 5.00 -0.66
C PRO C 384 2.61 6.49 -0.57
N ASN C 385 2.14 7.27 -1.54
CA ASN C 385 2.53 8.69 -1.63
C ASN C 385 1.42 9.66 -1.29
N ASN C 386 0.38 9.14 -0.63
CA ASN C 386 -0.77 9.90 -0.08
C ASN C 386 -2.06 9.82 -0.96
N ASP D 4 29.29 -13.84 -2.05
CA ASP D 4 28.28 -14.60 -2.86
C ASP D 4 28.17 -16.01 -2.34
N PRO D 5 26.99 -16.39 -1.83
CA PRO D 5 26.82 -17.75 -1.31
C PRO D 5 27.08 -18.88 -2.31
N ALA D 6 26.89 -18.62 -3.59
CA ALA D 6 27.15 -19.64 -4.61
C ALA D 6 28.63 -20.07 -4.65
N GLY D 7 29.52 -19.18 -4.19
CA GLY D 7 30.94 -19.42 -4.14
C GLY D 7 31.40 -20.49 -3.13
N LYS D 8 30.48 -20.92 -2.25
CA LYS D 8 30.75 -22.01 -1.30
C LYS D 8 30.69 -23.39 -1.93
N ALA D 9 29.96 -23.54 -3.04
CA ALA D 9 29.79 -24.83 -3.67
C ALA D 9 31.10 -25.30 -4.28
N ALA D 10 31.19 -26.60 -4.50
CA ALA D 10 32.33 -27.16 -5.19
C ALA D 10 32.29 -26.60 -6.63
N GLN D 11 33.47 -26.25 -7.14
CA GLN D 11 33.62 -25.79 -8.52
C GLN D 11 33.23 -26.89 -9.47
N TYR D 12 32.56 -26.54 -10.57
CA TYR D 12 32.24 -27.48 -11.62
C TYR D 12 32.59 -26.87 -12.96
N HIS D 13 33.30 -27.62 -13.81
CA HIS D 13 33.47 -27.22 -15.21
C HIS D 13 33.60 -28.46 -16.07
N LYS D 14 33.12 -28.37 -17.30
CA LYS D 14 33.21 -29.45 -18.23
C LYS D 14 33.15 -28.87 -19.65
N GLU D 15 33.96 -29.40 -20.55
CA GLU D 15 34.11 -28.79 -21.86
C GLU D 15 34.50 -29.80 -22.92
N TYR D 16 33.93 -29.63 -24.11
CA TYR D 16 34.27 -30.49 -25.26
C TYR D 16 33.78 -29.80 -26.54
N ALA D 17 34.35 -30.20 -27.68
CA ALA D 17 33.88 -29.67 -28.96
C ALA D 17 32.46 -30.12 -29.27
N LEU D 18 31.62 -29.19 -29.70
CA LEU D 18 30.26 -29.52 -30.05
C LEU D 18 30.01 -29.43 -31.57
N PHE D 19 30.66 -28.51 -32.24
CA PHE D 19 30.60 -28.41 -33.71
C PHE D 19 32.02 -28.65 -34.23
N ARG D 20 32.21 -29.79 -34.86
CA ARG D 20 33.52 -30.30 -35.25
C ARG D 20 33.76 -30.04 -36.74
N SER D 21 34.76 -29.21 -37.03
CA SER D 21 35.13 -28.87 -38.39
C SER D 21 35.66 -30.04 -39.19
N ALA D 22 35.68 -29.86 -40.52
CA ALA D 22 35.94 -30.94 -41.46
C ALA D 22 37.28 -31.64 -41.25
N ASN D 23 38.24 -30.93 -40.67
CA ASN D 23 39.60 -31.44 -40.46
C ASN D 23 39.70 -32.27 -39.16
N MET D 24 38.65 -32.28 -38.36
CA MET D 24 38.65 -33.00 -37.10
C MET D 24 38.09 -34.42 -37.26
N PRO D 25 38.51 -35.34 -36.38
CA PRO D 25 37.90 -36.66 -36.37
C PRO D 25 36.39 -36.53 -36.11
N SER D 26 35.60 -37.42 -36.71
CA SER D 26 34.15 -37.40 -36.56
C SER D 26 33.60 -36.00 -36.83
N PRO D 27 33.91 -35.43 -38.01
CA PRO D 27 33.44 -34.06 -38.27
C PRO D 27 31.91 -34.02 -38.39
N ASP D 28 31.32 -32.89 -38.04
CA ASP D 28 29.88 -32.74 -38.10
C ASP D 28 29.38 -32.54 -39.52
N LYS D 29 28.45 -33.40 -39.91
CA LYS D 29 27.81 -33.37 -41.18
C LYS D 29 26.32 -33.54 -41.02
N LEU D 30 25.59 -33.06 -42.01
CA LEU D 30 24.15 -33.28 -42.09
C LEU D 30 23.90 -34.74 -42.57
N ALA D 31 22.69 -35.21 -42.33
CA ALA D 31 22.29 -36.57 -42.71
C ALA D 31 22.30 -36.76 -44.25
N THR D 32 22.17 -35.66 -44.98
CA THR D 32 22.30 -35.64 -46.43
C THR D 32 23.75 -35.88 -46.93
N GLY D 33 24.71 -35.84 -46.03
CA GLY D 33 26.11 -36.01 -46.37
C GLY D 33 26.89 -34.73 -46.53
N VAL D 34 26.19 -33.59 -46.42
CA VAL D 34 26.82 -32.28 -46.53
C VAL D 34 27.71 -32.02 -45.29
N GLY D 35 28.99 -31.76 -45.55
CA GLY D 35 29.89 -31.38 -44.47
C GLY D 35 30.26 -29.90 -44.52
N PHE D 36 31.02 -29.44 -43.53
CA PHE D 36 31.37 -28.06 -43.43
C PHE D 36 32.83 -27.86 -43.07
N HIS D 37 33.49 -27.01 -43.85
CA HIS D 37 34.86 -26.57 -43.53
C HIS D 37 34.97 -26.07 -42.09
N SER D 38 34.07 -25.17 -41.71
CA SER D 38 34.17 -24.47 -40.45
C SER D 38 32.77 -24.25 -39.88
N PHE D 39 32.71 -24.17 -38.56
CA PHE D 39 31.50 -23.69 -37.89
C PHE D 39 31.88 -22.45 -37.11
N ARG D 40 31.06 -21.42 -37.25
CA ARG D 40 31.27 -20.19 -36.55
C ARG D 40 29.92 -19.55 -36.15
N ILE D 41 30.03 -18.55 -35.31
CA ILE D 41 28.86 -17.70 -34.98
C ILE D 41 27.83 -18.49 -34.17
N PRO D 42 28.19 -18.85 -32.93
CA PRO D 42 27.32 -19.63 -32.09
C PRO D 42 26.17 -18.85 -31.52
N ALA D 43 25.11 -19.59 -31.21
CA ALA D 43 24.00 -19.09 -30.44
C ALA D 43 23.40 -20.22 -29.65
N VAL D 44 23.09 -19.99 -28.38
CA VAL D 44 22.52 -21.06 -27.57
C VAL D 44 21.40 -20.55 -26.67
N VAL D 45 20.36 -21.37 -26.56
CA VAL D 45 19.22 -21.10 -25.62
C VAL D 45 18.76 -22.41 -24.99
N ARG D 46 18.35 -22.31 -23.72
CA ARG D 46 17.55 -23.33 -23.07
C ARG D 46 16.08 -23.04 -23.25
N THR D 47 15.34 -24.02 -23.71
CA THR D 47 13.91 -23.89 -23.94
C THR D 47 13.21 -24.11 -22.61
N ASN D 48 11.92 -23.87 -22.59
CA ASN D 48 11.18 -24.04 -21.34
C ASN D 48 10.93 -25.49 -20.96
N THR D 49 11.27 -26.43 -21.84
CA THR D 49 11.32 -27.85 -21.42
C THR D 49 12.60 -28.23 -20.69
N GLY D 50 13.65 -27.41 -20.87
CA GLY D 50 14.99 -27.75 -20.38
C GLY D 50 15.92 -28.19 -21.51
N ARG D 51 15.37 -28.46 -22.68
CA ARG D 51 16.16 -28.82 -23.85
C ARG D 51 17.08 -27.64 -24.19
N ILE D 52 18.29 -27.94 -24.65
CA ILE D 52 19.20 -26.90 -25.11
C ILE D 52 19.28 -26.95 -26.64
N LEU D 53 19.17 -25.79 -27.25
CA LEU D 53 19.27 -25.60 -28.68
C LEU D 53 20.54 -24.81 -28.96
N ALA D 54 21.44 -25.41 -29.73
CA ALA D 54 22.69 -24.77 -30.15
C ALA D 54 22.70 -24.55 -31.66
N PHE D 55 22.90 -23.30 -32.07
CA PHE D 55 22.91 -22.89 -33.47
C PHE D 55 24.30 -22.43 -33.88
N ALA D 56 24.59 -22.51 -35.16
CA ALA D 56 25.85 -22.03 -35.73
C ALA D 56 25.72 -21.79 -37.22
N GLU D 57 26.65 -21.05 -37.78
CA GLU D 57 26.86 -21.02 -39.21
C GLU D 57 27.73 -22.19 -39.60
N GLY D 58 27.20 -23.04 -40.46
CA GLY D 58 28.00 -24.06 -41.16
C GLY D 58 28.58 -23.42 -42.40
N ARG D 59 29.85 -23.07 -42.35
CA ARG D 59 30.49 -22.42 -43.44
C ARG D 59 31.11 -23.49 -44.33
N ARG D 60 30.47 -23.74 -45.43
CA ARG D 60 30.78 -24.87 -46.25
C ARG D 60 32.18 -25.10 -46.79
N HIS D 61 32.73 -24.09 -47.39
CA HIS D 61 33.95 -24.25 -48.19
C HIS D 61 35.19 -23.61 -47.61
N ASN D 62 35.02 -22.67 -46.67
CA ASN D 62 36.14 -21.97 -46.04
C ASN D 62 35.59 -21.23 -44.84
N ASN D 63 36.42 -20.45 -44.16
CA ASN D 63 35.96 -19.82 -42.91
C ASN D 63 35.36 -18.40 -43.11
N ARG D 64 35.16 -17.96 -44.34
CA ARG D 64 34.74 -16.57 -44.62
C ARG D 64 33.26 -16.35 -44.31
N ASP D 65 32.87 -15.09 -44.11
N ASP D 65 32.88 -15.12 -44.01
CA ASP D 65 31.51 -14.78 -43.68
CA ASP D 65 31.49 -14.80 -43.66
C ASP D 65 30.52 -14.64 -44.83
C ASP D 65 30.50 -14.71 -44.82
N TYR D 66 31.01 -14.80 -46.04
CA TYR D 66 30.18 -14.72 -47.27
C TYR D 66 30.27 -16.06 -47.95
N GLY D 67 29.56 -16.23 -49.04
CA GLY D 67 29.54 -17.50 -49.72
C GLY D 67 28.47 -18.41 -49.15
N ASP D 68 28.63 -19.69 -49.46
CA ASP D 68 27.63 -20.71 -49.15
C ASP D 68 27.73 -21.09 -47.69
N ILE D 69 26.78 -20.57 -46.90
CA ILE D 69 26.78 -20.75 -45.45
C ILE D 69 25.36 -21.17 -45.05
N ASN D 70 25.26 -22.28 -44.32
CA ASN D 70 23.99 -22.82 -43.91
C ASN D 70 23.83 -22.66 -42.42
N LEU D 71 22.62 -22.29 -41.98
CA LEU D 71 22.36 -22.13 -40.55
C LEU D 71 22.00 -23.50 -40.02
N VAL D 72 22.86 -24.03 -39.15
CA VAL D 72 22.72 -25.39 -38.63
C VAL D 72 22.50 -25.37 -37.12
N TYR D 73 22.09 -26.49 -36.57
CA TYR D 73 21.86 -26.63 -35.15
C TYR D 73 21.94 -28.04 -34.63
N LYS D 74 22.06 -28.14 -33.32
CA LYS D 74 21.88 -29.40 -32.61
C LYS D 74 21.02 -29.14 -31.39
N ARG D 75 20.33 -30.16 -30.92
CA ARG D 75 19.57 -30.11 -29.68
C ARG D 75 20.09 -31.16 -28.74
N THR D 76 19.94 -30.93 -27.45
CA THR D 76 20.09 -32.06 -26.52
C THR D 76 19.03 -33.12 -26.83
N LYS D 77 19.39 -34.39 -26.68
CA LYS D 77 18.54 -35.51 -27.06
C LYS D 77 17.27 -35.56 -26.22
N SER D 78 17.37 -35.16 -24.96
CA SER D 78 16.22 -35.05 -24.09
C SER D 78 16.19 -33.66 -23.47
N PRO D 79 15.02 -33.29 -22.94
CA PRO D 79 14.88 -32.03 -22.20
C PRO D 79 15.60 -32.00 -20.86
N THR D 80 16.00 -33.16 -20.34
CA THR D 80 16.55 -33.24 -18.99
C THR D 80 18.05 -33.46 -18.88
N ASN D 81 18.76 -33.75 -19.99
CA ASN D 81 20.17 -34.15 -19.87
C ASN D 81 21.17 -32.99 -19.73
N ASN D 82 20.71 -31.77 -19.97
CA ASN D 82 21.47 -30.55 -19.74
C ASN D 82 22.80 -30.46 -20.51
N GLY D 83 22.94 -31.24 -21.59
CA GLY D 83 24.15 -31.21 -22.40
C GLY D 83 25.38 -31.59 -21.65
N GLU D 84 25.25 -32.52 -20.70
CA GLU D 84 26.36 -32.86 -19.84
C GLU D 84 27.54 -33.50 -20.58
N ASN D 85 27.23 -34.46 -21.45
CA ASN D 85 28.26 -35.22 -22.15
C ASN D 85 28.04 -35.15 -23.65
N PRO D 86 29.09 -35.40 -24.43
CA PRO D 86 28.93 -35.38 -25.90
C PRO D 86 27.78 -36.23 -26.44
N THR D 87 27.58 -37.42 -25.88
CA THR D 87 26.49 -38.29 -26.28
C THR D 87 25.07 -37.78 -25.91
N ASP D 88 25.00 -36.68 -25.16
CA ASP D 88 23.71 -36.07 -24.82
C ASP D 88 23.14 -35.21 -25.94
N TRP D 89 23.89 -35.03 -27.02
CA TRP D 89 23.50 -34.19 -28.11
C TRP D 89 23.14 -34.97 -29.36
N GLU D 90 22.09 -34.50 -30.00
CA GLU D 90 21.67 -35.00 -31.31
C GLU D 90 22.72 -34.71 -32.36
N SER D 91 22.63 -35.42 -33.48
CA SER D 91 23.49 -35.10 -34.60
C SER D 91 23.02 -33.81 -35.28
N LEU D 92 23.91 -33.24 -36.09
CA LEU D 92 23.71 -31.96 -36.75
C LEU D 92 22.47 -31.93 -37.64
N ARG D 93 21.73 -30.85 -37.53
CA ARG D 93 20.60 -30.60 -38.37
C ARG D 93 20.70 -29.21 -38.98
N GLU D 94 19.80 -28.92 -39.92
CA GLU D 94 19.81 -27.66 -40.63
C GLU D 94 18.53 -26.86 -40.40
N VAL D 95 18.66 -25.58 -40.07
CA VAL D 95 17.51 -24.70 -40.09
C VAL D 95 17.22 -24.26 -41.52
N VAL D 96 18.20 -23.64 -42.18
CA VAL D 96 18.04 -23.21 -43.58
C VAL D 96 19.40 -23.24 -44.27
N GLY D 97 19.42 -23.71 -45.52
CA GLY D 97 20.66 -23.85 -46.30
C GLY D 97 20.46 -23.59 -47.78
N THR D 98 19.33 -22.98 -48.13
CA THR D 98 18.94 -22.89 -49.54
C THR D 98 19.96 -22.13 -50.39
N GLY D 99 20.36 -22.75 -51.49
CA GLY D 99 21.20 -22.10 -52.46
C GLY D 99 22.64 -21.86 -52.03
N PRO D 100 23.35 -21.01 -52.79
CA PRO D 100 24.74 -20.68 -52.51
C PRO D 100 24.85 -19.45 -51.58
N HIS D 101 23.75 -19.10 -50.93
CA HIS D 101 23.62 -17.83 -50.25
C HIS D 101 24.19 -17.96 -48.83
N THR D 102 24.36 -16.82 -48.19
CA THR D 102 24.77 -16.76 -46.79
C THR D 102 23.53 -16.71 -45.89
N TRP D 103 23.33 -17.71 -45.02
CA TRP D 103 22.29 -17.70 -44.01
C TRP D 103 23.01 -17.76 -42.66
N GLY D 104 22.80 -16.79 -41.79
CA GLY D 104 23.58 -16.74 -40.57
C GLY D 104 23.12 -15.77 -39.52
N ASN D 105 24.07 -15.34 -38.67
CA ASN D 105 23.76 -14.49 -37.53
C ASN D 105 22.62 -15.05 -36.67
N PRO D 106 22.71 -16.35 -36.27
CA PRO D 106 21.61 -16.83 -35.41
C PRO D 106 21.40 -15.99 -34.15
N THR D 107 20.16 -15.57 -33.94
CA THR D 107 19.79 -14.78 -32.80
C THR D 107 18.44 -15.23 -32.24
N PRO D 108 18.47 -16.29 -31.42
CA PRO D 108 17.22 -16.84 -30.90
C PRO D 108 16.73 -16.19 -29.65
N VAL D 109 15.43 -16.32 -29.41
CA VAL D 109 14.80 -15.99 -28.12
C VAL D 109 13.68 -16.99 -27.84
N VAL D 110 13.61 -17.46 -26.61
CA VAL D 110 12.59 -18.36 -26.17
C VAL D 110 11.39 -17.55 -25.63
N ASP D 111 10.20 -17.93 -26.06
CA ASP D 111 8.97 -17.23 -25.67
C ASP D 111 7.92 -18.28 -25.33
N GLY D 112 7.91 -18.69 -24.07
CA GLY D 112 7.02 -19.76 -23.64
C GLY D 112 7.30 -21.05 -24.43
N ASN D 113 6.32 -21.49 -25.22
CA ASN D 113 6.47 -22.71 -26.03
C ASN D 113 6.85 -22.45 -27.47
N THR D 114 7.19 -21.19 -27.78
CA THR D 114 7.70 -20.86 -29.11
C THR D 114 9.15 -20.39 -29.01
N ILE D 115 10.00 -20.88 -29.91
CA ILE D 115 11.36 -20.35 -30.05
C ILE D 115 11.39 -19.56 -31.35
N TYR D 116 11.72 -18.27 -31.24
CA TYR D 116 11.90 -17.40 -32.37
C TYR D 116 13.39 -17.37 -32.72
N LEU D 117 13.75 -17.50 -33.98
CA LEU D 117 15.16 -17.43 -34.40
C LEU D 117 15.26 -16.39 -35.49
N PHE D 118 15.84 -15.24 -35.16
CA PHE D 118 16.17 -14.24 -36.14
C PHE D 118 17.49 -14.61 -36.79
N LEU D 119 17.61 -14.25 -38.05
CA LEU D 119 18.84 -14.50 -38.79
C LEU D 119 19.06 -13.48 -39.90
N SER D 120 20.30 -13.36 -40.35
CA SER D 120 20.65 -12.47 -41.46
C SER D 120 20.91 -13.30 -42.70
N MET D 121 20.74 -12.68 -43.85
CA MET D 121 20.91 -13.38 -45.11
C MET D 121 21.51 -12.42 -46.14
N ASN D 122 22.41 -12.91 -46.97
CA ASN D 122 22.70 -12.20 -48.22
C ASN D 122 22.79 -13.15 -49.39
N ASP D 123 22.50 -12.61 -50.57
CA ASP D 123 22.67 -13.36 -51.81
C ASP D 123 24.12 -13.81 -51.92
N GLY D 124 24.31 -15.01 -52.45
CA GLY D 124 25.63 -15.64 -52.53
C GLY D 124 26.65 -14.93 -53.40
N ALA D 125 26.21 -13.97 -54.21
CA ALA D 125 27.13 -13.25 -55.06
C ALA D 125 27.69 -11.99 -54.40
N TYR D 126 27.33 -11.74 -53.13
CA TYR D 126 27.67 -10.50 -52.50
C TYR D 126 28.41 -10.70 -51.18
N SER D 127 29.29 -9.77 -50.85
CA SER D 127 29.97 -9.77 -49.52
C SER D 127 30.06 -8.37 -48.99
N GLN D 128 30.37 -8.25 -47.71
CA GLN D 128 30.39 -6.95 -47.07
C GLN D 128 31.29 -5.96 -47.79
N ASN D 129 32.50 -6.39 -48.16
CA ASN D 129 33.45 -5.49 -48.77
C ASN D 129 33.35 -5.51 -50.29
N GLY D 130 32.82 -6.60 -50.85
CA GLY D 130 32.95 -6.84 -52.28
C GLY D 130 34.38 -7.25 -52.67
N GLY D 131 34.53 -7.75 -53.87
CA GLY D 131 35.84 -8.10 -54.41
C GLY D 131 36.47 -9.34 -53.83
N ASN D 132 35.68 -10.17 -53.16
CA ASN D 132 36.23 -11.38 -52.52
C ASN D 132 36.06 -12.54 -53.50
N THR D 133 37.02 -13.46 -53.49
CA THR D 133 36.99 -14.56 -54.46
C THR D 133 36.17 -15.74 -53.94
N LEU D 134 35.20 -16.17 -54.72
CA LEU D 134 34.37 -17.29 -54.38
C LEU D 134 35.03 -18.59 -54.88
N PRO D 135 34.52 -19.74 -54.43
CA PRO D 135 35.16 -21.00 -54.84
C PRO D 135 35.16 -21.23 -56.37
N ASP D 136 34.20 -20.68 -57.08
CA ASP D 136 34.18 -20.81 -58.54
C ASP D 136 35.09 -19.83 -59.26
N GLY D 137 35.85 -19.01 -58.51
CA GLY D 137 36.77 -18.04 -59.08
C GLY D 137 36.19 -16.66 -59.34
N THR D 138 34.87 -16.53 -59.20
N THR D 138 34.87 -16.52 -59.30
CA THR D 138 34.21 -15.25 -59.42
CA THR D 138 34.27 -15.19 -59.54
C THR D 138 34.46 -14.32 -58.23
C THR D 138 34.53 -14.33 -58.31
N LYS D 139 34.31 -13.02 -58.45
CA LYS D 139 34.46 -12.04 -57.36
C LYS D 139 33.10 -11.55 -56.88
N THR D 140 32.93 -11.43 -55.56
CA THR D 140 31.69 -10.91 -55.04
C THR D 140 31.45 -9.44 -55.37
N LYS D 141 30.20 -9.08 -55.46
CA LYS D 141 29.81 -7.68 -55.47
C LYS D 141 29.67 -7.18 -54.04
N LYS D 142 29.86 -5.88 -53.85
CA LYS D 142 29.70 -5.29 -52.54
C LYS D 142 28.22 -5.20 -52.19
N ILE D 143 27.91 -5.60 -50.96
CA ILE D 143 26.56 -5.52 -50.43
C ILE D 143 26.12 -4.06 -50.58
N ASP D 144 24.90 -3.87 -51.08
CA ASP D 144 24.39 -2.54 -51.40
C ASP D 144 22.94 -2.42 -50.98
N SER D 145 22.24 -1.37 -51.41
CA SER D 145 20.88 -1.12 -50.95
C SER D 145 19.79 -1.76 -51.79
N THR D 146 20.16 -2.40 -52.89
CA THR D 146 19.20 -3.06 -53.74
C THR D 146 18.60 -4.28 -53.03
N TRP D 147 17.42 -4.68 -53.45
CA TRP D 147 16.77 -5.82 -52.86
C TRP D 147 17.61 -7.07 -52.99
N VAL D 148 18.13 -7.34 -54.18
CA VAL D 148 19.02 -8.52 -54.37
C VAL D 148 20.33 -8.41 -53.59
N GLY D 149 20.88 -7.21 -53.46
CA GLY D 149 22.25 -7.03 -52.96
C GLY D 149 22.39 -6.60 -51.50
N ARG D 150 21.26 -6.34 -50.83
CA ARG D 150 21.30 -5.95 -49.42
C ARG D 150 21.33 -7.14 -48.46
N ARG D 151 21.64 -6.87 -47.20
CA ARG D 151 21.50 -7.88 -46.17
C ARG D 151 20.05 -7.93 -45.74
N HIS D 152 19.49 -9.13 -45.71
CA HIS D 152 18.13 -9.35 -45.31
C HIS D 152 18.03 -9.84 -43.87
N LEU D 153 16.80 -9.77 -43.33
CA LEU D 153 16.52 -10.17 -41.97
C LEU D 153 15.35 -11.09 -42.02
N TYR D 154 15.59 -12.34 -41.62
CA TYR D 154 14.61 -13.40 -41.63
C TYR D 154 14.22 -13.85 -40.25
N LEU D 155 13.01 -14.40 -40.15
CA LEU D 155 12.55 -14.98 -38.91
C LEU D 155 12.02 -16.39 -39.17
N THR D 156 12.47 -17.35 -38.38
CA THR D 156 11.93 -18.70 -38.39
C THR D 156 11.49 -19.03 -36.97
N THR D 157 10.49 -19.91 -36.86
CA THR D 157 9.96 -20.24 -35.56
C THR D 157 9.83 -21.74 -35.39
N SER D 158 9.91 -22.19 -34.14
CA SER D 158 9.63 -23.56 -33.76
C SER D 158 8.65 -23.58 -32.60
N THR D 159 7.64 -24.41 -32.74
CA THR D 159 6.71 -24.69 -31.63
C THR D 159 6.77 -26.13 -31.17
N ASP D 160 7.80 -26.85 -31.58
CA ASP D 160 8.00 -28.23 -31.13
C ASP D 160 9.41 -28.43 -30.51
N ASP D 161 9.82 -27.43 -29.72
CA ASP D 161 11.00 -27.54 -28.89
C ASP D 161 12.24 -27.65 -29.80
N GLY D 162 12.16 -27.00 -30.96
CA GLY D 162 13.28 -26.90 -31.88
C GLY D 162 13.40 -28.09 -32.81
N ASP D 163 12.46 -29.03 -32.75
CA ASP D 163 12.51 -30.19 -33.65
C ASP D 163 12.42 -29.78 -35.12
N THR D 164 11.49 -28.88 -35.42
CA THR D 164 11.30 -28.36 -36.78
C THR D 164 11.10 -26.85 -36.73
N TRP D 165 11.33 -26.25 -37.90
CA TRP D 165 11.39 -24.81 -38.08
C TRP D 165 10.56 -24.41 -39.26
N THR D 166 9.83 -23.32 -39.13
CA THR D 166 9.12 -22.79 -40.30
C THR D 166 10.09 -22.32 -41.37
N LYS D 167 9.62 -22.32 -42.63
CA LYS D 167 10.38 -21.75 -43.70
C LYS D 167 10.63 -20.29 -43.30
N PRO D 168 11.89 -19.83 -43.33
CA PRO D 168 12.16 -18.50 -42.87
C PRO D 168 11.38 -17.43 -43.61
N VAL D 169 10.86 -16.49 -42.87
CA VAL D 169 10.09 -15.40 -43.43
C VAL D 169 10.92 -14.16 -43.49
N ASP D 170 10.96 -13.54 -44.66
CA ASP D 170 11.78 -12.36 -44.87
C ASP D 170 11.04 -11.17 -44.30
N MET D 171 11.60 -10.58 -43.24
CA MET D 171 10.99 -9.45 -42.57
C MET D 171 11.71 -8.16 -42.81
N THR D 172 12.63 -8.15 -43.78
CA THR D 172 13.47 -6.99 -44.01
C THR D 172 12.66 -5.70 -44.19
N LYS D 173 11.55 -5.77 -44.91
CA LYS D 173 10.80 -4.55 -45.26
C LYS D 173 10.12 -3.88 -44.08
N THR D 174 9.90 -4.61 -42.98
CA THR D 174 9.37 -4.00 -41.75
C THR D 174 10.34 -3.92 -40.61
N LEU D 175 11.38 -4.76 -40.58
CA LEU D 175 12.30 -4.76 -39.41
C LEU D 175 13.73 -4.35 -39.71
N THR D 176 13.98 -3.89 -40.92
CA THR D 176 15.21 -3.22 -41.24
C THR D 176 14.94 -1.86 -41.88
N PRO D 177 15.72 -0.84 -41.51
CA PRO D 177 15.46 0.46 -42.16
C PRO D 177 15.55 0.40 -43.69
N ASP D 178 14.61 1.04 -44.37
CA ASP D 178 14.64 1.14 -45.84
C ASP D 178 15.96 1.80 -46.25
N GLY D 179 16.57 1.31 -47.34
CA GLY D 179 17.79 1.91 -47.82
C GLY D 179 19.09 1.37 -47.26
N GLN D 180 19.01 0.62 -46.17
CA GLN D 180 20.22 0.06 -45.57
C GLN D 180 20.80 -1.05 -46.47
N ALA D 181 22.12 -1.14 -46.43
CA ALA D 181 22.88 -2.10 -47.20
C ALA D 181 23.32 -3.25 -46.24
N TRP D 182 24.47 -3.13 -45.59
CA TRP D 182 24.90 -4.13 -44.62
C TRP D 182 23.92 -4.13 -43.44
N ASP D 183 23.81 -5.27 -42.77
CA ASP D 183 22.98 -5.40 -41.59
C ASP D 183 23.43 -6.64 -40.82
N ALA D 184 23.09 -6.67 -39.55
CA ALA D 184 23.36 -7.83 -38.67
C ALA D 184 22.21 -7.90 -37.69
N VAL D 185 21.77 -9.12 -37.36
CA VAL D 185 21.02 -9.31 -36.15
C VAL D 185 21.92 -10.10 -35.20
N GLY D 186 21.87 -9.77 -33.93
CA GLY D 186 22.80 -10.33 -32.95
C GLY D 186 24.23 -10.24 -33.49
N PRO D 187 24.95 -11.35 -33.55
CA PRO D 187 24.47 -12.71 -33.24
C PRO D 187 24.56 -13.07 -31.77
N GLY D 188 23.76 -14.04 -31.36
CA GLY D 188 23.86 -14.59 -30.00
C GLY D 188 22.50 -14.90 -29.43
N ASN D 189 21.76 -13.89 -28.95
CA ASN D 189 20.44 -14.16 -28.38
C ASN D 189 19.66 -12.90 -28.19
N GLY D 190 18.37 -13.04 -28.14
CA GLY D 190 17.49 -12.01 -27.60
C GLY D 190 16.97 -12.42 -26.22
N ILE D 191 16.08 -11.59 -25.69
CA ILE D 191 15.58 -11.80 -24.33
C ILE D 191 14.08 -11.61 -24.25
N LYS D 192 13.52 -12.15 -23.18
CA LYS D 192 12.13 -11.87 -22.80
C LYS D 192 12.18 -11.03 -21.52
N LEU D 193 11.51 -9.88 -21.53
CA LEU D 193 11.49 -9.00 -20.36
C LEU D 193 10.52 -9.50 -19.29
N SER D 194 10.70 -9.00 -18.09
CA SER D 194 9.85 -9.36 -16.99
C SER D 194 8.39 -9.03 -17.30
N THR D 195 8.20 -7.98 -18.09
CA THR D 195 6.90 -7.52 -18.57
C THR D 195 6.41 -8.22 -19.85
N GLY D 196 7.20 -9.17 -20.38
CA GLY D 196 6.72 -10.06 -21.42
C GLY D 196 7.12 -9.76 -22.83
N GLU D 197 7.64 -8.57 -23.11
CA GLU D 197 8.08 -8.20 -24.46
C GLU D 197 9.35 -8.98 -24.79
N LEU D 198 9.56 -9.21 -26.09
CA LEU D 198 10.80 -9.80 -26.57
C LEU D 198 11.67 -8.70 -27.13
N VAL D 199 12.98 -8.76 -26.88
CA VAL D 199 13.90 -7.77 -27.40
C VAL D 199 15.08 -8.50 -28.04
N ILE D 200 15.26 -8.20 -29.33
CA ILE D 200 16.33 -8.75 -30.15
C ILE D 200 17.30 -7.63 -30.49
N PRO D 201 18.60 -7.82 -30.22
CA PRO D 201 19.58 -6.82 -30.61
C PRO D 201 19.93 -6.94 -32.08
N ALA D 202 20.03 -5.80 -32.75
CA ALA D 202 20.42 -5.75 -34.16
C ALA D 202 21.28 -4.51 -34.41
N GLN D 203 21.81 -4.40 -35.62
CA GLN D 203 22.62 -3.26 -35.98
C GLN D 203 21.77 -1.98 -35.91
N GLY D 204 22.24 -1.04 -35.08
CA GLY D 204 21.66 0.28 -34.98
C GLY D 204 20.26 0.32 -34.40
N ARG D 205 19.77 -0.78 -33.83
CA ARG D 205 18.39 -0.87 -33.39
C ARG D 205 18.10 -2.08 -32.55
N ASN D 206 17.03 -2.01 -31.78
CA ASN D 206 16.44 -3.21 -31.23
C ASN D 206 15.23 -3.61 -32.03
N ILE D 207 14.94 -4.90 -32.05
CA ILE D 207 13.76 -5.44 -32.67
C ILE D 207 12.88 -5.92 -31.50
N ILE D 208 11.67 -5.40 -31.41
CA ILE D 208 10.84 -5.59 -30.23
C ILE D 208 9.59 -6.38 -30.61
N GLY D 209 9.38 -7.48 -29.90
CA GLY D 209 8.24 -8.33 -30.12
C GLY D 209 7.21 -8.13 -29.02
N ARG D 210 5.97 -7.87 -29.43
CA ARG D 210 4.90 -7.64 -28.46
C ARG D 210 3.70 -8.51 -28.80
N GLY D 211 2.89 -8.78 -27.79
CA GLY D 211 1.71 -9.63 -27.94
C GLY D 211 1.75 -10.77 -26.96
N PRO D 212 0.67 -11.58 -26.91
CA PRO D 212 0.69 -12.81 -26.13
C PRO D 212 1.83 -13.73 -26.56
N SER D 213 2.33 -14.50 -25.61
CA SER D 213 3.38 -15.51 -25.89
C SER D 213 3.03 -16.34 -27.10
N GLY D 214 3.92 -16.43 -28.07
CA GLY D 214 3.72 -17.26 -29.25
C GLY D 214 2.88 -16.62 -30.35
N ASN D 215 2.40 -15.39 -30.14
CA ASN D 215 1.59 -14.67 -31.14
C ASN D 215 2.03 -13.20 -31.21
N ARG D 216 3.24 -13.03 -31.66
CA ARG D 216 3.94 -11.76 -31.56
C ARG D 216 3.88 -10.99 -32.83
N THR D 217 3.96 -9.68 -32.70
CA THR D 217 4.12 -8.77 -33.80
C THR D 217 5.33 -7.91 -33.46
N TRP D 218 6.14 -7.64 -34.45
CA TRP D 218 7.47 -7.06 -34.22
C TRP D 218 7.59 -5.70 -34.79
N SER D 219 8.35 -4.85 -34.13
CA SER D 219 8.64 -3.49 -34.58
C SER D 219 10.09 -3.17 -34.35
N MET D 220 10.56 -2.04 -34.87
CA MET D 220 11.91 -1.55 -34.62
C MET D 220 11.96 -0.45 -33.57
N GLN D 221 13.03 -0.49 -32.77
CA GLN D 221 13.42 0.62 -31.91
C GLN D 221 14.76 1.11 -32.44
N ILE D 222 14.75 2.19 -33.21
CA ILE D 222 15.97 2.75 -33.77
C ILE D 222 16.82 3.42 -32.70
N LEU D 223 18.12 3.12 -32.70
CA LEU D 223 19.02 3.60 -31.66
C LEU D 223 20.03 4.53 -32.29
N LYS D 224 20.50 5.47 -31.50
CA LYS D 224 21.58 6.36 -31.92
C LYS D 224 22.88 5.87 -31.35
N GLY D 225 23.87 5.63 -32.20
CA GLY D 225 25.21 5.27 -31.75
C GLY D 225 25.42 3.81 -31.35
N ALA D 226 24.42 2.96 -31.63
CA ALA D 226 24.55 1.53 -31.35
C ALA D 226 25.50 0.87 -32.34
N GLY D 227 26.06 -0.25 -31.94
CA GLY D 227 26.95 -1.02 -32.81
C GLY D 227 26.17 -1.91 -33.78
N SER D 228 26.93 -2.58 -34.65
CA SER D 228 26.38 -3.56 -35.55
C SER D 228 26.03 -4.87 -34.85
N GLU D 229 26.94 -5.35 -34.01
CA GLU D 229 26.73 -6.60 -33.26
C GLU D 229 26.50 -6.32 -31.81
N GLY D 230 25.24 -6.37 -31.42
CA GLY D 230 24.86 -6.01 -30.06
C GLY D 230 24.49 -7.18 -29.19
N THR D 231 24.53 -6.92 -27.88
CA THR D 231 23.92 -7.78 -26.91
C THR D 231 22.88 -6.98 -26.15
N ILE D 232 21.88 -7.70 -25.66
CA ILE D 232 20.82 -7.06 -24.90
C ILE D 232 20.63 -7.83 -23.61
N CYS D 233 20.36 -7.07 -22.55
CA CYS D 233 19.86 -7.71 -21.34
C CYS D 233 19.01 -6.76 -20.53
N GLN D 234 18.21 -7.34 -19.66
CA GLN D 234 17.40 -6.55 -18.74
C GLN D 234 18.17 -6.72 -17.41
N THR D 235 18.67 -5.61 -16.92
CA THR D 235 19.49 -5.64 -15.72
C THR D 235 18.58 -5.70 -14.51
N PRO D 236 19.15 -5.96 -13.31
CA PRO D 236 18.25 -6.21 -12.16
C PRO D 236 17.32 -5.04 -11.81
N ASP D 237 17.72 -3.81 -12.12
CA ASP D 237 16.87 -2.65 -11.91
C ASP D 237 15.65 -2.60 -12.87
N GLY D 238 15.61 -3.51 -13.83
CA GLY D 238 14.51 -3.59 -14.78
C GLY D 238 14.73 -2.85 -16.07
N LYS D 239 15.84 -2.11 -16.16
CA LYS D 239 16.18 -1.33 -17.34
C LYS D 239 16.81 -2.24 -18.41
N LEU D 240 16.80 -1.77 -19.65
CA LEU D 240 17.49 -2.44 -20.74
C LEU D 240 18.93 -1.97 -20.81
N MET D 241 19.80 -2.84 -21.33
CA MET D 241 21.18 -2.49 -21.56
C MET D 241 21.63 -3.09 -22.88
N ARG D 242 22.27 -2.26 -23.71
CA ARG D 242 22.94 -2.71 -24.90
C ARG D 242 24.42 -2.72 -24.59
N ASN D 243 25.06 -3.88 -24.78
CA ASN D 243 26.50 -3.96 -24.62
C ASN D 243 27.04 -4.49 -25.94
N ASP D 244 27.71 -3.60 -26.67
CA ASP D 244 27.92 -3.81 -28.11
C ASP D 244 29.39 -3.91 -28.43
N ARG D 245 29.64 -4.64 -29.51
CA ARG D 245 30.97 -4.72 -30.11
C ARG D 245 31.32 -3.32 -30.66
N PRO D 246 32.51 -2.83 -30.31
CA PRO D 246 32.91 -1.51 -30.84
C PRO D 246 33.36 -1.59 -32.29
N GLY D 247 33.37 -0.44 -32.98
CA GLY D 247 33.97 -0.34 -34.31
C GLY D 247 35.47 -0.51 -34.19
N PRO D 248 36.12 0.46 -33.55
CA PRO D 248 37.55 0.30 -33.27
C PRO D 248 37.81 -0.70 -32.15
N MET D 249 38.92 -1.43 -32.24
CA MET D 249 39.39 -2.24 -31.13
C MET D 249 39.58 -1.36 -29.90
N GLY D 250 39.28 -1.91 -28.72
CA GLY D 250 39.48 -1.20 -27.47
C GLY D 250 38.60 -1.70 -26.37
N HIS D 251 37.36 -1.25 -26.36
CA HIS D 251 36.43 -1.60 -25.28
C HIS D 251 35.00 -1.71 -25.76
N ARG D 252 34.21 -2.43 -24.96
CA ARG D 252 32.77 -2.56 -25.25
C ARG D 252 32.11 -1.19 -25.18
N SER D 253 31.06 -1.01 -25.97
CA SER D 253 30.32 0.23 -26.04
C SER D 253 28.93 -0.07 -25.47
N VAL D 254 28.52 0.70 -24.46
CA VAL D 254 27.36 0.35 -23.63
C VAL D 254 26.40 1.52 -23.51
N ALA D 255 25.12 1.19 -23.55
CA ALA D 255 24.06 2.18 -23.31
C ALA D 255 22.96 1.51 -22.48
N ARG D 256 22.21 2.32 -21.74
CA ARG D 256 21.15 1.84 -20.87
C ARG D 256 19.90 2.68 -21.07
N GLY D 257 18.76 2.06 -20.81
CA GLY D 257 17.48 2.75 -20.97
C GLY D 257 16.31 1.84 -20.80
N THR D 258 15.28 2.08 -21.59
CA THR D 258 14.03 1.32 -21.51
C THR D 258 13.51 1.09 -22.93
N LEU D 259 12.34 0.45 -23.03
CA LEU D 259 11.66 0.32 -24.34
C LEU D 259 11.28 1.68 -24.95
N ALA D 260 11.27 2.74 -24.14
CA ALA D 260 10.99 4.09 -24.64
C ALA D 260 12.23 4.75 -25.24
N GLY D 261 13.41 4.18 -25.05
CA GLY D 261 14.65 4.73 -25.61
C GLY D 261 15.87 4.42 -24.78
N LEU D 262 17.03 4.37 -25.42
CA LEU D 262 18.29 4.24 -24.71
C LEU D 262 19.01 5.59 -24.66
N GLY D 263 19.78 5.77 -23.60
CA GLY D 263 20.70 6.89 -23.48
C GLY D 263 21.88 6.73 -24.42
N PRO D 264 22.88 7.63 -24.32
CA PRO D 264 24.03 7.54 -25.19
C PRO D 264 24.89 6.29 -24.95
N PHE D 265 25.46 5.77 -26.02
CA PHE D 265 26.49 4.75 -25.90
C PHE D 265 27.78 5.40 -25.48
N ALA D 266 28.48 4.79 -24.55
CA ALA D 266 29.80 5.21 -24.17
C ALA D 266 30.70 4.01 -23.95
N THR D 267 31.99 4.20 -24.16
CA THR D 267 32.94 3.11 -24.00
C THR D 267 32.98 2.72 -22.53
N ASP D 268 33.12 1.42 -22.27
CA ASP D 268 33.19 0.90 -20.91
C ASP D 268 34.61 0.44 -20.68
N ASN D 269 35.39 1.26 -19.96
CA ASN D 269 36.82 0.98 -19.82
C ASN D 269 37.12 -0.25 -18.96
N GLY D 270 36.12 -0.75 -18.24
CA GLY D 270 36.28 -2.00 -17.53
C GLY D 270 36.16 -3.27 -18.38
N LEU D 271 35.76 -3.13 -19.65
CA LEU D 271 35.52 -4.29 -20.48
C LEU D 271 36.29 -4.17 -21.79
N PRO D 272 37.59 -4.46 -21.75
CA PRO D 272 38.36 -4.44 -22.97
C PRO D 272 37.80 -5.46 -23.98
N ASP D 273 37.96 -5.14 -25.25
CA ASP D 273 37.39 -5.95 -26.32
C ASP D 273 38.16 -5.64 -27.58
N PRO D 274 38.45 -6.66 -28.40
CA PRO D 274 39.26 -6.49 -29.60
C PRO D 274 38.45 -6.26 -30.88
N ALA D 275 37.30 -5.57 -30.75
CA ALA D 275 36.28 -5.48 -31.81
C ALA D 275 35.86 -6.88 -32.23
N CYS D 276 35.19 -7.55 -31.30
CA CYS D 276 34.68 -8.90 -31.52
C CYS D 276 33.35 -9.03 -30.81
N GLN D 277 32.56 -10.00 -31.27
CA GLN D 277 31.27 -10.24 -30.65
C GLN D 277 31.51 -10.68 -29.20
N GLY D 278 30.54 -10.39 -28.33
CA GLY D 278 30.53 -10.87 -26.97
C GLY D 278 29.14 -11.38 -26.64
N SER D 279 28.97 -11.88 -25.43
CA SER D 279 27.68 -12.38 -24.98
C SER D 279 27.38 -12.00 -23.54
N ILE D 280 26.10 -11.99 -23.19
CA ILE D 280 25.69 -11.50 -21.87
C ILE D 280 24.44 -12.26 -21.49
N LEU D 281 24.27 -12.46 -20.18
CA LEU D 281 23.18 -13.26 -19.68
C LEU D 281 22.72 -12.75 -18.31
N SER D 282 21.42 -12.49 -18.21
CA SER D 282 20.82 -12.28 -16.89
C SER D 282 20.65 -13.64 -16.25
N TYR D 283 21.50 -13.94 -15.27
CA TYR D 283 21.53 -15.27 -14.68
C TYR D 283 20.37 -15.47 -13.70
N ASN D 284 20.18 -14.48 -12.84
CA ASN D 284 19.07 -14.54 -11.87
C ASN D 284 18.75 -13.14 -11.40
N SER D 285 17.48 -12.93 -11.07
CA SER D 285 16.98 -11.63 -10.62
C SER D 285 16.77 -11.58 -9.10
N ASP D 286 16.69 -12.74 -8.44
CA ASP D 286 16.63 -12.82 -6.99
C ASP D 286 18.00 -12.57 -6.32
N GLU D 287 18.02 -12.49 -5.00
CA GLU D 287 19.21 -12.05 -4.28
C GLU D 287 20.28 -13.15 -4.19
N PRO D 288 21.55 -12.83 -4.47
CA PRO D 288 22.00 -11.60 -5.11
C PRO D 288 21.87 -11.70 -6.65
N ALA D 289 21.35 -10.66 -7.27
CA ALA D 289 21.11 -10.64 -8.73
C ALA D 289 22.44 -10.62 -9.47
N ARG D 290 22.55 -11.40 -10.54
CA ARG D 290 23.79 -11.54 -11.26
C ARG D 290 23.58 -11.39 -12.74
N THR D 291 24.45 -10.59 -13.34
CA THR D 291 24.61 -10.51 -14.81
C THR D 291 25.94 -11.17 -15.17
N ILE D 292 25.94 -12.05 -16.18
CA ILE D 292 27.17 -12.72 -16.63
C ILE D 292 27.56 -12.14 -17.98
N PHE D 293 28.85 -11.88 -18.18
CA PHE D 293 29.35 -11.36 -19.44
C PHE D 293 30.54 -12.21 -19.90
N MET D 294 30.62 -12.45 -21.20
CA MET D 294 31.71 -13.20 -21.81
C MET D 294 32.20 -12.52 -23.07
N ASN D 295 33.52 -12.39 -23.21
CA ASN D 295 34.13 -11.84 -24.41
C ASN D 295 35.61 -12.15 -24.32
N SER D 296 36.37 -11.68 -25.30
CA SER D 296 37.83 -11.74 -25.20
C SER D 296 38.30 -10.47 -24.51
N ALA D 297 38.80 -10.62 -23.29
CA ALA D 297 39.16 -9.50 -22.45
C ALA D 297 40.55 -8.98 -22.82
N SER D 298 40.61 -8.32 -23.97
CA SER D 298 41.86 -7.85 -24.58
C SER D 298 41.50 -6.79 -25.59
N THR D 299 42.36 -5.79 -25.73
CA THR D 299 42.16 -4.78 -26.74
C THR D 299 42.62 -5.22 -28.11
N ASP D 300 43.29 -6.37 -28.23
CA ASP D 300 43.87 -6.72 -29.53
C ASP D 300 43.84 -8.18 -29.96
N ARG D 301 43.49 -9.11 -29.08
CA ARG D 301 43.32 -10.49 -29.53
C ARG D 301 42.03 -11.14 -29.03
N ARG D 302 41.64 -12.21 -29.73
CA ARG D 302 40.43 -12.98 -29.39
C ARG D 302 40.67 -14.19 -28.48
N THR D 303 41.93 -14.42 -28.10
CA THR D 303 42.33 -15.61 -27.34
C THR D 303 42.43 -15.35 -25.82
N ALA D 304 41.75 -14.32 -25.34
CA ALA D 304 41.72 -13.99 -23.93
C ALA D 304 40.31 -14.10 -23.35
N MET D 305 39.64 -15.19 -23.65
CA MET D 305 38.22 -15.34 -23.23
C MET D 305 38.08 -15.27 -21.72
N ARG D 306 37.12 -14.48 -21.25
CA ARG D 306 36.94 -14.22 -19.85
C ARG D 306 35.43 -14.22 -19.59
N VAL D 307 35.00 -14.92 -18.55
CA VAL D 307 33.63 -14.84 -18.10
C VAL D 307 33.61 -14.10 -16.78
N ARG D 308 32.66 -13.18 -16.63
CA ARG D 308 32.63 -12.27 -15.48
C ARG D 308 31.21 -12.17 -14.92
N ILE D 309 31.13 -11.81 -13.63
CA ILE D 309 29.85 -11.53 -12.98
C ILE D 309 29.75 -10.06 -12.58
N SER D 310 28.58 -9.46 -12.76
CA SER D 310 28.26 -8.19 -12.14
C SER D 310 27.12 -8.39 -11.16
N TYR D 311 27.27 -7.80 -9.96
CA TYR D 311 26.22 -7.78 -8.95
C TYR D 311 25.46 -6.44 -8.93
N ASP D 312 25.84 -5.52 -9.80
CA ASP D 312 25.25 -4.18 -9.81
C ASP D 312 23.84 -4.21 -10.41
N LYS D 313 22.95 -3.36 -9.89
CA LYS D 313 21.59 -3.30 -10.38
C LYS D 313 21.51 -2.82 -11.83
N ASP D 314 22.54 -2.11 -12.28
CA ASP D 314 22.64 -1.63 -13.65
C ASP D 314 23.83 -2.27 -14.38
N ALA D 315 24.40 -3.32 -13.80
CA ALA D 315 25.57 -4.00 -14.32
C ALA D 315 26.74 -3.05 -14.65
N ALA D 316 26.93 -2.00 -13.85
CA ALA D 316 27.95 -0.99 -14.14
C ALA D 316 29.34 -1.62 -14.15
N LYS D 317 29.59 -2.50 -13.17
CA LYS D 317 30.92 -3.06 -12.97
C LYS D 317 30.89 -4.57 -12.90
N PHE D 318 31.78 -5.20 -13.65
CA PHE D 318 32.00 -6.64 -13.59
C PHE D 318 33.29 -6.94 -12.86
N ASN D 319 33.35 -8.12 -12.28
CA ASN D 319 34.56 -8.57 -11.61
C ASN D 319 35.59 -9.04 -12.65
N PHE D 320 36.79 -9.39 -12.18
CA PHE D 320 37.79 -9.98 -13.06
C PHE D 320 37.23 -11.24 -13.69
N GLY D 321 36.59 -12.04 -12.84
CA GLY D 321 35.95 -13.28 -13.23
C GLY D 321 36.96 -14.40 -13.42
N ARG D 322 36.87 -15.11 -14.54
CA ARG D 322 37.76 -16.20 -14.79
C ARG D 322 38.10 -16.36 -16.25
N GLU D 323 39.37 -16.61 -16.51
CA GLU D 323 39.87 -16.87 -17.86
C GLU D 323 39.52 -18.31 -18.23
N LEU D 324 38.93 -18.48 -19.42
CA LEU D 324 38.56 -19.82 -19.84
C LEU D 324 39.79 -20.73 -20.01
N LYS D 325 40.95 -20.15 -20.24
CA LYS D 325 42.17 -20.97 -20.35
C LYS D 325 42.51 -21.73 -19.06
N ASP D 326 41.89 -21.35 -17.94
CA ASP D 326 42.01 -22.12 -16.70
C ASP D 326 41.41 -23.54 -16.83
N ALA D 327 40.55 -23.76 -17.82
CA ALA D 327 40.05 -25.08 -18.12
C ALA D 327 40.19 -25.34 -19.59
N PRO D 328 41.45 -25.46 -20.05
CA PRO D 328 41.74 -25.54 -21.46
C PRO D 328 41.35 -26.87 -22.05
N LEU D 329 41.12 -26.86 -23.36
CA LEU D 329 40.71 -28.04 -24.03
C LEU D 329 41.75 -28.31 -25.11
N GLY D 330 42.26 -29.53 -25.15
CA GLY D 330 43.23 -29.89 -26.15
C GLY D 330 42.48 -30.34 -27.40
N ASN D 331 43.18 -30.35 -28.52
CA ASN D 331 42.67 -30.93 -29.74
C ASN D 331 41.47 -30.21 -30.37
N VAL D 332 41.39 -28.89 -30.15
CA VAL D 332 40.38 -28.05 -30.78
C VAL D 332 40.92 -26.74 -31.36
N GLY D 333 42.24 -26.60 -31.51
CA GLY D 333 42.81 -25.33 -31.95
C GLY D 333 42.90 -24.30 -30.83
N ASN D 334 43.03 -23.04 -31.24
CA ASN D 334 43.22 -21.92 -30.31
C ASN D 334 41.86 -21.34 -29.98
N GLU D 335 41.42 -21.55 -28.75
CA GLU D 335 40.06 -21.13 -28.32
C GLU D 335 39.97 -19.63 -28.20
N GLY D 336 38.88 -19.07 -28.75
CA GLY D 336 38.56 -17.70 -28.58
C GLY D 336 37.87 -17.11 -29.79
N GLY D 337 36.91 -16.22 -29.51
CA GLY D 337 36.17 -15.56 -30.58
C GLY D 337 34.75 -15.26 -30.12
N TYR D 338 33.80 -15.43 -31.02
CA TYR D 338 32.38 -15.17 -30.69
C TYR D 338 31.92 -16.20 -29.68
N SER D 339 30.89 -15.87 -28.88
CA SER D 339 30.40 -16.74 -27.86
C SER D 339 28.91 -16.55 -27.65
N SER D 340 28.32 -17.50 -26.93
CA SER D 340 26.91 -17.40 -26.55
C SER D 340 26.70 -18.16 -25.25
N MET D 341 25.88 -17.61 -24.36
CA MET D 341 25.60 -18.24 -23.09
C MET D 341 24.13 -18.43 -22.81
N THR D 342 23.82 -19.53 -22.13
CA THR D 342 22.49 -19.78 -21.56
C THR D 342 22.65 -20.33 -20.12
N LYS D 343 21.54 -20.31 -19.38
CA LYS D 343 21.52 -20.98 -18.08
C LYS D 343 20.86 -22.35 -18.28
N THR D 344 21.43 -23.41 -17.73
CA THR D 344 20.87 -24.74 -17.84
C THR D 344 19.95 -25.06 -16.66
N SER D 345 19.14 -26.09 -16.79
CA SER D 345 18.20 -26.47 -15.72
C SER D 345 18.89 -26.85 -14.44
N ASP D 346 20.11 -27.39 -14.54
CA ASP D 346 20.91 -27.78 -13.36
C ASP D 346 21.87 -26.65 -12.89
N TYR D 347 21.45 -25.41 -13.02
CA TYR D 347 22.16 -24.26 -12.47
C TYR D 347 23.63 -24.20 -12.89
N LYS D 348 23.84 -24.34 -14.19
CA LYS D 348 25.12 -24.07 -14.79
C LYS D 348 24.96 -22.98 -15.84
N ILE D 349 26.08 -22.35 -16.17
CA ILE D 349 26.19 -21.53 -17.36
C ILE D 349 26.66 -22.47 -18.44
N GLY D 350 25.93 -22.49 -19.56
CA GLY D 350 26.38 -23.25 -20.75
C GLY D 350 26.82 -22.21 -21.80
N ALA D 351 28.04 -22.34 -22.32
CA ALA D 351 28.58 -21.37 -23.22
C ALA D 351 29.11 -22.05 -24.47
N LEU D 352 28.77 -21.50 -25.63
CA LEU D 352 29.44 -21.90 -26.83
C LEU D 352 30.53 -20.89 -27.10
N VAL D 353 31.71 -21.36 -27.49
CA VAL D 353 32.87 -20.52 -27.77
C VAL D 353 33.58 -20.99 -29.03
N GLU D 354 33.84 -20.07 -29.92
CA GLU D 354 34.62 -20.34 -31.14
C GLU D 354 36.04 -20.72 -30.79
N SER D 355 36.61 -21.54 -31.67
CA SER D 355 38.02 -21.93 -31.63
C SER D 355 38.54 -22.03 -33.06
N ASP D 356 39.85 -21.73 -33.25
CA ASP D 356 40.43 -21.56 -34.57
C ASP D 356 41.68 -22.42 -34.65
N TRP D 357 41.71 -23.34 -35.59
CA TRP D 357 42.90 -24.19 -35.77
C TRP D 357 44.09 -23.40 -36.32
N TYR D 358 43.79 -22.29 -36.98
CA TYR D 358 44.78 -21.28 -37.36
C TYR D 358 45.83 -21.83 -38.33
N GLU D 359 45.46 -22.81 -39.14
CA GLU D 359 46.46 -23.48 -40.01
C GLU D 359 47.05 -22.59 -41.12
N ASP D 360 46.25 -21.62 -41.55
CA ASP D 360 46.48 -20.76 -42.71
C ASP D 360 46.58 -19.38 -42.08
N LYS D 361 46.85 -19.34 -40.75
CA LYS D 361 46.89 -18.08 -40.00
C LYS D 361 45.51 -17.40 -40.15
N GLY D 362 45.51 -16.11 -40.50
CA GLY D 362 44.30 -15.35 -40.77
C GLY D 362 43.64 -15.66 -42.10
N GLY D 363 44.24 -16.54 -42.90
CA GLY D 363 43.67 -16.91 -44.20
C GLY D 363 42.37 -17.71 -44.12
N GLU D 364 41.69 -17.80 -45.27
CA GLU D 364 40.36 -18.40 -45.33
C GLU D 364 40.30 -19.92 -45.15
N LYS D 365 41.46 -20.58 -45.26
CA LYS D 365 41.53 -22.03 -45.12
C LYS D 365 41.64 -22.52 -43.67
N SER D 366 41.87 -21.63 -42.71
CA SER D 366 41.99 -22.06 -41.32
C SER D 366 40.63 -22.59 -40.81
N HIS D 367 40.61 -23.82 -40.30
CA HIS D 367 39.36 -24.47 -39.86
C HIS D 367 38.93 -23.97 -38.52
N ARG D 368 37.61 -23.77 -38.39
CA ARG D 368 37.05 -23.23 -37.17
C ARG D 368 36.05 -24.20 -36.58
N CYS D 369 36.11 -24.39 -35.26
CA CYS D 369 35.17 -25.26 -34.58
C CYS D 369 34.55 -24.52 -33.38
N ILE D 370 33.59 -25.14 -32.73
CA ILE D 370 32.89 -24.51 -31.62
C ILE D 370 32.86 -25.45 -30.40
N ILE D 371 33.29 -24.90 -29.27
CA ILE D 371 33.39 -25.60 -28.00
C ILE D 371 32.14 -25.35 -27.17
N TRP D 372 31.63 -26.41 -26.53
CA TRP D 372 30.58 -26.24 -25.50
C TRP D 372 31.21 -26.39 -24.10
N ARG D 373 31.02 -25.37 -23.29
CA ARG D 373 31.46 -25.34 -21.90
C ARG D 373 30.28 -25.27 -20.98
N ARG D 374 30.34 -25.99 -19.85
CA ARG D 374 29.42 -25.72 -18.74
C ARG D 374 30.25 -25.48 -17.50
N PHE D 375 29.80 -24.54 -16.69
CA PHE D 375 30.48 -24.20 -15.44
C PHE D 375 29.48 -23.62 -14.49
N ASN D 376 29.75 -23.73 -13.19
CA ASN D 376 28.86 -23.14 -12.22
C ASN D 376 29.40 -21.82 -11.78
N LEU D 377 28.58 -21.10 -11.01
CA LEU D 377 28.97 -19.78 -10.50
C LEU D 377 30.27 -19.90 -9.71
N SER D 378 30.36 -20.95 -8.89
CA SER D 378 31.55 -21.20 -8.06
C SER D 378 32.84 -21.23 -8.89
N TRP D 379 32.81 -21.90 -10.04
CA TRP D 379 33.96 -21.91 -10.94
C TRP D 379 34.40 -20.50 -11.31
N ILE D 380 33.43 -19.60 -11.55
CA ILE D 380 33.78 -18.23 -11.87
C ILE D 380 34.29 -17.53 -10.61
N ILE D 381 33.47 -17.55 -9.57
CA ILE D 381 33.71 -16.80 -8.33
C ILE D 381 35.10 -17.12 -7.74
N ASN D 382 35.46 -18.40 -7.72
CA ASN D 382 36.72 -18.84 -7.10
C ASN D 382 37.91 -18.88 -8.06
N GLY D 383 37.81 -18.21 -9.20
CA GLY D 383 38.94 -18.07 -10.10
C GLY D 383 40.10 -17.43 -9.38
N PRO D 384 41.34 -17.83 -9.74
CA PRO D 384 42.52 -17.38 -9.01
C PRO D 384 42.62 -15.85 -8.90
N ASN D 385 42.14 -15.11 -9.90
CA ASN D 385 42.32 -13.66 -9.94
C ASN D 385 41.09 -12.82 -9.62
N ASN D 386 40.10 -13.50 -9.06
CA ASN D 386 38.82 -12.93 -8.69
C ASN D 386 38.73 -12.86 -7.17
P PO4 E . -17.10 5.19 48.16
O1 PO4 E . -18.45 5.58 47.64
O2 PO4 E . -17.17 3.80 48.80
O3 PO4 E . -16.65 6.25 49.16
O4 PO4 E . -16.07 5.10 47.04
P PO4 F . -47.66 14.52 26.20
O1 PO4 F . -48.94 15.26 25.90
O2 PO4 F . -47.72 14.07 27.65
O3 PO4 F . -46.41 15.37 25.89
O4 PO4 F . -47.63 13.30 25.33
NA NA G . -18.21 7.84 47.83
C1 FKD H . -33.69 15.89 37.84
F1 FKD H . -31.95 14.93 39.74
C2 FKD H . -32.36 16.54 38.18
C3 FKD H . -31.32 15.54 38.75
C4 FKD H . -30.06 16.26 39.23
O4 FKD H . -29.15 15.35 39.87
C5 FKD H . -30.45 17.41 40.18
O5 FKD H . -29.28 18.14 40.54
C6 FKD H . -31.42 18.36 39.44
O6 FKD H . -32.56 17.65 39.03
C7 FKD H . -31.98 19.45 40.37
O7 FKD H . -32.69 18.77 41.37
C8 FKD H . -32.93 20.41 39.62
O8 FKD H . -32.20 21.02 38.58
C9 FKD H . -33.57 21.44 40.54
O9 FKD H . -32.54 22.20 41.17
O1A FKD H . -34.64 16.69 37.70
O1B FKD H . -33.76 14.65 37.66
P PO4 I . 22.06 -18.69 38.97
O1 PO4 I . 22.33 -17.41 39.77
O2 PO4 I . 21.27 -19.72 39.72
O3 PO4 I . 21.23 -18.20 37.83
O4 PO4 I . 23.35 -19.29 38.43
P PO4 J . -8.04 -9.20 16.89
O1 PO4 J . -9.29 -8.39 16.59
O2 PO4 J . -8.05 -9.62 18.35
O3 PO4 J . -6.77 -8.44 16.49
O4 PO4 J . -8.03 -10.47 16.09
NA NA K . 21.12 -15.67 38.43
C1 FKD L . 5.98 -7.74 28.22
F1 FKD L . 7.69 -8.62 30.08
C2 FKD L . 7.28 -7.05 28.50
C3 FKD L . 8.32 -8.02 29.06
C4 FKD L . 9.57 -7.25 29.53
O4 FKD L . 10.46 -8.16 30.17
C5 FKD L . 9.18 -6.10 30.45
O5 FKD L . 10.35 -5.37 30.81
C6 FKD L . 8.21 -5.17 29.72
O6 FKD L . 7.08 -5.91 29.31
C7 FKD L . 7.67 -4.09 30.63
O7 FKD L . 6.96 -4.74 31.68
C8 FKD L . 6.73 -3.16 29.86
O8 FKD L . 7.49 -2.54 28.83
C9 FKD L . 6.12 -2.02 30.67
O9 FKD L . 7.08 -1.33 31.44
O1A FKD L . 5.00 -6.94 28.14
O1B FKD L . 5.91 -8.99 28.04
P PO4 M . -21.23 -3.99 -39.20
O1 PO4 M . -21.94 -3.03 -40.15
O2 PO4 M . -22.26 -4.69 -38.35
O3 PO4 M . -20.46 -5.03 -40.02
O4 PO4 M . -20.22 -3.33 -38.32
P PO4 N . 6.54 11.76 -17.07
O1 PO4 N . 5.14 12.27 -16.76
O2 PO4 N . 7.51 12.94 -16.92
O3 PO4 N . 6.66 11.14 -18.45
O4 PO4 N . 6.90 10.72 -16.05
NA NA O . -20.79 -1.22 -38.55
C1 FKD P . -7.65 9.92 -28.26
F1 FKD P . -9.13 8.75 -30.29
C2 FKD P . -9.12 10.25 -28.56
C3 FKD P . -9.85 9.13 -29.19
C4 FKD P . -11.26 9.57 -29.57
O4 FKD P . -11.88 8.51 -30.25
C5 FKD P . -11.23 10.83 -30.44
O5 FKD P . -12.57 11.29 -30.73
C6 FKD P . -10.47 11.93 -29.68
O6 FKD P . -9.19 11.43 -29.29
C7 FKD P . -10.23 13.13 -30.56
O7 FKD P . -9.35 12.78 -31.68
C8 FKD P . -9.57 14.24 -29.79
O8 FKD P . -10.45 14.69 -28.76
C9 FKD P . -9.21 15.39 -30.72
O9 FKD P . -10.41 15.91 -31.25
O1A FKD P . -6.88 10.88 -28.14
O1B FKD P . -7.22 8.74 -28.15
P PO4 Q . 24.39 -26.55 -49.76
O1 PO4 Q . 23.38 -25.55 -50.30
O2 PO4 Q . 23.74 -27.86 -49.34
O3 PO4 Q . 25.12 -25.94 -48.61
O4 PO4 Q . 25.39 -26.99 -50.82
P PO4 R . 47.08 -8.55 -24.68
O1 PO4 R . 45.63 -8.30 -24.33
O2 PO4 R . 47.92 -7.43 -24.16
O3 PO4 R . 47.20 -8.70 -26.19
O4 PO4 R . 47.43 -9.81 -23.92
NA NA S . 23.61 -23.55 -48.98
C1 FKD T . 34.04 -11.41 -36.98
F1 FKD T . 32.89 -12.73 -39.18
C2 FKD T . 32.57 -11.33 -37.36
C3 FKD T . 32.06 -12.55 -38.12
C4 FKD T . 30.62 -12.29 -38.59
O4 FKD T . 30.23 -13.37 -39.40
C5 FKD T . 30.52 -10.99 -39.38
O5 FKD T . 29.18 -10.67 -39.73
C6 FKD T . 31.05 -9.83 -38.52
O6 FKD T . 32.32 -10.08 -37.98
C7 FKD T . 31.20 -8.50 -39.31
O7 FKD T . 32.19 -8.68 -40.34
C8 FKD T . 31.67 -7.39 -38.37
O8 FKD T . 30.71 -7.13 -37.33
C9 FKD T . 31.86 -6.03 -39.06
O9 FKD T . 30.71 -5.72 -39.86
O1A FKD T . 34.64 -10.31 -36.73
O1B FKD T . 34.58 -12.55 -36.92
#